data_7MJ5
#
_entry.id   7MJ5
#
_cell.length_a   113.350
_cell.length_b   136.320
_cell.length_c   193.950
_cell.angle_alpha   90.000
_cell.angle_beta   90.000
_cell.angle_gamma   90.000
#
_symmetry.space_group_name_H-M   'P 21 21 21'
#
loop_
_entity.id
_entity.type
_entity.pdbx_description
1 polymer 'Putative secreted salivary protein'
2 polymer 'Thrombin light chain'
3 polymer 'Thrombin heavy chain'
4 non-polymer 2-acetamido-2-deoxy-beta-D-glucopyranose
5 non-polymer 'SODIUM ION'
6 water water
#
loop_
_entity_poly.entity_id
_entity_poly.type
_entity_poly.pdbx_seq_one_letter_code
_entity_poly.pdbx_strand_id
1 'polypeptide(L)' KPVEAEVAQPKLYQRGEGGNGMEPIPEDVLNEALNA A,N,O,P,Q,R
2 'polypeptide(L)' TFGSGEADCGLRPLFEKKSLEDKTERELLESYIDGR L,B,D,F,I,K
3 'polypeptide(L)'
;IVEGSDAEIGMSPWQVMLFRKSPQELLCGASLISDRWVLTAAHCLLYPPWDKNFTENDLLVRIGKHSRTRYERNIEKISM
LEKIYIHPRYNWRENLDRDIALMKLKKPVAFSDYIHPVCLPDRETAASLLQAGYKGRVTGWGNLKETWTANVGKGQPSVL
QVVNLPIVERPVCKDSTRIRITDNMFCAGYKPDEGKRGDACEGDSGGPFVMKSPFNNRWYQMGIVSWGEGCDRDGKYGFY
THVFRLKKWIQKVIDQFGE
;
H,C,E,G,J,M
#
loop_
_chem_comp.id
_chem_comp.type
_chem_comp.name
_chem_comp.formula
NA non-polymer 'SODIUM ION' 'Na 1'
NAG D-saccharide, beta linking 2-acetamido-2-deoxy-beta-D-glucopyranose 'C8 H15 N O6'
#
# COMPACT_ATOMS: atom_id res chain seq x y z
N ALA A 5 5.29 3.32 0.71
CA ALA A 5 4.93 1.91 0.53
C ALA A 5 6.17 1.03 0.54
N GLU A 6 6.14 -0.02 1.35
CA GLU A 6 7.28 -0.92 1.45
C GLU A 6 7.38 -1.79 0.20
N VAL A 7 8.61 -2.24 -0.09
CA VAL A 7 8.94 -2.93 -1.32
C VAL A 7 9.25 -4.39 -1.01
N ALA A 8 8.58 -5.30 -1.69
CA ALA A 8 8.83 -6.72 -1.52
C ALA A 8 10.21 -7.08 -2.04
N GLN A 9 10.94 -7.88 -1.26
CA GLN A 9 12.31 -8.26 -1.59
C GLN A 9 12.34 -9.68 -2.12
N PRO A 10 12.79 -9.91 -3.35
CA PRO A 10 12.81 -11.27 -3.87
C PRO A 10 13.82 -12.13 -3.12
N LYS A 11 13.55 -13.43 -3.08
CA LYS A 11 14.43 -14.40 -2.42
C LYS A 11 15.59 -14.77 -3.36
N LEU A 12 16.29 -13.73 -3.80
CA LEU A 12 17.33 -13.80 -4.82
C LEU A 12 18.65 -13.35 -4.22
N TYR A 13 19.73 -14.10 -4.47
CA TYR A 13 21.04 -13.70 -3.98
C TYR A 13 21.42 -12.31 -4.51
N GLN A 14 22.05 -11.51 -3.66
CA GLN A 14 22.50 -10.18 -4.06
C GLN A 14 24.00 -9.99 -3.94
N ARG A 15 24.73 -10.93 -3.35
CA ARG A 15 26.15 -10.74 -3.03
C ARG A 15 27.04 -11.82 -3.66
N GLY A 16 26.63 -12.39 -4.78
CA GLY A 16 27.46 -13.35 -5.49
C GLY A 16 27.46 -14.77 -4.97
N GLU A 17 26.55 -15.12 -4.05
CA GLU A 17 26.59 -16.44 -3.42
C GLU A 17 26.34 -17.57 -4.43
N GLY A 18 25.67 -17.28 -5.55
CA GLY A 18 25.43 -18.30 -6.55
C GLY A 18 26.69 -18.91 -7.14
N GLY A 19 27.83 -18.21 -7.06
CA GLY A 19 29.08 -18.76 -7.53
C GLY A 19 29.84 -19.60 -6.53
N ASN A 20 29.40 -19.69 -5.29
CA ASN A 20 30.19 -20.33 -4.24
C ASN A 20 30.42 -21.80 -4.53
N GLY A 21 31.68 -22.18 -4.69
CA GLY A 21 32.06 -23.57 -4.86
C GLY A 21 31.56 -24.20 -6.15
N MET A 22 31.07 -23.36 -7.05
CA MET A 22 30.45 -23.85 -8.29
C MET A 22 31.52 -24.39 -9.24
N GLU A 23 31.37 -25.66 -9.64
CA GLU A 23 32.33 -26.25 -10.57
C GLU A 23 31.97 -25.88 -12.02
N PRO A 24 32.99 -25.69 -12.86
CA PRO A 24 32.69 -25.33 -14.27
C PRO A 24 32.06 -26.49 -15.02
N ILE A 25 31.12 -26.15 -15.89
CA ILE A 25 30.59 -27.13 -16.84
C ILE A 25 31.65 -27.42 -17.90
N PRO A 26 31.94 -28.68 -18.20
CA PRO A 26 33.01 -28.99 -19.17
C PRO A 26 32.72 -28.38 -20.54
N GLU A 27 33.78 -28.03 -21.24
CA GLU A 27 33.64 -27.35 -22.52
C GLU A 27 32.96 -28.23 -23.56
N ASP A 28 33.24 -29.54 -23.54
CA ASP A 28 32.57 -30.44 -24.48
C ASP A 28 31.06 -30.46 -24.25
N VAL A 29 30.62 -30.35 -22.99
CA VAL A 29 29.20 -30.29 -22.70
C VAL A 29 28.62 -28.94 -23.13
N LEU A 30 29.35 -27.85 -22.87
CA LEU A 30 28.87 -26.53 -23.26
C LEU A 30 28.77 -26.39 -24.77
N ASN A 31 29.75 -26.94 -25.50
CA ASN A 31 29.73 -26.83 -26.96
C ASN A 31 28.66 -27.71 -27.57
N GLU A 32 28.38 -28.87 -26.96
CA GLU A 32 27.31 -29.73 -27.45
C GLU A 32 25.97 -29.01 -27.39
N ALA A 33 25.70 -28.31 -26.28
CA ALA A 33 24.45 -27.58 -26.15
C ALA A 33 24.36 -26.44 -27.16
N LEU A 34 25.49 -25.83 -27.50
CA LEU A 34 25.53 -24.67 -28.40
C LEU A 34 25.39 -25.04 -29.87
N ASN A 35 25.21 -26.32 -30.19
CA ASN A 35 25.15 -26.73 -31.59
C ASN A 35 23.90 -27.56 -31.88
N GLU B 6 1.16 -32.40 -21.41
CA GLU B 6 1.57 -33.78 -21.57
C GLU B 6 0.86 -34.68 -20.56
N ALA B 7 0.15 -35.69 -21.06
CA ALA B 7 -0.63 -36.59 -20.24
C ALA B 7 0.21 -37.40 -19.25
N ASP B 8 1.54 -37.32 -19.33
CA ASP B 8 2.41 -38.04 -18.42
C ASP B 8 3.02 -37.15 -17.33
N CYS B 9 2.63 -35.88 -17.28
CA CYS B 9 3.19 -34.95 -16.32
C CYS B 9 2.88 -35.38 -14.88
N GLY B 10 3.72 -34.95 -13.96
CA GLY B 10 3.45 -35.08 -12.54
C GLY B 10 3.57 -36.48 -11.97
N LEU B 11 3.96 -37.48 -12.76
CA LEU B 11 4.18 -38.84 -12.28
C LEU B 11 5.67 -39.13 -12.37
N ARG B 12 6.30 -39.33 -11.21
CA ARG B 12 7.75 -39.42 -11.16
C ARG B 12 8.22 -40.83 -11.55
N PRO B 13 9.20 -40.94 -12.45
CA PRO B 13 9.66 -42.28 -12.85
C PRO B 13 10.13 -43.14 -11.69
N LEU B 14 10.80 -42.56 -10.71
CA LEU B 14 11.35 -43.35 -9.61
C LEU B 14 10.39 -43.48 -8.43
N PHE B 15 9.16 -42.99 -8.55
CA PHE B 15 8.22 -43.09 -7.43
C PHE B 15 6.85 -43.56 -7.90
N GLU B 16 6.00 -42.64 -8.37
CA GLU B 16 4.65 -43.05 -8.78
C GLU B 16 4.68 -44.13 -9.85
N LYS B 17 5.60 -44.01 -10.83
CA LYS B 17 5.64 -45.00 -11.89
C LYS B 17 6.12 -46.37 -11.41
N LYS B 18 6.77 -46.43 -10.23
CA LYS B 18 7.19 -47.67 -9.61
C LYS B 18 6.33 -48.04 -8.41
N SER B 19 5.25 -47.31 -8.15
CA SER B 19 4.40 -47.51 -6.98
C SER B 19 5.20 -47.39 -5.69
N LEU B 20 6.15 -46.45 -5.68
CA LEU B 20 6.96 -46.16 -4.49
C LEU B 20 6.63 -44.76 -4.00
N GLU B 21 6.58 -44.60 -2.68
CA GLU B 21 6.38 -43.29 -2.06
C GLU B 21 7.71 -42.75 -1.55
N ASP B 22 7.87 -41.43 -1.64
CA ASP B 22 9.05 -40.82 -1.05
C ASP B 22 8.86 -40.68 0.46
N LYS B 23 9.91 -40.21 1.13
CA LYS B 23 9.98 -40.26 2.59
C LYS B 23 9.07 -39.26 3.30
N THR B 24 8.62 -38.19 2.63
CA THR B 24 7.80 -37.21 3.32
C THR B 24 6.44 -36.93 2.67
N GLU B 25 6.11 -37.58 1.55
CA GLU B 25 4.87 -37.23 0.87
C GLU B 25 3.64 -37.62 1.68
N ARG B 26 3.77 -38.56 2.63
CA ARG B 26 2.65 -38.91 3.49
C ARG B 26 2.19 -37.72 4.32
N GLU B 27 3.10 -36.80 4.63
CA GLU B 27 2.73 -35.60 5.39
C GLU B 27 1.84 -34.68 4.55
N LEU B 28 2.05 -34.66 3.23
CA LEU B 28 1.16 -33.91 2.36
C LEU B 28 -0.23 -34.54 2.31
N LEU B 29 -0.29 -35.85 2.08
CA LEU B 29 -1.57 -36.54 2.02
C LEU B 29 -2.29 -36.47 3.36
N GLU B 30 -1.55 -36.53 4.46
CA GLU B 30 -2.17 -36.40 5.78
C GLU B 30 -2.79 -35.02 5.98
N SER B 31 -2.22 -33.98 5.36
CA SER B 31 -2.78 -32.64 5.53
C SER B 31 -4.14 -32.50 4.84
N TYR B 32 -4.41 -33.32 3.82
CA TYR B 32 -5.74 -33.33 3.24
C TYR B 32 -6.77 -33.91 4.20
N ILE B 33 -6.35 -34.81 5.09
CA ILE B 33 -7.25 -35.40 6.06
C ILE B 33 -7.41 -34.52 7.28
N ASP B 34 -6.30 -34.00 7.82
CA ASP B 34 -6.30 -33.33 9.11
C ASP B 34 -6.05 -31.83 9.05
N GLY B 35 -5.58 -31.30 7.92
CA GLY B 35 -5.19 -29.89 7.82
C GLY B 35 -6.32 -28.89 7.62
N ILE C 1 16.56 -23.31 1.40
CA ILE C 1 15.48 -23.93 2.17
C ILE C 1 15.88 -24.03 3.66
N VAL C 2 15.06 -23.45 4.53
CA VAL C 2 15.26 -23.53 5.97
C VAL C 2 14.45 -24.70 6.51
N GLU C 3 15.07 -25.51 7.38
CA GLU C 3 14.38 -26.60 8.08
C GLU C 3 13.90 -27.67 7.11
N GLY C 4 14.61 -27.87 6.01
CA GLY C 4 14.33 -28.93 5.08
C GLY C 4 15.25 -30.12 5.28
N SER C 5 15.31 -30.97 4.26
CA SER C 5 16.19 -32.12 4.26
C SER C 5 16.67 -32.37 2.83
N ASP C 6 17.71 -33.19 2.72
CA ASP C 6 18.20 -33.60 1.40
C ASP C 6 17.08 -34.26 0.61
N ALA C 7 16.88 -33.81 -0.62
CA ALA C 7 15.98 -34.53 -1.52
C ALA C 7 16.47 -35.96 -1.73
N GLU C 8 15.52 -36.87 -1.91
CA GLU C 8 15.85 -38.19 -2.43
C GLU C 8 16.14 -38.08 -3.93
N ILE C 9 16.89 -39.06 -4.43
CA ILE C 9 17.20 -39.11 -5.86
C ILE C 9 15.91 -39.20 -6.67
N GLY C 10 15.76 -38.31 -7.64
CA GLY C 10 14.57 -38.30 -8.48
C GLY C 10 13.31 -37.82 -7.80
N MET C 11 13.41 -37.24 -6.60
CA MET C 11 12.23 -36.82 -5.85
C MET C 11 11.55 -35.62 -6.49
N SER C 12 12.30 -34.79 -7.21
CA SER C 12 11.79 -33.56 -7.81
C SER C 12 12.32 -33.44 -9.23
N PRO C 13 11.94 -34.36 -10.12
CA PRO C 13 12.60 -34.43 -11.43
C PRO C 13 12.26 -33.28 -12.35
N TRP C 14 11.33 -32.41 -11.95
CA TRP C 14 11.02 -31.18 -12.67
C TRP C 14 11.85 -30.00 -12.20
N GLN C 15 12.67 -30.17 -11.16
CA GLN C 15 13.47 -29.06 -10.65
C GLN C 15 14.52 -28.66 -11.68
N VAL C 16 14.61 -27.36 -11.95
CA VAL C 16 15.56 -26.81 -12.90
C VAL C 16 16.45 -25.81 -12.19
N MET C 17 17.73 -25.82 -12.51
CA MET C 17 18.66 -24.79 -12.05
C MET C 17 18.89 -23.80 -13.18
N LEU C 18 18.47 -22.56 -13.00
CA LEU C 18 18.77 -21.49 -13.94
C LEU C 18 20.20 -21.01 -13.67
N PHE C 19 21.03 -21.05 -14.69
CA PHE C 19 22.48 -20.96 -14.52
C PHE C 19 23.03 -19.86 -15.41
N ARG C 20 23.88 -19.02 -14.83
CA ARG C 20 24.55 -17.98 -15.59
C ARG C 20 25.80 -18.53 -16.27
N LYS C 21 25.96 -18.22 -17.55
CA LYS C 21 27.05 -18.82 -18.34
C LYS C 21 28.40 -18.30 -17.90
N SER C 22 28.56 -16.99 -17.79
CA SER C 22 29.81 -16.35 -17.39
C SER C 22 29.52 -15.12 -16.57
N PRO C 23 30.00 -15.04 -15.31
CA PRO C 23 30.64 -16.12 -14.57
C PRO C 23 29.66 -17.26 -14.28
N GLN C 24 30.17 -18.47 -14.06
CA GLN C 24 29.33 -19.64 -13.84
C GLN C 24 28.72 -19.55 -12.44
N GLU C 25 27.41 -19.31 -12.37
CA GLU C 25 26.74 -19.05 -11.11
C GLU C 25 25.34 -19.63 -11.14
N LEU C 26 24.92 -20.21 -10.02
CA LEU C 26 23.51 -20.46 -9.82
C LEU C 26 22.78 -19.12 -9.83
N LEU C 27 21.74 -19.03 -10.64
CA LEU C 27 20.93 -17.81 -10.64
C LEU C 27 19.63 -17.99 -9.86
N CYS C 28 18.87 -19.03 -10.17
CA CYS C 28 17.55 -19.21 -9.60
C CYS C 28 17.16 -20.67 -9.70
N GLY C 29 16.12 -21.03 -8.97
CA GLY C 29 15.40 -22.24 -9.26
C GLY C 29 14.45 -22.02 -10.41
N ALA C 30 13.94 -23.13 -10.94
CA ALA C 30 12.94 -23.09 -12.01
C ALA C 30 12.31 -24.48 -12.07
N SER C 31 11.36 -24.66 -12.99
CA SER C 31 10.65 -25.93 -13.09
C SER C 31 10.38 -26.26 -14.54
N LEU C 32 10.48 -27.55 -14.87
CA LEU C 32 10.22 -28.05 -16.21
C LEU C 32 8.74 -28.40 -16.33
N ILE C 33 8.04 -27.78 -17.28
CA ILE C 33 6.62 -28.03 -17.47
C ILE C 33 6.31 -28.76 -18.77
N SER C 34 7.30 -28.95 -19.64
CA SER C 34 7.18 -29.75 -20.84
C SER C 34 8.61 -30.01 -21.33
N ASP C 35 8.73 -30.65 -22.49
CA ASP C 35 10.08 -30.94 -22.99
C ASP C 35 10.82 -29.70 -23.48
N ARG C 36 10.16 -28.54 -23.54
CA ARG C 36 10.88 -27.36 -24.03
C ARG C 36 10.46 -26.05 -23.34
N TRP C 37 9.68 -26.10 -22.26
CA TRP C 37 9.28 -24.88 -21.54
C TRP C 37 9.66 -25.01 -20.07
N VAL C 38 10.20 -23.93 -19.53
CA VAL C 38 10.64 -23.87 -18.14
C VAL C 38 10.01 -22.65 -17.48
N LEU C 39 9.49 -22.82 -16.28
CA LEU C 39 8.84 -21.78 -15.51
C LEU C 39 9.77 -21.26 -14.43
N THR C 40 9.82 -19.94 -14.24
CA THR C 40 10.62 -19.36 -13.18
C THR C 40 9.98 -18.03 -12.76
N ALA C 41 10.67 -17.29 -11.89
CA ALA C 41 10.21 -15.99 -11.44
C ALA C 41 10.75 -14.89 -12.34
N ALA C 42 9.92 -13.86 -12.58
CA ALA C 42 10.34 -12.75 -13.42
C ALA C 42 11.58 -12.07 -12.88
N HIS C 43 11.68 -11.92 -11.55
CA HIS C 43 12.80 -11.19 -10.97
C HIS C 43 14.13 -11.90 -11.17
N CYS C 44 14.11 -13.18 -11.54
CA CYS C 44 15.35 -13.87 -11.90
C CYS C 44 15.95 -13.32 -13.18
N LEU C 45 15.10 -12.84 -14.11
CA LEU C 45 15.57 -12.31 -15.38
C LEU C 45 15.62 -10.80 -15.40
N LEU C 46 14.72 -10.14 -14.68
CA LEU C 46 14.60 -8.69 -14.73
C LEU C 46 14.30 -8.18 -13.32
N TYR C 47 15.27 -7.52 -12.70
CA TYR C 47 15.06 -6.88 -11.40
C TYR C 47 15.83 -5.57 -11.38
N PRO C 48 15.21 -4.48 -11.84
CA PRO C 48 15.90 -3.18 -11.97
C PRO C 48 16.43 -2.63 -10.64
N PRO C 49 15.76 -2.83 -9.50
CA PRO C 49 16.31 -2.24 -8.26
C PRO C 49 17.73 -2.69 -7.95
N TRP C 50 18.12 -3.89 -8.39
CA TRP C 50 19.49 -4.38 -8.26
C TRP C 50 20.20 -4.42 -9.62
N ASP C 51 19.67 -3.70 -10.61
CA ASP C 51 20.30 -3.61 -11.93
C ASP C 51 20.48 -4.98 -12.58
N LYS C 52 19.50 -5.87 -12.40
CA LYS C 52 19.54 -7.21 -12.97
C LYS C 52 18.74 -7.24 -14.27
N ASN C 53 19.38 -7.72 -15.34
CA ASN C 53 18.69 -7.88 -16.62
C ASN C 53 19.46 -8.95 -17.42
N PHE C 54 18.91 -10.16 -17.47
CA PHE C 54 19.49 -11.25 -18.24
C PHE C 54 18.59 -11.56 -19.44
N THR C 55 19.21 -11.77 -20.61
CA THR C 55 18.50 -12.25 -21.78
C THR C 55 18.97 -13.67 -22.13
N GLU C 56 18.43 -14.19 -23.23
CA GLU C 56 18.52 -15.62 -23.52
C GLU C 56 19.95 -16.10 -23.64
N ASN C 57 20.82 -15.29 -24.25
CA ASN C 57 22.20 -15.71 -24.46
C ASN C 57 23.04 -15.67 -23.19
N ASP C 58 22.53 -15.08 -22.10
CA ASP C 58 23.31 -15.04 -20.86
C ASP C 58 23.20 -16.30 -20.03
N LEU C 59 22.15 -17.10 -20.22
CA LEU C 59 21.81 -18.15 -19.26
C LEU C 59 21.68 -19.50 -19.95
N LEU C 60 21.61 -20.53 -19.11
CA LEU C 60 21.27 -21.88 -19.53
C LEU C 60 20.53 -22.53 -18.38
N VAL C 61 19.87 -23.65 -18.67
CA VAL C 61 19.17 -24.42 -17.65
C VAL C 61 19.89 -25.75 -17.48
N ARG C 62 19.95 -26.21 -16.24
CA ARG C 62 20.50 -27.51 -15.89
C ARG C 62 19.39 -28.32 -15.25
N ILE C 63 19.09 -29.47 -15.84
CA ILE C 63 17.94 -30.28 -15.46
C ILE C 63 18.43 -31.64 -15.00
N GLY C 64 17.74 -32.21 -14.02
CA GLY C 64 18.14 -33.48 -13.46
C GLY C 64 19.22 -33.38 -12.40
N LYS C 65 19.42 -32.20 -11.82
CA LYS C 65 20.52 -32.00 -10.88
C LYS C 65 20.12 -32.39 -9.46
N HIS C 66 21.14 -32.69 -8.66
CA HIS C 66 20.99 -33.01 -7.26
C HIS C 66 22.02 -32.21 -6.47
N SER C 67 23.30 -32.44 -6.77
CA SER C 67 24.36 -31.62 -6.22
C SER C 67 24.19 -30.16 -6.64
N ARG C 68 24.45 -29.26 -5.68
CA ARG C 68 24.40 -27.83 -6.00
C ARG C 68 25.58 -27.42 -6.87
N THR C 69 26.73 -28.05 -6.67
CA THR C 69 27.99 -27.53 -7.19
C THR C 69 28.64 -28.40 -8.26
N ARG C 70 28.46 -29.71 -8.22
CA ARG C 70 29.16 -30.59 -9.14
C ARG C 70 28.47 -30.61 -10.50
N TYR C 71 29.27 -30.77 -11.54
CA TYR C 71 28.70 -31.14 -12.82
C TYR C 71 28.42 -32.64 -12.81
N GLU C 72 27.15 -33.01 -12.95
CA GLU C 72 26.72 -34.38 -12.67
C GLU C 72 26.69 -35.18 -13.98
N ARG C 73 27.86 -35.70 -14.35
CA ARG C 73 28.06 -36.44 -15.58
C ARG C 73 27.06 -37.57 -15.74
N ASN C 74 26.51 -37.70 -16.94
CA ASN C 74 25.58 -38.76 -17.34
C ASN C 74 24.28 -38.71 -16.56
N ILE C 75 23.99 -37.60 -15.89
CA ILE C 75 22.73 -37.45 -15.17
C ILE C 75 22.05 -36.15 -15.57
N GLU C 76 22.69 -35.03 -15.30
CA GLU C 76 22.08 -33.75 -15.64
C GLU C 76 22.22 -33.47 -17.14
N LYS C 77 21.25 -32.73 -17.66
CA LYS C 77 21.28 -32.26 -19.03
C LYS C 77 21.15 -30.74 -19.02
N ILE C 78 21.90 -30.08 -19.91
CA ILE C 78 21.88 -28.63 -19.99
C ILE C 78 21.30 -28.23 -21.34
N SER C 79 20.61 -27.11 -21.36
CA SER C 79 20.03 -26.58 -22.58
C SER C 79 20.20 -25.07 -22.62
N MET C 80 20.44 -24.54 -23.81
CA MET C 80 20.41 -23.12 -24.03
C MET C 80 18.97 -22.65 -24.20
N LEU C 81 18.76 -21.35 -24.07
CA LEU C 81 17.43 -20.75 -24.18
C LEU C 81 17.24 -20.16 -25.57
N GLU C 82 16.02 -20.33 -26.10
CA GLU C 82 15.65 -19.67 -27.34
C GLU C 82 15.00 -18.31 -27.09
N LYS C 83 14.04 -18.25 -26.17
CA LYS C 83 13.36 -17.00 -25.89
C LYS C 83 12.93 -16.95 -24.43
N ILE C 84 12.93 -15.75 -23.89
CA ILE C 84 12.48 -15.46 -22.53
C ILE C 84 11.20 -14.65 -22.64
N TYR C 85 10.21 -14.95 -21.78
CA TYR C 85 8.95 -14.22 -21.75
C TYR C 85 8.64 -13.82 -20.31
N ILE C 86 8.66 -12.51 -20.05
CA ILE C 86 8.33 -11.98 -18.73
C ILE C 86 6.91 -11.44 -18.77
N HIS C 87 6.16 -11.67 -17.70
CA HIS C 87 4.77 -11.21 -17.67
C HIS C 87 4.72 -9.71 -17.91
N PRO C 88 3.87 -9.24 -18.83
CA PRO C 88 3.89 -7.81 -19.17
C PRO C 88 3.50 -6.88 -18.03
N ARG C 89 2.83 -7.38 -16.99
CA ARG C 89 2.39 -6.52 -15.90
C ARG C 89 3.08 -6.89 -14.59
N TYR C 90 4.27 -7.47 -14.71
CA TYR C 90 5.13 -7.76 -13.57
C TYR C 90 5.48 -6.46 -12.85
N ASN C 91 5.23 -6.42 -11.54
CA ASN C 91 5.34 -5.19 -10.76
C ASN C 91 6.53 -5.30 -9.82
N TRP C 92 7.74 -5.06 -10.35
CA TRP C 92 8.91 -5.11 -9.48
C TRP C 92 8.99 -3.90 -8.56
N ARG C 93 8.28 -2.81 -8.89
CA ARG C 93 8.41 -1.56 -8.16
C ARG C 93 7.88 -1.67 -6.75
N GLU C 94 6.87 -2.51 -6.52
CA GLU C 94 6.19 -2.49 -5.24
C GLU C 94 6.13 -3.85 -4.57
N ASN C 95 5.31 -4.77 -5.11
CA ASN C 95 5.01 -6.00 -4.39
C ASN C 95 5.31 -7.27 -5.18
N LEU C 96 6.07 -7.17 -6.28
CA LEU C 96 6.39 -8.33 -7.11
C LEU C 96 5.13 -9.06 -7.60
N ASP C 97 4.09 -8.27 -7.86
CA ASP C 97 2.86 -8.82 -8.44
C ASP C 97 3.17 -9.43 -9.81
N ARG C 98 2.57 -10.59 -10.08
CA ARG C 98 2.77 -11.32 -11.34
C ARG C 98 4.25 -11.60 -11.60
N ASP C 99 4.94 -12.12 -10.57
CA ASP C 99 6.36 -12.45 -10.64
C ASP C 99 6.52 -13.81 -11.31
N ILE C 100 6.45 -13.81 -12.63
CA ILE C 100 6.47 -15.06 -13.40
C ILE C 100 7.14 -14.82 -14.74
N ALA C 101 7.87 -15.84 -15.20
CA ALA C 101 8.45 -15.79 -16.53
C ALA C 101 8.53 -17.20 -17.10
N LEU C 102 8.54 -17.27 -18.44
CA LEU C 102 8.65 -18.53 -19.17
C LEU C 102 9.91 -18.49 -20.03
N MET C 103 10.52 -19.66 -20.21
CA MET C 103 11.73 -19.79 -21.01
C MET C 103 11.56 -20.97 -21.96
N LYS C 104 11.68 -20.70 -23.26
CA LYS C 104 11.66 -21.77 -24.25
C LYS C 104 13.07 -22.28 -24.49
N LEU C 105 13.24 -23.60 -24.46
CA LEU C 105 14.54 -24.19 -24.68
C LEU C 105 14.86 -24.23 -26.18
N LYS C 106 16.15 -24.09 -26.50
CA LYS C 106 16.58 -24.18 -27.89
C LYS C 106 16.29 -25.56 -28.47
N LYS C 107 16.48 -26.60 -27.67
CA LYS C 107 16.27 -27.97 -28.09
C LYS C 107 15.50 -28.72 -27.00
N PRO C 108 14.51 -29.52 -27.38
CA PRO C 108 13.75 -30.27 -26.37
C PRO C 108 14.65 -31.21 -25.57
N VAL C 109 14.37 -31.33 -24.30
CA VAL C 109 15.12 -32.21 -23.42
C VAL C 109 14.45 -33.58 -23.42
N ALA C 110 15.26 -34.64 -23.37
CA ALA C 110 14.74 -36.00 -23.29
C ALA C 110 14.52 -36.36 -21.82
N PHE C 111 13.34 -36.88 -21.52
CA PHE C 111 13.03 -37.23 -20.14
C PHE C 111 13.83 -38.45 -19.71
N SER C 112 13.98 -38.61 -18.39
CA SER C 112 14.70 -39.75 -17.84
C SER C 112 14.15 -40.05 -16.46
N ASP C 113 14.84 -40.93 -15.72
CA ASP C 113 14.50 -41.17 -14.33
C ASP C 113 14.64 -39.92 -13.47
N TYR C 114 15.46 -38.96 -13.90
CA TYR C 114 15.77 -37.79 -13.13
C TYR C 114 15.22 -36.51 -13.73
N ILE C 115 14.60 -36.61 -14.91
CA ILE C 115 14.12 -35.46 -15.66
C ILE C 115 12.70 -35.77 -16.12
N HIS C 116 11.74 -34.99 -15.65
CA HIS C 116 10.34 -35.25 -15.95
C HIS C 116 9.51 -34.03 -15.60
N PRO C 117 8.55 -33.63 -16.44
CA PRO C 117 7.84 -32.38 -16.19
C PRO C 117 6.76 -32.52 -15.12
N VAL C 118 6.48 -31.38 -14.50
CA VAL C 118 5.40 -31.26 -13.52
C VAL C 118 4.13 -30.81 -14.24
N CYS C 119 2.98 -31.05 -13.62
CA CYS C 119 1.71 -30.61 -14.17
C CYS C 119 1.38 -29.20 -13.72
N LEU C 120 0.64 -28.49 -14.57
CA LEU C 120 0.05 -27.21 -14.20
C LEU C 120 -1.41 -27.40 -13.85
N PRO C 121 -1.92 -26.73 -12.82
CA PRO C 121 -3.30 -26.96 -12.39
C PRO C 121 -4.32 -26.30 -13.32
N ASP C 122 -5.49 -26.90 -13.38
CA ASP C 122 -6.66 -26.30 -13.99
C ASP C 122 -7.52 -25.68 -12.88
N ARG C 123 -8.73 -25.25 -13.24
CA ARG C 123 -9.53 -24.46 -12.30
C ARG C 123 -10.01 -25.29 -11.13
N GLU C 124 -10.49 -26.51 -11.37
CA GLU C 124 -10.98 -27.32 -10.27
C GLU C 124 -9.83 -27.86 -9.43
N THR C 125 -8.68 -28.15 -10.05
CA THR C 125 -7.52 -28.58 -9.28
C THR C 125 -7.05 -27.47 -8.35
N ALA C 126 -7.01 -26.24 -8.85
CA ALA C 126 -6.61 -25.11 -8.01
C ALA C 126 -7.62 -24.86 -6.90
N ALA C 127 -8.92 -24.89 -7.21
CA ALA C 127 -9.94 -24.74 -6.19
C ALA C 127 -9.86 -25.85 -5.15
N SER C 128 -9.45 -27.04 -5.56
CA SER C 128 -9.45 -28.19 -4.64
C SER C 128 -8.20 -28.20 -3.77
N LEU C 129 -7.03 -27.99 -4.36
CA LEU C 129 -5.77 -28.14 -3.63
C LEU C 129 -5.34 -26.88 -2.90
N LEU C 130 -5.48 -25.70 -3.50
CA LEU C 130 -4.98 -24.48 -2.87
C LEU C 130 -5.97 -24.02 -1.82
N GLN C 131 -5.87 -24.64 -0.64
CA GLN C 131 -6.73 -24.32 0.49
C GLN C 131 -5.88 -24.28 1.74
N ALA C 132 -6.20 -23.34 2.63
CA ALA C 132 -5.42 -23.17 3.85
C ALA C 132 -5.42 -24.45 4.68
N GLY C 133 -4.25 -24.81 5.21
CA GLY C 133 -4.07 -26.02 5.98
C GLY C 133 -3.51 -27.18 5.18
N TYR C 134 -3.82 -27.26 3.89
CA TYR C 134 -3.20 -28.23 3.02
C TYR C 134 -1.72 -27.87 2.84
N LYS C 135 -0.86 -28.89 2.81
CA LYS C 135 0.57 -28.65 2.69
C LYS C 135 1.03 -28.88 1.25
N GLY C 136 1.96 -28.05 0.81
CA GLY C 136 2.67 -28.27 -0.43
C GLY C 136 4.15 -28.45 -0.16
N ARG C 137 4.95 -28.55 -1.21
CA ARG C 137 6.38 -28.85 -1.08
C ARG C 137 7.20 -27.85 -1.87
N VAL C 138 8.25 -27.32 -1.25
CA VAL C 138 9.16 -26.37 -1.87
C VAL C 138 10.55 -26.98 -1.89
N THR C 139 11.26 -26.79 -3.01
CA THR C 139 12.59 -27.35 -3.23
C THR C 139 13.52 -26.26 -3.74
N GLY C 140 14.79 -26.32 -3.32
CA GLY C 140 15.76 -25.37 -3.83
C GLY C 140 17.14 -25.62 -3.26
N TRP C 141 18.11 -24.93 -3.85
CA TRP C 141 19.49 -24.96 -3.41
C TRP C 141 19.88 -23.71 -2.64
N GLY C 142 18.91 -22.93 -2.18
CA GLY C 142 19.17 -21.66 -1.53
C GLY C 142 19.65 -21.83 -0.10
N ASN C 143 19.70 -20.69 0.60
CA ASN C 143 20.30 -20.64 1.94
C ASN C 143 19.50 -21.47 2.93
N LEU C 144 20.23 -22.06 3.88
CA LEU C 144 19.66 -22.92 4.90
C LEU C 144 19.19 -22.14 6.12
N LYS C 145 19.54 -20.86 6.21
CA LYS C 145 19.24 -19.99 7.34
C LYS C 145 19.25 -18.55 6.83
N GLU C 146 18.47 -17.68 7.48
CA GLU C 146 18.56 -16.27 7.14
C GLU C 146 19.89 -15.70 7.60
N THR C 147 20.25 -15.94 8.85
CA THR C 147 21.47 -15.43 9.47
C THR C 147 22.33 -16.59 9.94
N TRP C 148 23.60 -16.27 10.25
CA TRP C 148 24.55 -17.33 10.60
C TRP C 148 24.31 -17.86 12.01
N THR C 149 24.00 -16.98 12.96
CA THR C 149 23.77 -17.40 14.34
C THR C 149 22.44 -18.12 14.54
N ALA C 150 21.65 -18.31 13.49
CA ALA C 150 20.34 -18.94 13.66
C ALA C 150 20.45 -20.45 13.86
N ASN C 151 21.50 -21.09 13.36
CA ASN C 151 21.80 -22.48 13.69
C ASN C 151 23.26 -22.76 13.38
N VAL C 152 23.69 -23.98 13.69
CA VAL C 152 25.11 -24.37 13.62
C VAL C 152 25.52 -24.90 12.26
N GLY C 153 24.57 -25.13 11.35
CA GLY C 153 24.89 -25.69 10.06
C GLY C 153 25.52 -24.70 9.10
N LYS C 154 25.78 -25.20 7.88
CA LYS C 154 26.40 -24.38 6.85
C LYS C 154 25.41 -23.38 6.28
N GLY C 155 25.92 -22.47 5.45
CA GLY C 155 25.07 -21.49 4.80
C GLY C 155 24.33 -22.04 3.61
N GLN C 156 25.02 -22.82 2.79
CA GLN C 156 24.43 -23.38 1.59
C GLN C 156 24.53 -24.90 1.59
N PRO C 157 23.55 -25.59 1.01
CA PRO C 157 23.57 -27.04 1.02
C PRO C 157 24.46 -27.59 -0.07
N SER C 158 24.92 -28.83 0.14
CA SER C 158 25.64 -29.49 -0.95
C SER C 158 24.69 -30.12 -1.95
N VAL C 159 23.44 -30.34 -1.55
CA VAL C 159 22.44 -31.11 -2.28
C VAL C 159 21.09 -30.40 -2.23
N LEU C 160 20.28 -30.62 -3.27
CA LEU C 160 18.91 -30.08 -3.33
C LEU C 160 18.14 -30.34 -2.04
N GLN C 161 17.43 -29.32 -1.56
CA GLN C 161 16.71 -29.38 -0.29
C GLN C 161 15.20 -29.35 -0.53
N VAL C 162 14.46 -29.96 0.39
CA VAL C 162 13.02 -30.10 0.30
C VAL C 162 12.40 -29.79 1.65
N VAL C 163 11.27 -29.09 1.63
CA VAL C 163 10.48 -28.88 2.85
C VAL C 163 9.01 -28.83 2.45
N ASN C 164 8.16 -29.36 3.33
CA ASN C 164 6.71 -29.30 3.18
C ASN C 164 6.18 -28.21 4.10
N LEU C 165 5.23 -27.41 3.58
CA LEU C 165 4.73 -26.23 4.28
C LEU C 165 3.23 -26.06 4.02
N PRO C 166 2.46 -25.66 5.03
CA PRO C 166 1.02 -25.48 4.85
C PRO C 166 0.67 -24.13 4.23
N ILE C 167 -0.35 -24.16 3.35
CA ILE C 167 -0.92 -22.93 2.83
C ILE C 167 -1.60 -22.15 3.96
N VAL C 168 -1.54 -20.83 3.89
CA VAL C 168 -2.00 -19.95 4.96
C VAL C 168 -3.26 -19.22 4.50
N GLU C 169 -4.18 -18.98 5.43
CA GLU C 169 -5.38 -18.19 5.14
C GLU C 169 -4.99 -16.82 4.61
N ARG C 170 -5.71 -16.36 3.58
CA ARG C 170 -5.41 -15.06 2.98
C ARG C 170 -5.45 -13.90 3.98
N PRO C 171 -6.40 -13.81 4.91
CA PRO C 171 -6.34 -12.69 5.88
C PRO C 171 -5.14 -12.77 6.81
N VAL C 172 -4.61 -13.97 7.06
CA VAL C 172 -3.39 -14.09 7.88
C VAL C 172 -2.17 -13.66 7.07
N CYS C 173 -2.10 -14.06 5.81
CA CYS C 173 -1.03 -13.56 4.93
C CYS C 173 -1.03 -12.04 4.90
N LYS C 174 -2.21 -11.44 4.72
CA LYS C 174 -2.32 -9.99 4.60
C LYS C 174 -1.91 -9.29 5.89
N ASP C 175 -2.33 -9.82 7.04
CA ASP C 175 -2.02 -9.17 8.30
C ASP C 175 -0.55 -9.36 8.70
N SER C 176 0.14 -10.29 8.07
CA SER C 176 1.52 -10.60 8.45
C SER C 176 2.52 -9.59 7.93
N THR C 177 2.12 -8.70 7.01
CA THR C 177 3.07 -7.84 6.32
C THR C 177 2.42 -6.50 6.02
N ARG C 178 3.24 -5.46 5.92
CA ARG C 178 2.76 -4.16 5.47
C ARG C 178 2.81 -4.02 3.96
N ILE C 179 3.39 -4.99 3.26
CA ILE C 179 3.39 -5.00 1.80
C ILE C 179 2.00 -5.33 1.30
N ARG C 180 1.60 -4.68 0.21
CA ARG C 180 0.26 -4.85 -0.36
C ARG C 180 0.20 -6.19 -1.10
N ILE C 181 -0.60 -7.12 -0.57
CA ILE C 181 -0.77 -8.45 -1.14
C ILE C 181 -1.84 -8.40 -2.23
N THR C 182 -1.66 -9.21 -3.28
CA THR C 182 -2.63 -9.30 -4.36
C THR C 182 -3.13 -10.73 -4.51
N ASP C 183 -4.16 -10.90 -5.33
CA ASP C 183 -4.71 -12.22 -5.59
C ASP C 183 -3.82 -13.08 -6.47
N ASN C 184 -2.72 -12.54 -6.98
CA ASN C 184 -1.77 -13.31 -7.78
C ASN C 184 -0.65 -13.89 -6.95
N MET C 185 -0.75 -13.84 -5.63
CA MET C 185 0.20 -14.50 -4.76
C MET C 185 -0.55 -15.22 -3.64
N PHE C 186 0.12 -16.20 -3.06
CA PHE C 186 -0.34 -16.81 -1.82
C PHE C 186 0.87 -16.99 -0.91
N CYS C 187 0.61 -17.24 0.36
CA CYS C 187 1.71 -17.43 1.30
C CYS C 187 1.55 -18.77 2.02
N ALA C 188 2.69 -19.31 2.46
CA ALA C 188 2.74 -20.63 3.08
C ALA C 188 3.77 -20.61 4.19
N GLY C 189 3.64 -21.55 5.10
CA GLY C 189 4.50 -21.65 6.27
C GLY C 189 3.69 -21.84 7.53
N TYR C 190 4.40 -22.16 8.60
CA TYR C 190 3.76 -22.42 9.89
C TYR C 190 3.61 -21.12 10.69
N LYS C 191 2.57 -21.08 11.51
CA LYS C 191 2.44 -20.04 12.51
C LYS C 191 3.23 -20.43 13.75
N PRO C 192 3.60 -19.45 14.58
CA PRO C 192 4.37 -19.78 15.79
C PRO C 192 3.72 -20.85 16.67
N ASP C 193 2.40 -20.78 16.87
CA ASP C 193 1.80 -21.78 17.76
C ASP C 193 1.72 -23.18 17.15
N GLU C 194 2.10 -23.35 15.88
CA GLU C 194 2.17 -24.69 15.31
C GLU C 194 3.49 -25.38 15.59
N GLY C 195 4.47 -24.67 16.16
CA GLY C 195 5.71 -25.29 16.59
C GLY C 195 6.71 -25.59 15.49
N LYS C 196 6.23 -26.14 14.38
CA LYS C 196 7.13 -26.50 13.30
C LYS C 196 7.60 -25.25 12.55
N ARG C 197 8.67 -25.42 11.77
CA ARG C 197 9.35 -24.32 11.11
C ARG C 197 9.61 -24.70 9.65
N GLY C 198 10.09 -23.74 8.89
CA GLY C 198 10.51 -23.98 7.52
C GLY C 198 10.09 -22.86 6.60
N ASP C 199 10.85 -22.69 5.52
CA ASP C 199 10.67 -21.56 4.61
C ASP C 199 11.59 -21.75 3.42
N ALA C 200 11.25 -21.07 2.33
CA ALA C 200 12.22 -20.82 1.28
C ALA C 200 13.08 -19.63 1.67
N CYS C 201 14.29 -19.57 1.12
CA CYS C 201 15.19 -18.48 1.45
C CYS C 201 15.91 -18.03 0.19
N GLU C 202 16.77 -17.02 0.38
CA GLU C 202 17.67 -16.49 -0.63
C GLU C 202 18.32 -17.60 -1.45
N GLY C 203 18.11 -17.57 -2.77
CA GLY C 203 18.61 -18.59 -3.65
C GLY C 203 17.58 -19.62 -4.07
N ASP C 204 16.45 -19.68 -3.37
CA ASP C 204 15.37 -20.59 -3.73
C ASP C 204 14.38 -19.98 -4.71
N SER C 205 14.45 -18.68 -4.97
CA SER C 205 13.41 -18.05 -5.78
C SER C 205 13.42 -18.62 -7.19
N GLY C 206 12.25 -18.60 -7.82
CA GLY C 206 12.06 -19.23 -9.11
C GLY C 206 11.67 -20.69 -9.05
N GLY C 207 11.92 -21.37 -7.95
CA GLY C 207 11.62 -22.78 -7.81
C GLY C 207 10.15 -23.02 -7.52
N PRO C 208 9.74 -24.29 -7.63
CA PRO C 208 8.32 -24.62 -7.57
C PRO C 208 7.81 -24.93 -6.17
N PHE C 209 6.57 -24.49 -5.91
CA PHE C 209 5.75 -24.94 -4.79
C PHE C 209 4.76 -25.94 -5.39
N VAL C 210 4.89 -27.22 -5.03
CA VAL C 210 4.10 -28.25 -5.68
C VAL C 210 3.20 -28.93 -4.67
N MET C 211 2.10 -29.46 -5.16
CA MET C 211 1.20 -30.28 -4.35
C MET C 211 0.83 -31.54 -5.10
N LYS C 212 0.64 -32.61 -4.34
CA LYS C 212 0.27 -33.90 -4.90
C LYS C 212 -1.24 -34.08 -4.80
N SER C 213 -1.88 -34.31 -5.93
CA SER C 213 -3.33 -34.46 -5.95
C SER C 213 -3.74 -35.74 -5.24
N PRO C 214 -4.59 -35.67 -4.20
CA PRO C 214 -5.08 -36.89 -3.56
C PRO C 214 -6.04 -37.69 -4.42
N PHE C 215 -6.34 -37.23 -5.64
CA PHE C 215 -7.37 -37.84 -6.45
C PHE C 215 -6.85 -38.48 -7.73
N ASN C 216 -5.67 -38.06 -8.22
CA ASN C 216 -5.11 -38.73 -9.39
C ASN C 216 -3.61 -39.00 -9.29
N ASN C 217 -2.99 -38.81 -8.12
CA ASN C 217 -1.61 -39.21 -7.80
C ASN C 217 -0.59 -38.26 -8.44
N ARG C 218 -1.02 -37.23 -9.17
CA ARG C 218 -0.09 -36.39 -9.92
C ARG C 218 0.33 -35.16 -9.11
N TRP C 219 1.52 -34.66 -9.42
CA TRP C 219 2.07 -33.46 -8.79
C TRP C 219 1.76 -32.23 -9.64
N TYR C 220 1.29 -31.17 -8.98
CA TYR C 220 0.89 -29.94 -9.65
C TYR C 220 1.69 -28.77 -9.09
N GLN C 221 2.24 -27.94 -9.97
CA GLN C 221 2.92 -26.73 -9.52
C GLN C 221 1.86 -25.66 -9.26
N MET C 222 1.68 -25.32 -7.98
CA MET C 222 0.73 -24.30 -7.57
C MET C 222 1.38 -22.93 -7.43
N GLY C 223 2.68 -22.89 -7.14
CA GLY C 223 3.34 -21.64 -6.82
C GLY C 223 4.76 -21.57 -7.31
N ILE C 224 5.29 -20.36 -7.31
CA ILE C 224 6.69 -20.06 -7.60
C ILE C 224 7.26 -19.27 -6.44
N VAL C 225 8.40 -19.72 -5.90
CA VAL C 225 9.05 -18.98 -4.82
C VAL C 225 9.32 -17.56 -5.30
N SER C 226 8.76 -16.58 -4.60
CA SER C 226 8.87 -15.19 -5.01
C SER C 226 9.62 -14.35 -3.98
N TRP C 227 9.02 -14.06 -2.82
CA TRP C 227 9.60 -13.08 -1.92
C TRP C 227 9.21 -13.40 -0.48
N GLY C 228 9.83 -12.66 0.43
CA GLY C 228 9.52 -12.77 1.85
C GLY C 228 10.26 -11.69 2.58
N GLU C 229 10.02 -11.63 3.88
CA GLU C 229 10.75 -10.72 4.77
C GLU C 229 11.63 -11.59 5.66
N GLY C 230 12.91 -11.68 5.31
CA GLY C 230 13.76 -12.64 5.97
C GLY C 230 13.32 -14.06 5.60
N CYS C 231 13.75 -15.02 6.42
CA CYS C 231 13.45 -16.42 6.21
C CYS C 231 13.14 -17.07 7.55
N ASP C 232 12.02 -17.79 7.62
CA ASP C 232 11.65 -18.57 8.80
C ASP C 232 11.56 -17.70 10.04
N ARG C 233 11.01 -16.48 9.89
CA ARG C 233 10.75 -15.60 11.00
C ARG C 233 9.36 -15.88 11.57
N ASP C 234 9.27 -15.89 12.91
CA ASP C 234 7.98 -16.02 13.57
C ASP C 234 7.02 -14.90 13.15
N GLY C 235 5.83 -15.28 12.71
CA GLY C 235 4.82 -14.32 12.31
C GLY C 235 4.90 -13.88 10.86
N LYS C 236 5.92 -14.32 10.13
CA LYS C 236 6.09 -14.04 8.71
C LYS C 236 5.90 -15.32 7.91
N TYR C 237 5.69 -15.15 6.61
CA TYR C 237 5.47 -16.28 5.72
C TYR C 237 6.19 -16.03 4.40
N GLY C 238 6.54 -17.11 3.71
CA GLY C 238 7.05 -16.99 2.36
C GLY C 238 5.89 -16.76 1.39
N PHE C 239 6.13 -15.94 0.38
CA PHE C 239 5.12 -15.62 -0.61
C PHE C 239 5.48 -16.25 -1.95
N TYR C 240 4.43 -16.66 -2.66
CA TYR C 240 4.56 -17.46 -3.87
C TYR C 240 3.67 -16.88 -4.96
N THR C 241 4.19 -16.83 -6.19
CA THR C 241 3.36 -16.48 -7.33
C THR C 241 2.30 -17.57 -7.51
N HIS C 242 1.04 -17.13 -7.66
CA HIS C 242 -0.12 -18.00 -7.76
C HIS C 242 -0.24 -18.45 -9.21
N VAL C 243 0.18 -19.70 -9.49
CA VAL C 243 0.39 -20.12 -10.88
C VAL C 243 -0.93 -20.17 -11.64
N PHE C 244 -1.98 -20.75 -11.04
CA PHE C 244 -3.23 -20.86 -11.79
C PHE C 244 -3.81 -19.50 -12.12
N ARG C 245 -3.68 -18.53 -11.21
CA ARG C 245 -4.20 -17.19 -11.49
C ARG C 245 -3.56 -16.56 -12.71
N LEU C 246 -2.40 -17.06 -13.14
CA LEU C 246 -1.71 -16.55 -14.31
C LEU C 246 -1.64 -17.58 -15.44
N LYS C 247 -2.46 -18.64 -15.37
CA LYS C 247 -2.34 -19.70 -16.37
C LYS C 247 -2.81 -19.25 -17.75
N LYS C 248 -3.75 -18.31 -17.81
CA LYS C 248 -4.22 -17.82 -19.10
C LYS C 248 -3.07 -17.19 -19.88
N TRP C 249 -2.23 -16.40 -19.20
CA TRP C 249 -1.04 -15.86 -19.85
C TRP C 249 -0.06 -16.97 -20.21
N ILE C 250 0.16 -17.92 -19.30
CA ILE C 250 1.04 -19.06 -19.59
C ILE C 250 0.60 -19.76 -20.87
N GLN C 251 -0.70 -20.05 -20.98
CA GLN C 251 -1.21 -20.75 -22.15
C GLN C 251 -1.08 -19.91 -23.41
N LYS C 252 -1.30 -18.60 -23.28
CA LYS C 252 -1.16 -17.71 -24.43
C LYS C 252 0.26 -17.77 -24.99
N VAL C 253 1.26 -17.70 -24.11
CA VAL C 253 2.65 -17.69 -24.56
C VAL C 253 2.98 -19.01 -25.24
N ILE C 254 2.62 -20.13 -24.61
CA ILE C 254 3.00 -21.44 -25.14
C ILE C 254 2.27 -21.73 -26.45
N ASP C 255 0.97 -21.42 -26.53
CA ASP C 255 0.22 -21.70 -27.74
C ASP C 255 0.68 -20.83 -28.91
N GLN C 256 1.24 -19.66 -28.64
CA GLN C 256 1.63 -18.73 -29.68
C GLN C 256 3.06 -18.93 -30.17
N PHE C 257 3.96 -19.36 -29.29
CA PHE C 257 5.37 -19.48 -29.64
C PHE C 257 5.87 -20.92 -29.54
N GLY D 5 -3.09 2.74 -42.75
CA GLY D 5 -2.11 1.74 -42.32
C GLY D 5 -2.36 1.19 -40.93
N GLU D 6 -3.13 0.10 -40.85
CA GLU D 6 -3.47 -0.48 -39.56
C GLU D 6 -2.30 -1.22 -38.92
N ALA D 7 -1.43 -1.83 -39.74
CA ALA D 7 -0.38 -2.68 -39.22
C ALA D 7 0.57 -1.92 -38.30
N ASP D 8 0.80 -0.64 -38.56
CA ASP D 8 1.74 0.16 -37.79
C ASP D 8 1.05 1.08 -36.78
N CYS D 9 -0.24 0.89 -36.54
CA CYS D 9 -0.99 1.82 -35.69
C CYS D 9 -0.42 1.87 -34.29
N GLY D 10 -0.59 3.03 -33.63
CA GLY D 10 -0.30 3.16 -32.22
C GLY D 10 1.16 3.26 -31.84
N LEU D 11 2.08 3.26 -32.79
CA LEU D 11 3.51 3.39 -32.51
C LEU D 11 3.97 4.76 -33.03
N ARG D 12 4.28 5.66 -32.12
CA ARG D 12 4.56 7.04 -32.50
C ARG D 12 5.98 7.16 -33.05
N PRO D 13 6.15 7.80 -34.22
CA PRO D 13 7.51 7.94 -34.78
C PRO D 13 8.50 8.61 -33.85
N LEU D 14 8.07 9.58 -33.05
CA LEU D 14 9.01 10.31 -32.22
C LEU D 14 9.15 9.74 -30.82
N PHE D 15 8.47 8.62 -30.51
CA PHE D 15 8.63 8.02 -29.19
C PHE D 15 8.89 6.51 -29.27
N GLU D 16 7.85 5.69 -29.39
CA GLU D 16 8.05 4.23 -29.42
C GLU D 16 9.05 3.84 -30.50
N LYS D 17 8.95 4.43 -31.69
CA LYS D 17 9.84 4.06 -32.77
C LYS D 17 11.27 4.52 -32.53
N LYS D 18 11.50 5.43 -31.60
CA LYS D 18 12.83 5.86 -31.22
C LYS D 18 13.24 5.36 -29.85
N SER D 19 12.42 4.51 -29.24
CA SER D 19 12.67 4.00 -27.88
C SER D 19 12.77 5.14 -26.88
N LEU D 20 11.92 6.16 -27.05
CA LEU D 20 11.82 7.27 -26.12
C LEU D 20 10.42 7.27 -25.51
N GLU D 21 10.33 7.65 -24.25
CA GLU D 21 9.06 7.75 -23.55
C GLU D 21 8.70 9.22 -23.37
N ASP D 22 7.40 9.52 -23.42
CA ASP D 22 7.01 10.89 -23.11
C ASP D 22 6.98 11.07 -21.59
N LYS D 23 6.74 12.31 -21.16
CA LYS D 23 6.96 12.67 -19.76
C LYS D 23 5.97 12.02 -18.80
N THR D 24 4.78 11.61 -19.27
CA THR D 24 3.75 11.14 -18.35
C THR D 24 3.17 9.77 -18.67
N GLU D 25 3.70 9.05 -19.66
CA GLU D 25 3.11 7.75 -19.98
C GLU D 25 3.35 6.72 -18.89
N ARG D 26 4.43 6.87 -18.13
CA ARG D 26 4.65 5.98 -16.98
C ARG D 26 3.49 6.05 -16.00
N GLU D 27 2.89 7.23 -15.84
CA GLU D 27 1.70 7.35 -14.99
C GLU D 27 0.60 6.41 -15.44
N LEU D 28 0.41 6.27 -16.75
CA LEU D 28 -0.60 5.35 -17.26
C LEU D 28 -0.23 3.90 -16.95
N LEU D 29 1.02 3.52 -17.22
CA LEU D 29 1.46 2.14 -17.00
C LEU D 29 1.31 1.76 -15.52
N GLU D 30 1.69 2.67 -14.63
CA GLU D 30 1.60 2.37 -13.20
C GLU D 30 0.15 2.20 -12.74
N SER D 31 -0.80 2.83 -13.43
CA SER D 31 -2.20 2.59 -13.08
C SER D 31 -2.68 1.22 -13.55
N TYR D 32 -2.13 0.70 -14.65
CA TYR D 32 -2.53 -0.62 -15.13
C TYR D 32 -1.95 -1.72 -14.26
N ILE D 33 -0.67 -1.59 -13.89
CA ILE D 33 -0.01 -2.61 -13.10
C ILE D 33 -0.72 -2.80 -11.77
N ASP D 34 -1.39 -1.77 -11.27
CA ASP D 34 -2.20 -1.85 -10.05
C ASP D 34 -3.60 -2.37 -10.35
N GLY D 35 -3.70 -3.51 -11.02
CA GLY D 35 -4.98 -4.09 -11.39
C GLY D 35 -5.80 -4.58 -10.21
N ILE E 1 -9.20 21.41 -22.48
CA ILE E 1 -8.61 20.53 -21.48
C ILE E 1 -8.29 21.31 -20.20
N VAL E 2 -8.91 20.90 -19.10
CA VAL E 2 -8.67 21.52 -17.79
C VAL E 2 -7.55 20.75 -17.08
N GLU E 3 -6.61 21.49 -16.49
CA GLU E 3 -5.55 20.92 -15.66
C GLU E 3 -4.60 20.04 -16.46
N GLY E 4 -4.43 20.34 -17.74
CA GLY E 4 -3.51 19.61 -18.58
C GLY E 4 -2.18 20.33 -18.72
N SER E 5 -1.41 19.91 -19.71
CA SER E 5 -0.15 20.58 -20.04
C SER E 5 0.00 20.59 -21.55
N ASP E 6 0.89 21.47 -22.03
CA ASP E 6 1.25 21.48 -23.44
C ASP E 6 1.70 20.09 -23.87
N ALA E 7 1.15 19.62 -24.99
CA ALA E 7 1.61 18.38 -25.60
C ALA E 7 3.08 18.50 -25.99
N GLU E 8 3.82 17.42 -25.81
CA GLU E 8 5.14 17.35 -26.42
C GLU E 8 4.97 17.21 -27.93
N ILE E 9 6.02 17.56 -28.67
CA ILE E 9 5.96 17.46 -30.13
C ILE E 9 5.82 16.00 -30.51
N GLY E 10 4.86 15.71 -31.39
CA GLY E 10 4.64 14.35 -31.86
C GLY E 10 4.06 13.41 -30.83
N MET E 11 3.56 13.92 -29.72
CA MET E 11 3.10 13.07 -28.63
C MET E 11 1.74 12.45 -28.91
N SER E 12 0.94 13.08 -29.76
CA SER E 12 -0.39 12.58 -30.13
C SER E 12 -0.57 12.76 -31.64
N PRO E 13 0.20 12.02 -32.44
CA PRO E 13 0.21 12.26 -33.89
C PRO E 13 -1.07 11.81 -34.59
N TRP E 14 -1.99 11.16 -33.89
CA TRP E 14 -3.30 10.85 -34.42
C TRP E 14 -4.31 11.93 -34.17
N GLN E 15 -3.93 12.99 -33.43
CA GLN E 15 -4.85 14.08 -33.15
C GLN E 15 -5.24 14.77 -34.45
N VAL E 16 -6.54 15.02 -34.61
CA VAL E 16 -7.06 15.67 -35.80
C VAL E 16 -7.94 16.83 -35.35
N MET E 17 -7.82 17.96 -36.06
CA MET E 17 -8.72 19.08 -35.82
C MET E 17 -9.76 19.07 -36.95
N LEU E 18 -11.02 18.91 -36.56
CA LEU E 18 -12.11 19.07 -37.51
C LEU E 18 -12.42 20.56 -37.62
N PHE E 19 -12.47 21.05 -38.86
CA PHE E 19 -12.36 22.47 -39.15
C PHE E 19 -13.45 22.89 -40.12
N ARG E 20 -14.13 23.99 -39.82
CA ARG E 20 -15.14 24.53 -40.71
C ARG E 20 -14.48 25.38 -41.79
N LYS E 21 -14.91 25.21 -43.04
CA LYS E 21 -14.28 25.93 -44.14
C LYS E 21 -14.57 27.42 -44.07
N SER E 22 -15.84 27.79 -43.93
CA SER E 22 -16.25 29.19 -44.00
C SER E 22 -17.45 29.44 -43.07
N PRO E 23 -17.29 30.24 -42.00
CA PRO E 23 -16.04 30.87 -41.60
C PRO E 23 -15.04 29.86 -41.05
N GLN E 24 -13.76 30.21 -41.04
CA GLN E 24 -12.72 29.28 -40.63
C GLN E 24 -12.72 29.17 -39.11
N GLU E 25 -13.20 28.04 -38.58
CA GLU E 25 -13.31 27.82 -37.14
C GLU E 25 -12.91 26.40 -36.80
N LEU E 26 -12.28 26.24 -35.63
CA LEU E 26 -12.23 24.93 -35.01
C LEU E 26 -13.66 24.48 -34.72
N LEU E 27 -13.99 23.25 -35.12
CA LEU E 27 -15.28 22.68 -34.77
C LEU E 27 -15.15 21.65 -33.66
N CYS E 28 -14.26 20.68 -33.81
CA CYS E 28 -14.16 19.55 -32.89
C CYS E 28 -12.77 18.96 -32.96
N GLY E 29 -12.47 18.13 -31.96
CA GLY E 29 -11.37 17.21 -32.09
C GLY E 29 -11.78 15.99 -32.88
N ALA E 30 -10.78 15.19 -33.26
CA ALA E 30 -11.01 13.96 -34.01
C ALA E 30 -9.72 13.14 -33.92
N SER E 31 -9.75 11.94 -34.52
CA SER E 31 -8.59 11.07 -34.49
C SER E 31 -8.42 10.37 -35.82
N LEU E 32 -7.15 10.13 -36.18
CA LEU E 32 -6.78 9.42 -37.39
C LEU E 32 -6.65 7.94 -37.08
N ILE E 33 -7.42 7.10 -37.79
CA ILE E 33 -7.37 5.65 -37.56
C ILE E 33 -6.82 4.89 -38.75
N SER E 34 -6.56 5.56 -39.87
CA SER E 34 -5.91 4.97 -41.04
C SER E 34 -5.54 6.13 -41.95
N ASP E 35 -4.99 5.83 -43.12
CA ASP E 35 -4.59 6.94 -43.98
C ASP E 35 -5.77 7.67 -44.61
N ARG E 36 -7.01 7.18 -44.43
CA ARG E 36 -8.14 7.87 -45.04
C ARG E 36 -9.42 7.83 -44.19
N TRP E 37 -9.32 7.45 -42.91
CA TRP E 37 -10.49 7.41 -42.06
C TRP E 37 -10.21 8.18 -40.77
N VAL E 38 -11.19 8.99 -40.37
CA VAL E 38 -11.10 9.83 -39.19
C VAL E 38 -12.33 9.59 -38.31
N LEU E 39 -12.11 9.48 -37.01
CA LEU E 39 -13.15 9.23 -36.03
C LEU E 39 -13.44 10.50 -35.25
N THR E 40 -14.72 10.77 -34.99
CA THR E 40 -15.11 11.94 -34.21
C THR E 40 -16.46 11.65 -33.54
N ALA E 41 -16.99 12.65 -32.86
CA ALA E 41 -18.31 12.56 -32.23
C ALA E 41 -19.39 12.95 -33.23
N ALA E 42 -20.54 12.27 -33.13
CA ALA E 42 -21.67 12.57 -34.02
C ALA E 42 -22.17 13.99 -33.84
N HIS E 43 -22.16 14.51 -32.61
CA HIS E 43 -22.73 15.84 -32.38
C HIS E 43 -21.90 16.94 -33.02
N CYS E 44 -20.66 16.65 -33.42
CA CYS E 44 -19.87 17.60 -34.18
C CYS E 44 -20.49 17.84 -35.55
N LEU E 45 -21.10 16.81 -36.14
CA LEU E 45 -21.69 16.89 -37.46
C LEU E 45 -23.17 17.19 -37.41
N LEU E 46 -23.88 16.67 -36.40
CA LEU E 46 -25.33 16.75 -36.34
C LEU E 46 -25.76 16.98 -34.89
N TYR E 47 -26.29 18.16 -34.60
CA TYR E 47 -26.82 18.46 -33.26
C TYR E 47 -28.01 19.38 -33.41
N PRO E 48 -29.19 18.82 -33.59
CA PRO E 48 -30.40 19.63 -33.87
C PRO E 48 -30.78 20.61 -32.76
N PRO E 49 -30.55 20.30 -31.47
CA PRO E 49 -30.91 21.30 -30.44
C PRO E 49 -30.25 22.66 -30.65
N TRP E 50 -29.03 22.69 -31.19
CA TRP E 50 -28.37 23.94 -31.52
C TRP E 50 -28.38 24.23 -33.02
N ASP E 51 -29.24 23.53 -33.78
CA ASP E 51 -29.40 23.74 -35.21
C ASP E 51 -28.08 23.54 -35.96
N LYS E 52 -27.33 22.51 -35.58
CA LYS E 52 -26.08 22.15 -36.24
C LYS E 52 -26.31 20.97 -37.17
N ASN E 53 -25.91 21.13 -38.44
CA ASN E 53 -26.01 20.05 -39.42
C ASN E 53 -25.00 20.34 -40.53
N PHE E 54 -23.82 19.73 -40.42
CA PHE E 54 -22.74 19.94 -41.37
C PHE E 54 -22.67 18.79 -42.36
N THR E 55 -22.47 19.12 -43.63
CA THR E 55 -22.23 18.15 -44.68
C THR E 55 -20.75 18.08 -45.03
N GLU E 56 -20.41 17.14 -45.92
CA GLU E 56 -19.01 16.86 -46.24
C GLU E 56 -18.31 18.07 -46.82
N ASN E 57 -18.98 18.82 -47.69
CA ASN E 57 -18.34 19.97 -48.32
C ASN E 57 -18.18 21.15 -47.38
N ASP E 58 -18.76 21.09 -46.18
CA ASP E 58 -18.63 22.19 -45.22
C ASP E 58 -17.33 22.15 -44.44
N LEU E 59 -16.66 21.00 -44.37
CA LEU E 59 -15.60 20.80 -43.40
C LEU E 59 -14.34 20.28 -44.07
N LEU E 60 -13.26 20.33 -43.31
CA LEU E 60 -12.01 19.69 -43.66
C LEU E 60 -11.35 19.25 -42.37
N VAL E 61 -10.33 18.40 -42.49
CA VAL E 61 -9.56 17.96 -41.34
C VAL E 61 -8.15 18.52 -41.47
N ARG E 62 -7.56 18.87 -40.33
CA ARG E 62 -6.19 19.34 -40.24
C ARG E 62 -5.43 18.35 -39.35
N ILE E 63 -4.39 17.74 -39.90
CA ILE E 63 -3.68 16.65 -39.25
C ILE E 63 -2.24 17.07 -39.01
N GLY E 64 -1.68 16.63 -37.88
CA GLY E 64 -0.33 17.00 -37.51
C GLY E 64 -0.22 18.36 -36.86
N LYS E 65 -1.29 18.86 -36.28
CA LYS E 65 -1.24 20.20 -35.71
C LYS E 65 -0.75 20.17 -34.27
N HIS E 66 -0.23 21.31 -33.84
CA HIS E 66 0.19 21.53 -32.47
C HIS E 66 -0.41 22.86 -32.00
N SER E 67 -0.09 23.94 -32.69
CA SER E 67 -0.69 25.22 -32.41
C SER E 67 -2.20 25.16 -32.66
N ARG E 68 -2.96 25.86 -31.81
CA ARG E 68 -4.40 25.91 -32.03
C ARG E 68 -4.75 26.79 -33.23
N THR E 69 -4.03 27.90 -33.40
CA THR E 69 -4.45 28.95 -34.30
C THR E 69 -3.60 29.12 -35.55
N ARG E 70 -2.32 28.79 -35.49
CA ARG E 70 -1.44 29.04 -36.64
C ARG E 70 -1.63 27.99 -37.71
N TYR E 71 -1.53 28.42 -38.97
CA TYR E 71 -1.34 27.45 -40.05
C TYR E 71 0.11 26.98 -40.00
N GLU E 72 0.31 25.70 -39.72
CA GLU E 72 1.65 25.17 -39.45
C GLU E 72 2.24 24.64 -40.75
N ARG E 73 2.79 25.57 -41.54
CA ARG E 73 3.30 25.28 -42.87
C ARG E 73 4.40 24.21 -42.82
N ASN E 74 4.35 23.29 -43.78
CA ASN E 74 5.28 22.18 -43.93
C ASN E 74 5.20 21.18 -42.78
N ILE E 75 4.18 21.26 -41.94
CA ILE E 75 4.00 20.26 -40.88
C ILE E 75 2.59 19.70 -40.97
N GLU E 76 1.59 20.55 -40.79
CA GLU E 76 0.22 20.07 -40.83
C GLU E 76 -0.21 19.79 -42.27
N LYS E 77 -1.15 18.85 -42.40
CA LYS E 77 -1.70 18.47 -43.69
C LYS E 77 -3.21 18.53 -43.60
N ILE E 78 -3.84 19.07 -44.63
CA ILE E 78 -5.30 19.22 -44.63
C ILE E 78 -5.88 18.29 -45.69
N SER E 79 -7.14 17.90 -45.46
CA SER E 79 -7.82 17.02 -46.40
C SER E 79 -9.30 17.35 -46.42
N MET E 80 -9.88 17.34 -47.61
CA MET E 80 -11.33 17.43 -47.77
C MET E 80 -11.97 16.08 -47.43
N LEU E 81 -13.29 16.12 -47.23
CA LEU E 81 -14.02 14.93 -46.82
C LEU E 81 -14.81 14.36 -48.00
N GLU E 82 -14.72 13.04 -48.17
CA GLU E 82 -15.52 12.38 -49.19
C GLU E 82 -16.92 12.05 -48.68
N LYS E 83 -17.03 11.51 -47.48
CA LYS E 83 -18.31 11.06 -46.97
C LYS E 83 -18.29 11.05 -45.45
N ILE E 84 -19.44 11.37 -44.86
CA ILE E 84 -19.64 11.39 -43.42
C ILE E 84 -20.62 10.25 -43.09
N TYR E 85 -20.30 9.47 -42.06
CA TYR E 85 -21.16 8.39 -41.59
C TYR E 85 -21.46 8.61 -40.11
N ILE E 86 -22.70 8.94 -39.79
CA ILE E 86 -23.15 9.07 -38.41
C ILE E 86 -23.83 7.77 -38.02
N HIS E 87 -23.59 7.31 -36.80
CA HIS E 87 -24.21 6.09 -36.32
C HIS E 87 -25.72 6.18 -36.46
N PRO E 88 -26.38 5.16 -37.03
CA PRO E 88 -27.83 5.28 -37.29
C PRO E 88 -28.68 5.36 -36.02
N ARG E 89 -28.15 4.94 -34.87
CA ARG E 89 -28.90 5.02 -33.62
C ARG E 89 -28.32 6.06 -32.67
N TYR E 90 -27.54 7.01 -33.19
CA TYR E 90 -27.13 8.16 -32.41
C TYR E 90 -28.35 8.89 -31.87
N ASN E 91 -28.34 9.17 -30.56
CA ASN E 91 -29.49 9.72 -29.86
C ASN E 91 -29.09 11.02 -29.16
N TRP E 92 -29.32 12.14 -29.85
CA TRP E 92 -29.06 13.45 -29.26
C TRP E 92 -30.17 13.91 -28.32
N ARG E 93 -31.37 13.34 -28.42
CA ARG E 93 -32.51 13.87 -27.70
C ARG E 93 -32.34 13.75 -26.18
N GLU E 94 -31.58 12.77 -25.71
CA GLU E 94 -31.56 12.53 -24.28
C GLU E 94 -30.16 12.47 -23.70
N ASN E 95 -29.34 11.51 -24.13
CA ASN E 95 -28.09 11.26 -23.45
C ASN E 95 -26.89 11.09 -24.37
N LEU E 96 -27.01 11.46 -25.64
CA LEU E 96 -25.91 11.34 -26.60
C LEU E 96 -25.40 9.90 -26.68
N ASP E 97 -26.31 8.95 -26.56
CA ASP E 97 -25.99 7.54 -26.73
C ASP E 97 -25.51 7.27 -28.16
N ARG E 98 -24.39 6.56 -28.28
CA ARG E 98 -23.78 6.26 -29.58
C ARG E 98 -23.36 7.54 -30.30
N ASP E 99 -22.67 8.40 -29.58
CA ASP E 99 -22.18 9.69 -30.08
C ASP E 99 -20.89 9.46 -30.85
N ILE E 100 -21.04 8.98 -32.09
CA ILE E 100 -19.88 8.59 -32.89
C ILE E 100 -20.17 8.86 -34.36
N ALA E 101 -19.12 9.24 -35.10
CA ALA E 101 -19.21 9.41 -36.53
C ALA E 101 -17.87 9.06 -37.16
N LEU E 102 -17.92 8.62 -38.41
CA LEU E 102 -16.73 8.35 -39.20
C LEU E 102 -16.68 9.29 -40.40
N MET E 103 -15.48 9.67 -40.82
CA MET E 103 -15.29 10.52 -41.98
C MET E 103 -14.22 9.93 -42.87
N LYS E 104 -14.57 9.72 -44.14
CA LYS E 104 -13.62 9.26 -45.15
C LYS E 104 -13.01 10.47 -45.86
N LEU E 105 -11.68 10.46 -45.99
CA LEU E 105 -10.97 11.55 -46.63
C LEU E 105 -11.00 11.40 -48.15
N LYS E 106 -11.02 12.54 -48.85
CA LYS E 106 -11.00 12.51 -50.32
C LYS E 106 -9.74 11.82 -50.82
N LYS E 107 -8.58 12.18 -50.27
CA LYS E 107 -7.30 11.61 -50.65
C LYS E 107 -6.57 11.13 -49.41
N PRO E 108 -5.93 9.95 -49.47
CA PRO E 108 -5.22 9.44 -48.29
C PRO E 108 -4.13 10.41 -47.84
N VAL E 109 -3.93 10.47 -46.54
CA VAL E 109 -2.90 11.33 -45.97
C VAL E 109 -1.61 10.53 -45.84
N ALA E 110 -0.48 11.19 -46.09
CA ALA E 110 0.83 10.57 -45.92
C ALA E 110 1.27 10.72 -44.47
N PHE E 111 1.75 9.62 -43.89
CA PHE E 111 2.22 9.65 -42.50
C PHE E 111 3.57 10.36 -42.40
N SER E 112 3.87 10.88 -41.21
CA SER E 112 5.11 11.57 -40.95
C SER E 112 5.43 11.43 -39.46
N ASP E 113 6.49 12.10 -39.01
CA ASP E 113 6.79 12.14 -37.58
C ASP E 113 5.65 12.73 -36.77
N TYR E 114 4.78 13.54 -37.39
CA TYR E 114 3.72 14.25 -36.70
C TYR E 114 2.34 13.73 -37.02
N ILE E 115 2.23 12.77 -37.94
CA ILE E 115 0.96 12.24 -38.43
C ILE E 115 1.07 10.73 -38.45
N HIS E 116 0.25 10.06 -37.63
CA HIS E 116 0.32 8.61 -37.51
C HIS E 116 -0.96 8.11 -36.87
N PRO E 117 -1.52 7.00 -37.33
CA PRO E 117 -2.81 6.54 -36.81
C PRO E 117 -2.71 5.86 -35.45
N VAL E 118 -3.81 5.94 -34.69
CA VAL E 118 -3.97 5.24 -33.42
C VAL E 118 -4.67 3.91 -33.68
N CYS E 119 -4.46 2.92 -32.81
CA CYS E 119 -5.14 1.64 -32.96
C CYS E 119 -6.54 1.69 -32.37
N LEU E 120 -7.41 0.86 -32.93
CA LEU E 120 -8.72 0.60 -32.36
C LEU E 120 -8.68 -0.71 -31.59
N PRO E 121 -9.29 -0.76 -30.41
CA PRO E 121 -9.13 -1.94 -29.54
C PRO E 121 -9.84 -3.17 -30.06
N ASP E 122 -9.23 -4.33 -29.82
CA ASP E 122 -9.89 -5.62 -29.96
C ASP E 122 -10.56 -5.98 -28.65
N ARG E 123 -11.23 -7.14 -28.61
CA ARG E 123 -11.95 -7.54 -27.40
C ARG E 123 -11.00 -7.72 -26.23
N GLU E 124 -9.86 -8.38 -26.45
CA GLU E 124 -8.92 -8.64 -25.37
C GLU E 124 -8.39 -7.34 -24.77
N THR E 125 -7.94 -6.42 -25.62
CA THR E 125 -7.40 -5.15 -25.13
C THR E 125 -8.46 -4.34 -24.39
N ALA E 126 -9.69 -4.31 -24.93
CA ALA E 126 -10.77 -3.62 -24.22
C ALA E 126 -11.03 -4.26 -22.86
N ALA E 127 -11.07 -5.59 -22.80
CA ALA E 127 -11.33 -6.27 -21.53
C ALA E 127 -10.26 -5.96 -20.49
N SER E 128 -8.99 -5.93 -20.91
CA SER E 128 -7.91 -5.78 -19.94
C SER E 128 -7.61 -4.33 -19.57
N LEU E 129 -7.92 -3.35 -20.42
CA LEU E 129 -7.60 -1.97 -20.10
C LEU E 129 -8.78 -1.14 -19.63
N LEU E 130 -10.00 -1.43 -20.09
CA LEU E 130 -11.18 -0.66 -19.68
C LEU E 130 -11.62 -1.12 -18.30
N GLN E 131 -10.86 -0.70 -17.30
CA GLN E 131 -11.13 -1.08 -15.92
C GLN E 131 -11.03 0.15 -15.03
N ALA E 132 -11.85 0.17 -14.00
CA ALA E 132 -11.88 1.29 -13.06
C ALA E 132 -10.51 1.55 -12.46
N GLY E 133 -10.08 2.81 -12.47
CA GLY E 133 -8.79 3.19 -11.95
C GLY E 133 -7.68 3.23 -12.97
N TYR E 134 -7.85 2.53 -14.10
CA TYR E 134 -6.85 2.58 -15.17
C TYR E 134 -6.93 3.93 -15.87
N LYS E 135 -5.78 4.57 -16.05
CA LYS E 135 -5.75 5.91 -16.59
C LYS E 135 -5.60 5.88 -18.11
N GLY E 136 -6.31 6.80 -18.77
CA GLY E 136 -6.10 7.09 -20.17
C GLY E 136 -5.74 8.55 -20.35
N ARG E 137 -5.56 8.94 -21.60
CA ARG E 137 -5.07 10.27 -21.94
C ARG E 137 -6.04 10.96 -22.88
N VAL E 138 -6.38 12.22 -22.57
CA VAL E 138 -7.31 13.03 -23.36
C VAL E 138 -6.54 14.24 -23.89
N THR E 139 -6.78 14.58 -25.16
CA THR E 139 -6.07 15.67 -25.83
C THR E 139 -7.06 16.57 -26.55
N GLY E 140 -6.79 17.88 -26.56
CA GLY E 140 -7.67 18.78 -27.27
C GLY E 140 -7.22 20.22 -27.17
N TRP E 141 -7.86 21.06 -27.97
CA TRP E 141 -7.62 22.49 -28.01
C TRP E 141 -8.72 23.29 -27.34
N GLY E 142 -9.58 22.63 -26.55
CA GLY E 142 -10.73 23.28 -25.95
C GLY E 142 -10.39 24.10 -24.72
N ASN E 143 -11.45 24.58 -24.05
CA ASN E 143 -11.28 25.52 -22.95
C ASN E 143 -10.42 24.96 -21.83
N LEU E 144 -9.66 25.84 -21.20
CA LEU E 144 -8.80 25.52 -20.08
C LEU E 144 -9.52 25.55 -18.75
N LYS E 145 -10.74 26.08 -18.74
CA LYS E 145 -11.55 26.27 -17.53
C LYS E 145 -13.01 26.34 -17.96
N GLU E 146 -13.90 25.97 -17.05
CA GLU E 146 -15.33 26.15 -17.33
C GLU E 146 -15.69 27.63 -17.23
N THR E 147 -15.27 28.30 -16.16
CA THR E 147 -15.58 29.69 -15.90
C THR E 147 -14.31 30.51 -15.76
N TRP E 148 -14.44 31.82 -15.95
CA TRP E 148 -13.28 32.70 -15.89
C TRP E 148 -12.69 32.78 -14.49
N THR E 149 -13.52 32.62 -13.46
CA THR E 149 -13.05 32.76 -12.08
C THR E 149 -12.35 31.50 -11.58
N ALA E 150 -12.39 30.40 -12.32
CA ALA E 150 -11.84 29.14 -11.82
C ALA E 150 -10.31 29.12 -11.85
N ASN E 151 -9.67 29.95 -12.68
CA ASN E 151 -8.24 30.19 -12.58
C ASN E 151 -7.92 31.52 -13.24
N VAL E 152 -6.65 31.94 -13.11
CA VAL E 152 -6.20 33.25 -13.53
C VAL E 152 -5.57 33.19 -14.92
N GLY E 153 -5.65 32.02 -15.56
CA GLY E 153 -5.10 31.84 -16.88
C GLY E 153 -6.06 32.29 -17.97
N LYS E 154 -5.64 32.06 -19.21
CA LYS E 154 -6.47 32.35 -20.37
C LYS E 154 -7.53 31.26 -20.54
N GLY E 155 -8.54 31.55 -21.36
CA GLY E 155 -9.61 30.59 -21.59
C GLY E 155 -9.24 29.52 -22.58
N GLN E 156 -8.47 29.88 -23.62
CA GLN E 156 -8.17 28.93 -24.67
C GLN E 156 -6.66 28.78 -24.82
N PRO E 157 -6.19 27.56 -25.09
CA PRO E 157 -4.75 27.32 -25.15
C PRO E 157 -4.15 27.77 -26.47
N SER E 158 -2.84 28.01 -26.44
CA SER E 158 -2.15 28.28 -27.69
C SER E 158 -1.71 27.01 -28.40
N VAL E 159 -1.48 25.91 -27.68
CA VAL E 159 -1.10 24.64 -28.30
C VAL E 159 -1.92 23.51 -27.70
N LEU E 160 -1.88 22.36 -28.37
CA LEU E 160 -2.62 21.19 -27.94
C LEU E 160 -2.30 20.85 -26.49
N GLN E 161 -3.35 20.52 -25.73
CA GLN E 161 -3.25 20.19 -24.31
C GLN E 161 -3.50 18.71 -24.08
N VAL E 162 -2.89 18.18 -23.01
CA VAL E 162 -2.89 16.76 -22.69
C VAL E 162 -3.19 16.58 -21.21
N VAL E 163 -4.04 15.59 -20.87
CA VAL E 163 -4.33 15.27 -19.48
C VAL E 163 -4.60 13.78 -19.36
N ASN E 164 -4.10 13.18 -18.27
CA ASN E 164 -4.31 11.77 -17.95
C ASN E 164 -5.38 11.67 -16.87
N LEU E 165 -6.35 10.78 -17.07
CA LEU E 165 -7.52 10.68 -16.19
C LEU E 165 -7.89 9.21 -15.97
N PRO E 166 -8.31 8.84 -14.76
CA PRO E 166 -8.66 7.44 -14.50
C PRO E 166 -10.10 7.12 -14.89
N ILE E 167 -10.29 5.90 -15.40
CA ILE E 167 -11.63 5.38 -15.65
C ILE E 167 -12.35 5.20 -14.32
N VAL E 168 -13.66 5.45 -14.32
CA VAL E 168 -14.49 5.42 -13.13
C VAL E 168 -15.49 4.27 -13.25
N GLU E 169 -15.79 3.63 -12.13
CA GLU E 169 -16.74 2.53 -12.08
C GLU E 169 -18.12 2.95 -12.58
N ARG E 170 -18.77 2.05 -13.34
CA ARG E 170 -20.12 2.34 -13.83
C ARG E 170 -21.08 2.81 -12.74
N PRO E 171 -21.17 2.18 -11.56
CA PRO E 171 -22.09 2.69 -10.53
C PRO E 171 -21.77 4.11 -10.07
N VAL E 172 -20.49 4.48 -10.03
CA VAL E 172 -20.13 5.84 -9.63
C VAL E 172 -20.48 6.83 -10.73
N CYS E 173 -20.24 6.45 -12.00
CA CYS E 173 -20.68 7.29 -13.10
C CYS E 173 -22.19 7.51 -13.05
N LYS E 174 -22.94 6.45 -12.78
CA LYS E 174 -24.40 6.54 -12.80
C LYS E 174 -24.92 7.46 -11.69
N ASP E 175 -24.39 7.32 -10.48
CA ASP E 175 -24.84 8.11 -9.35
C ASP E 175 -24.38 9.56 -9.41
N SER E 176 -23.49 9.89 -10.34
CA SER E 176 -22.94 11.25 -10.41
C SER E 176 -23.83 12.21 -11.19
N THR E 177 -24.87 11.70 -11.85
CA THR E 177 -25.67 12.52 -12.75
C THR E 177 -27.09 11.98 -12.77
N ARG E 178 -28.04 12.87 -13.04
CA ARG E 178 -29.42 12.48 -13.25
C ARG E 178 -29.69 12.04 -14.68
N ILE E 179 -28.75 12.26 -15.59
CA ILE E 179 -28.88 11.83 -16.97
C ILE E 179 -28.76 10.31 -17.04
N ARG E 180 -29.62 9.69 -17.84
CA ARG E 180 -29.61 8.23 -18.00
C ARG E 180 -28.43 7.82 -18.87
N ILE E 181 -27.51 7.05 -18.31
CA ILE E 181 -26.32 6.64 -19.04
C ILE E 181 -26.54 5.24 -19.58
N THR E 182 -25.77 4.89 -20.61
CA THR E 182 -25.86 3.60 -21.28
C THR E 182 -24.50 2.92 -21.27
N ASP E 183 -24.51 1.64 -21.67
CA ASP E 183 -23.29 0.87 -21.81
C ASP E 183 -22.40 1.37 -22.94
N ASN E 184 -22.91 2.25 -23.80
CA ASN E 184 -22.13 2.75 -24.93
C ASN E 184 -21.33 3.99 -24.57
N MET E 185 -21.20 4.28 -23.28
CA MET E 185 -20.40 5.41 -22.82
C MET E 185 -19.76 5.02 -21.50
N PHE E 186 -18.61 5.61 -21.22
CA PHE E 186 -17.99 5.49 -19.90
C PHE E 186 -17.60 6.88 -19.43
N CYS E 187 -17.30 7.00 -18.14
CA CYS E 187 -16.88 8.28 -17.60
C CYS E 187 -15.50 8.16 -16.95
N ALA E 188 -14.81 9.29 -16.86
CA ALA E 188 -13.44 9.33 -16.39
C ALA E 188 -13.18 10.64 -15.68
N GLY E 189 -12.22 10.61 -14.76
CA GLY E 189 -11.88 11.78 -13.96
C GLY E 189 -11.64 11.41 -12.52
N TYR E 190 -11.10 12.33 -11.74
CA TYR E 190 -10.81 12.08 -10.34
C TYR E 190 -12.02 12.38 -9.47
N LYS E 191 -12.12 11.65 -8.36
CA LYS E 191 -13.01 11.95 -7.25
C LYS E 191 -12.40 13.05 -6.40
N PRO E 192 -13.22 13.83 -5.68
CA PRO E 192 -12.65 14.87 -4.81
C PRO E 192 -11.59 14.35 -3.84
N ASP E 193 -11.82 13.22 -3.18
CA ASP E 193 -10.85 12.78 -2.18
C ASP E 193 -9.56 12.26 -2.81
N GLU E 194 -9.52 12.09 -4.13
CA GLU E 194 -8.27 11.75 -4.80
C GLU E 194 -7.37 12.95 -5.01
N GLY E 195 -7.85 14.16 -4.76
CA GLY E 195 -7.01 15.36 -4.82
C GLY E 195 -6.72 15.96 -6.17
N LYS E 196 -6.31 15.14 -7.14
CA LYS E 196 -5.97 15.65 -8.45
C LYS E 196 -7.21 16.09 -9.22
N ARG E 197 -6.98 16.87 -10.27
CA ARG E 197 -8.04 17.48 -11.06
C ARG E 197 -7.80 17.20 -12.53
N GLY E 198 -8.75 17.61 -13.35
CA GLY E 198 -8.62 17.52 -14.80
C GLY E 198 -9.89 17.01 -15.46
N ASP E 199 -10.09 17.43 -16.71
CA ASP E 199 -11.31 17.12 -17.45
C ASP E 199 -11.13 17.58 -18.88
N ALA E 200 -12.00 17.09 -19.76
CA ALA E 200 -12.22 17.71 -21.05
C ALA E 200 -13.27 18.81 -20.90
N CYS E 201 -13.27 19.75 -21.85
CA CYS E 201 -14.18 20.90 -21.78
C CYS E 201 -14.66 21.24 -23.19
N GLU E 202 -15.54 22.23 -23.29
CA GLU E 202 -16.07 22.59 -24.60
C GLU E 202 -14.93 22.96 -25.55
N GLY E 203 -15.01 22.44 -26.77
CA GLY E 203 -13.93 22.50 -27.72
C GLY E 203 -13.14 21.22 -27.83
N ASP E 204 -13.21 20.35 -26.82
CA ASP E 204 -12.46 19.10 -26.82
C ASP E 204 -13.25 17.93 -27.38
N SER E 205 -14.57 18.07 -27.52
CA SER E 205 -15.40 16.95 -27.96
C SER E 205 -14.97 16.45 -29.33
N GLY E 206 -15.12 15.15 -29.54
CA GLY E 206 -14.65 14.50 -30.74
C GLY E 206 -13.25 13.93 -30.66
N GLY E 207 -12.43 14.44 -29.74
CA GLY E 207 -11.06 13.99 -29.60
C GLY E 207 -10.97 12.69 -28.85
N PRO E 208 -9.78 12.09 -28.90
CA PRO E 208 -9.62 10.72 -28.41
C PRO E 208 -9.24 10.62 -26.94
N PHE E 209 -9.74 9.55 -26.33
CA PHE E 209 -9.31 9.05 -25.03
C PHE E 209 -8.50 7.80 -25.33
N VAL E 210 -7.19 7.86 -25.08
CA VAL E 210 -6.28 6.81 -25.52
C VAL E 210 -5.60 6.15 -24.32
N MET E 211 -5.15 4.92 -24.55
CA MET E 211 -4.53 4.09 -23.54
C MET E 211 -3.35 3.37 -24.19
N LYS E 212 -2.23 3.25 -23.47
CA LYS E 212 -1.06 2.56 -23.99
C LYS E 212 -1.05 1.12 -23.47
N SER E 213 -1.10 0.17 -24.39
CA SER E 213 -1.21 -1.23 -23.98
C SER E 213 0.12 -1.70 -23.41
N PRO E 214 0.14 -2.26 -22.19
CA PRO E 214 1.37 -2.87 -21.68
C PRO E 214 1.76 -4.15 -22.39
N PHE E 215 0.84 -4.74 -23.17
CA PHE E 215 1.12 -6.02 -23.83
C PHE E 215 1.91 -5.85 -25.13
N ASN E 216 1.67 -4.77 -25.88
CA ASN E 216 2.40 -4.57 -27.13
C ASN E 216 2.92 -3.14 -27.31
N ASN E 217 2.80 -2.29 -26.29
CA ASN E 217 3.31 -0.91 -26.31
C ASN E 217 2.66 -0.04 -27.37
N ARG E 218 1.48 -0.42 -27.87
CA ARG E 218 0.76 0.39 -28.84
C ARG E 218 -0.33 1.20 -28.16
N TRP E 219 -0.58 2.40 -28.70
CA TRP E 219 -1.65 3.25 -28.20
C TRP E 219 -2.97 2.87 -28.85
N TYR E 220 -4.02 2.74 -28.04
CA TYR E 220 -5.36 2.39 -28.49
C TYR E 220 -6.33 3.48 -28.08
N GLN E 221 -7.27 3.80 -28.97
CA GLN E 221 -8.34 4.73 -28.66
C GLN E 221 -9.53 3.97 -28.09
N MET E 222 -9.84 4.20 -26.81
CA MET E 222 -10.97 3.56 -26.15
C MET E 222 -12.20 4.45 -26.08
N GLY E 223 -12.04 5.77 -26.22
CA GLY E 223 -13.15 6.68 -26.02
C GLY E 223 -13.07 7.88 -26.94
N ILE E 224 -14.21 8.58 -27.01
CA ILE E 224 -14.36 9.83 -27.72
C ILE E 224 -14.96 10.84 -26.77
N VAL E 225 -14.32 12.00 -26.63
CA VAL E 225 -14.88 13.06 -25.78
C VAL E 225 -16.29 13.35 -26.26
N SER E 226 -17.26 13.22 -25.35
CA SER E 226 -18.66 13.40 -25.72
C SER E 226 -19.31 14.52 -24.91
N TRP E 227 -19.54 14.34 -23.61
CA TRP E 227 -20.36 15.28 -22.88
C TRP E 227 -19.97 15.31 -21.40
N GLY E 228 -20.55 16.27 -20.69
CA GLY E 228 -20.37 16.41 -19.26
C GLY E 228 -21.27 17.51 -18.75
N GLU E 229 -21.25 17.69 -17.45
CA GLU E 229 -21.97 18.80 -16.80
C GLU E 229 -20.91 19.76 -16.29
N GLY E 230 -20.70 20.85 -17.03
CA GLY E 230 -19.56 21.70 -16.72
C GLY E 230 -18.25 20.98 -17.00
N CYS E 231 -17.18 21.53 -16.42
CA CYS E 231 -15.83 21.00 -16.61
C CYS E 231 -15.10 21.02 -15.27
N ASP E 232 -14.53 19.87 -14.89
CA ASP E 232 -13.70 19.75 -13.69
C ASP E 232 -14.46 20.15 -12.43
N ARG E 233 -15.74 19.78 -12.36
CA ARG E 233 -16.55 20.01 -11.18
C ARG E 233 -16.38 18.88 -10.19
N ASP E 234 -16.31 19.22 -8.90
CA ASP E 234 -16.25 18.21 -7.85
C ASP E 234 -17.50 17.33 -7.90
N GLY E 235 -17.29 16.01 -7.99
CA GLY E 235 -18.39 15.07 -7.99
C GLY E 235 -18.99 14.78 -9.35
N LYS E 236 -18.44 15.35 -10.41
CA LYS E 236 -18.87 15.11 -11.77
C LYS E 236 -17.72 14.50 -12.55
N TYR E 237 -18.04 13.95 -13.72
CA TYR E 237 -17.03 13.32 -14.57
C TYR E 237 -17.32 13.64 -16.02
N GLY E 238 -16.26 13.56 -16.84
CA GLY E 238 -16.44 13.64 -18.27
C GLY E 238 -16.90 12.30 -18.82
N PHE E 239 -17.80 12.34 -19.80
CA PHE E 239 -18.34 11.15 -20.41
C PHE E 239 -17.79 10.97 -21.81
N TYR E 240 -17.53 9.71 -22.18
CA TYR E 240 -16.83 9.35 -23.40
C TYR E 240 -17.59 8.25 -24.11
N THR E 241 -17.72 8.38 -25.43
CA THR E 241 -18.27 7.32 -26.26
C THR E 241 -17.38 6.09 -26.20
N HIS E 242 -17.98 4.94 -25.91
CA HIS E 242 -17.27 3.67 -25.70
C HIS E 242 -16.94 3.06 -27.06
N VAL E 243 -15.68 3.18 -27.48
CA VAL E 243 -15.33 2.86 -28.87
C VAL E 243 -15.47 1.36 -29.14
N PHE E 244 -14.96 0.52 -28.23
CA PHE E 244 -15.05 -0.91 -28.52
C PHE E 244 -16.50 -1.35 -28.64
N ARG E 245 -17.37 -0.85 -27.77
CA ARG E 245 -18.79 -1.23 -27.83
C ARG E 245 -19.38 -0.98 -29.21
N LEU E 246 -18.85 -0.02 -29.96
CA LEU E 246 -19.39 0.33 -31.27
C LEU E 246 -18.50 -0.14 -32.43
N LYS E 247 -17.54 -1.03 -32.18
CA LYS E 247 -16.56 -1.37 -33.21
C LYS E 247 -17.16 -2.17 -34.35
N LYS E 248 -18.21 -2.96 -34.08
CA LYS E 248 -18.86 -3.69 -35.16
C LYS E 248 -19.33 -2.72 -36.24
N TRP E 249 -20.02 -1.65 -35.83
CA TRP E 249 -20.47 -0.65 -36.77
C TRP E 249 -19.30 0.03 -37.46
N ILE E 250 -18.23 0.34 -36.70
CA ILE E 250 -17.06 0.99 -37.28
C ILE E 250 -16.48 0.12 -38.39
N GLN E 251 -16.28 -1.18 -38.10
CA GLN E 251 -15.74 -2.09 -39.09
C GLN E 251 -16.68 -2.25 -40.28
N LYS E 252 -18.00 -2.27 -40.01
CA LYS E 252 -18.97 -2.39 -41.09
C LYS E 252 -18.89 -1.22 -42.05
N VAL E 253 -18.82 0.00 -41.53
CA VAL E 253 -18.73 1.18 -42.39
C VAL E 253 -17.44 1.15 -43.21
N ILE E 254 -16.32 0.78 -42.56
CA ILE E 254 -15.04 0.80 -43.26
C ILE E 254 -14.96 -0.31 -44.31
N ASP E 255 -15.48 -1.50 -43.99
CA ASP E 255 -15.42 -2.61 -44.94
C ASP E 255 -16.29 -2.35 -46.17
N GLN E 256 -17.46 -1.74 -45.96
CA GLN E 256 -18.37 -1.52 -47.08
C GLN E 256 -17.92 -0.36 -47.96
N PHE E 257 -17.46 0.72 -47.36
CA PHE E 257 -17.09 1.92 -48.09
C PHE E 257 -15.58 2.09 -48.19
N ALA F 7 58.04 15.13 -3.32
CA ALA F 7 58.95 15.15 -4.47
C ALA F 7 59.08 13.74 -5.04
N ASP F 8 59.24 12.75 -4.16
CA ASP F 8 59.33 11.35 -4.55
C ASP F 8 58.01 10.61 -4.38
N CYS F 9 56.91 11.34 -4.28
CA CYS F 9 55.63 10.73 -3.95
C CYS F 9 55.21 9.74 -5.02
N GLY F 10 54.49 8.70 -4.61
CA GLY F 10 53.85 7.78 -5.53
C GLY F 10 54.77 6.83 -6.28
N LEU F 11 56.05 6.78 -5.93
CA LEU F 11 56.99 5.84 -6.53
C LEU F 11 57.43 4.86 -5.44
N ARG F 12 57.04 3.60 -5.59
CA ARG F 12 57.22 2.64 -4.51
C ARG F 12 58.64 2.09 -4.50
N PRO F 13 59.30 2.08 -3.34
CA PRO F 13 60.68 1.53 -3.28
C PRO F 13 60.81 0.12 -3.82
N LEU F 14 59.82 -0.74 -3.61
CA LEU F 14 59.96 -2.13 -4.00
C LEU F 14 59.39 -2.43 -5.38
N PHE F 15 58.92 -1.42 -6.10
CA PHE F 15 58.36 -1.66 -7.43
C PHE F 15 58.89 -0.66 -8.45
N GLU F 16 58.30 0.53 -8.52
CA GLU F 16 58.70 1.51 -9.53
C GLU F 16 60.19 1.84 -9.43
N LYS F 17 60.70 2.01 -8.21
CA LYS F 17 62.10 2.35 -8.04
C LYS F 17 63.02 1.17 -8.36
N LYS F 18 62.48 -0.05 -8.43
CA LYS F 18 63.26 -1.22 -8.81
C LYS F 18 62.93 -1.71 -10.22
N SER F 19 62.05 -1.01 -10.94
CA SER F 19 61.57 -1.43 -12.25
C SER F 19 60.88 -2.79 -12.19
N LEU F 20 60.12 -3.02 -11.12
CA LEU F 20 59.28 -4.20 -11.01
C LEU F 20 57.83 -3.79 -10.93
N GLU F 21 56.96 -4.65 -11.46
CA GLU F 21 55.53 -4.42 -11.46
C GLU F 21 54.87 -5.34 -10.44
N ASP F 22 53.84 -4.84 -9.76
CA ASP F 22 53.08 -5.75 -8.91
C ASP F 22 52.13 -6.57 -9.78
N LYS F 23 51.46 -7.54 -9.15
CA LYS F 23 50.76 -8.60 -9.87
C LYS F 23 49.47 -8.15 -10.55
N THR F 24 48.90 -6.99 -10.20
CA THR F 24 47.64 -6.59 -10.80
C THR F 24 47.64 -5.15 -11.32
N GLU F 25 48.77 -4.45 -11.28
CA GLU F 25 48.75 -3.07 -11.77
C GLU F 25 48.51 -3.00 -13.27
N ARG F 26 48.83 -4.06 -14.02
CA ARG F 26 48.53 -4.08 -15.45
C ARG F 26 47.03 -4.01 -15.69
N GLU F 27 46.23 -4.53 -14.76
CA GLU F 27 44.78 -4.40 -14.87
C GLU F 27 44.35 -2.94 -14.86
N LEU F 28 45.00 -2.11 -14.04
CA LEU F 28 44.72 -0.67 -14.05
C LEU F 28 45.09 -0.04 -15.38
N LEU F 29 46.31 -0.31 -15.88
CA LEU F 29 46.76 0.27 -17.13
C LEU F 29 45.82 -0.09 -18.28
N GLU F 30 45.38 -1.34 -18.34
CA GLU F 30 44.52 -1.78 -19.44
C GLU F 30 43.15 -1.13 -19.40
N SER F 31 42.69 -0.68 -18.23
CA SER F 31 41.38 -0.04 -18.15
C SER F 31 41.36 1.35 -18.78
N TYR F 32 42.52 1.92 -19.07
CA TYR F 32 42.57 3.23 -19.71
C TYR F 32 42.22 3.17 -21.20
N ILE F 33 42.27 1.99 -21.81
CA ILE F 33 41.98 1.83 -23.23
C ILE F 33 40.53 2.19 -23.53
N ILE G 1 37.82 -5.39 2.80
CA ILE G 1 37.84 -5.56 1.35
C ILE G 1 37.21 -6.89 0.93
N VAL G 2 36.19 -6.81 0.07
CA VAL G 2 35.50 -7.99 -0.46
C VAL G 2 36.06 -8.31 -1.83
N GLU G 3 36.36 -9.59 -2.06
CA GLU G 3 36.83 -10.08 -3.36
C GLU G 3 38.21 -9.54 -3.71
N GLY G 4 39.04 -9.26 -2.70
CA GLY G 4 40.41 -8.85 -2.91
C GLY G 4 41.38 -9.99 -2.69
N SER G 5 42.67 -9.64 -2.69
CA SER G 5 43.72 -10.59 -2.38
C SER G 5 44.70 -9.95 -1.41
N ASP G 6 45.56 -10.79 -0.83
CA ASP G 6 46.62 -10.30 0.04
C ASP G 6 47.50 -9.33 -0.73
N ALA G 7 47.76 -8.16 -0.13
CA ALA G 7 48.72 -7.23 -0.71
C ALA G 7 50.10 -7.85 -0.77
N GLU G 8 50.84 -7.56 -1.84
CA GLU G 8 52.26 -7.87 -1.86
C GLU G 8 53.00 -6.99 -0.85
N ILE G 9 54.17 -7.46 -0.43
CA ILE G 9 55.01 -6.70 0.49
C ILE G 9 55.38 -5.37 -0.17
N GLY G 10 55.08 -4.26 0.52
CA GLY G 10 55.43 -2.95 0.01
C GLY G 10 54.62 -2.47 -1.16
N MET G 11 53.49 -3.13 -1.44
CA MET G 11 52.64 -2.76 -2.57
C MET G 11 51.87 -1.47 -2.30
N SER G 12 51.62 -1.16 -1.03
CA SER G 12 50.84 0.00 -0.62
C SER G 12 51.56 0.72 0.51
N PRO G 13 52.77 1.23 0.25
CA PRO G 13 53.60 1.74 1.36
C PRO G 13 53.10 3.06 1.95
N TRP G 14 52.06 3.65 1.37
CA TRP G 14 51.38 4.80 1.94
C TRP G 14 50.22 4.39 2.85
N GLN G 15 49.94 3.10 2.97
CA GLN G 15 48.82 2.66 3.79
C GLN G 15 49.10 2.94 5.25
N VAL G 16 48.12 3.51 5.94
CA VAL G 16 48.24 3.84 7.35
C VAL G 16 47.08 3.19 8.10
N MET G 17 47.37 2.67 9.29
CA MET G 17 46.33 2.18 10.19
C MET G 17 46.12 3.23 11.27
N LEU G 18 44.92 3.78 11.33
CA LEU G 18 44.55 4.67 12.43
C LEU G 18 44.13 3.79 13.59
N PHE G 19 44.74 4.02 14.75
CA PHE G 19 44.72 3.06 15.85
C PHE G 19 44.27 3.77 17.13
N ARG G 20 43.31 3.17 17.82
CA ARG G 20 42.91 3.66 19.13
C ARG G 20 43.91 3.20 20.17
N LYS G 21 44.33 4.11 21.06
CA LYS G 21 45.37 3.76 22.01
C LYS G 21 44.83 2.90 23.15
N SER G 22 43.63 3.21 23.65
CA SER G 22 43.06 2.43 24.74
C SER G 22 41.54 2.40 24.63
N PRO G 23 40.92 1.23 24.46
CA PRO G 23 41.58 -0.06 24.25
C PRO G 23 42.25 -0.11 22.88
N GLN G 24 43.19 -1.03 22.71
CA GLN G 24 43.98 -1.07 21.50
C GLN G 24 43.16 -1.69 20.38
N GLU G 25 42.74 -0.87 19.42
CA GLU G 25 41.81 -1.26 18.36
C GLU G 25 42.20 -0.61 17.04
N LEU G 26 42.01 -1.36 15.96
CA LEU G 26 41.96 -0.73 14.65
C LEU G 26 40.76 0.22 14.60
N LEU G 27 40.99 1.44 14.13
CA LEU G 27 39.91 2.40 13.94
C LEU G 27 39.55 2.58 12.48
N CYS G 28 40.54 2.89 11.64
CA CYS G 28 40.27 3.19 10.24
C CYS G 28 41.52 2.95 9.43
N GLY G 29 41.34 2.90 8.11
CA GLY G 29 42.44 3.09 7.21
C GLY G 29 42.78 4.57 7.09
N ALA G 30 43.92 4.85 6.47
CA ALA G 30 44.41 6.20 6.26
C ALA G 30 45.53 6.14 5.24
N SER G 31 46.07 7.29 4.86
CA SER G 31 47.12 7.33 3.85
C SER G 31 48.16 8.38 4.19
N LEU G 32 49.41 8.06 3.86
CA LEU G 32 50.55 8.93 4.13
C LEU G 32 50.80 9.81 2.90
N ILE G 33 50.72 11.12 3.07
CA ILE G 33 50.91 12.05 1.96
C ILE G 33 52.16 12.89 2.09
N SER G 34 52.84 12.84 3.23
CA SER G 34 54.15 13.46 3.42
C SER G 34 54.76 12.79 4.65
N ASP G 35 55.92 13.28 5.10
CA ASP G 35 56.53 12.68 6.27
C ASP G 35 55.78 13.00 7.56
N ARG G 36 54.83 13.95 7.54
CA ARG G 36 54.16 14.35 8.78
C ARG G 36 52.66 14.56 8.62
N TRP G 37 52.07 14.22 7.48
CA TRP G 37 50.64 14.43 7.27
C TRP G 37 49.98 13.15 6.81
N VAL G 38 48.84 12.83 7.40
CA VAL G 38 48.08 11.63 7.09
C VAL G 38 46.65 12.01 6.78
N LEU G 39 46.12 11.49 5.68
CA LEU G 39 44.74 11.72 5.25
C LEU G 39 43.85 10.57 5.72
N THR G 40 42.62 10.91 6.12
CA THR G 40 41.65 9.89 6.51
C THR G 40 40.25 10.46 6.30
N ALA G 41 39.24 9.67 6.67
CA ALA G 41 37.85 10.12 6.61
C ALA G 41 37.49 10.84 7.90
N ALA G 42 36.67 11.90 7.76
CA ALA G 42 36.26 12.67 8.93
C ALA G 42 35.47 11.81 9.93
N HIS G 43 34.62 10.91 9.42
CA HIS G 43 33.79 10.12 10.33
C HIS G 43 34.60 9.19 11.22
N CYS G 44 35.88 8.94 10.87
CA CYS G 44 36.75 8.19 11.76
C CYS G 44 37.02 8.93 13.05
N LEU G 45 37.05 10.26 13.00
CA LEU G 45 37.29 11.11 14.15
C LEU G 45 35.99 11.60 14.79
N LEU G 46 34.98 11.90 13.99
CA LEU G 46 33.76 12.53 14.47
C LEU G 46 32.58 11.89 13.76
N TYR G 47 31.77 11.13 14.50
CA TYR G 47 30.53 10.58 13.97
C TYR G 47 29.48 10.60 15.06
N PRO G 48 28.75 11.70 15.20
CA PRO G 48 27.79 11.86 16.30
C PRO G 48 26.71 10.79 16.36
N PRO G 49 26.22 10.26 15.22
CA PRO G 49 25.15 9.25 15.35
C PRO G 49 25.54 8.03 16.17
N TRP G 50 26.82 7.63 16.16
CA TRP G 50 27.28 6.54 17.00
C TRP G 50 28.07 7.05 18.21
N ASP G 51 27.95 8.35 18.51
CA ASP G 51 28.62 8.97 19.66
C ASP G 51 30.14 8.79 19.57
N LYS G 52 30.71 9.01 18.39
CA LYS G 52 32.14 8.91 18.17
C LYS G 52 32.73 10.32 18.09
N ASN G 53 33.77 10.56 18.88
CA ASN G 53 34.44 11.87 18.89
C ASN G 53 35.82 11.66 19.52
N PHE G 54 36.81 11.39 18.68
CA PHE G 54 38.19 11.16 19.12
C PHE G 54 39.00 12.45 18.98
N THR G 55 39.90 12.67 19.93
CA THR G 55 40.82 13.79 19.87
C THR G 55 42.24 13.26 19.60
N GLU G 56 43.19 14.19 19.54
CA GLU G 56 44.57 13.84 19.18
C GLU G 56 45.17 12.89 20.19
N ASN G 57 44.89 13.09 21.48
CA ASN G 57 45.50 12.25 22.50
C ASN G 57 44.91 10.85 22.56
N ASP G 58 43.83 10.57 21.82
CA ASP G 58 43.22 9.25 21.86
C ASP G 58 43.80 8.27 20.86
N LEU G 59 44.52 8.74 19.85
CA LEU G 59 44.84 7.92 18.70
C LEU G 59 46.32 7.92 18.40
N LEU G 60 46.73 6.97 17.56
CA LEU G 60 48.05 6.97 16.97
C LEU G 60 47.93 6.36 15.58
N VAL G 61 48.97 6.56 14.77
CA VAL G 61 49.03 5.99 13.43
C VAL G 61 50.10 4.91 13.42
N ARG G 62 49.85 3.85 12.65
CA ARG G 62 50.81 2.78 12.43
C ARG G 62 51.07 2.71 10.93
N ILE G 63 52.34 2.89 10.55
CA ILE G 63 52.73 3.02 9.16
C ILE G 63 53.68 1.89 8.82
N GLY G 64 53.58 1.37 7.61
CA GLY G 64 54.40 0.26 7.17
C GLY G 64 53.85 -1.11 7.51
N LYS G 65 52.57 -1.22 7.87
CA LYS G 65 52.02 -2.47 8.35
C LYS G 65 51.57 -3.36 7.19
N HIS G 66 51.55 -4.67 7.46
CA HIS G 66 51.01 -5.65 6.53
C HIS G 66 50.00 -6.53 7.28
N SER G 67 50.46 -7.18 8.35
CA SER G 67 49.58 -7.93 9.21
C SER G 67 48.56 -7.00 9.88
N ARG G 68 47.32 -7.48 10.01
CA ARG G 68 46.30 -6.67 10.67
C ARG G 68 46.52 -6.60 12.17
N THR G 69 46.99 -7.70 12.79
CA THR G 69 46.93 -7.84 14.24
C THR G 69 48.29 -7.84 14.93
N ARG G 70 49.35 -8.29 14.28
CA ARG G 70 50.65 -8.39 14.93
C ARG G 70 51.34 -7.03 14.98
N TYR G 71 52.11 -6.82 16.04
CA TYR G 71 53.08 -5.74 16.03
C TYR G 71 54.26 -6.17 15.18
N GLU G 72 54.53 -5.45 14.09
CA GLU G 72 55.54 -5.86 13.12
C GLU G 72 56.85 -5.15 13.47
N ARG G 73 57.53 -5.72 14.46
CA ARG G 73 58.79 -5.20 14.97
C ARG G 73 59.80 -5.00 13.85
N ASN G 74 60.47 -3.84 13.87
CA ASN G 74 61.51 -3.43 12.93
C ASN G 74 60.97 -3.17 11.54
N ILE G 75 59.66 -3.03 11.37
CA ILE G 75 59.07 -2.75 10.07
C ILE G 75 58.10 -1.59 10.18
N GLU G 76 57.08 -1.74 11.02
CA GLU G 76 56.11 -0.67 11.19
C GLU G 76 56.66 0.41 12.11
N LYS G 77 56.18 1.63 11.91
CA LYS G 77 56.56 2.77 12.72
C LYS G 77 55.30 3.46 13.19
N ILE G 78 55.25 3.81 14.47
CA ILE G 78 54.08 4.44 15.05
C ILE G 78 54.42 5.89 15.38
N SER G 79 53.39 6.73 15.41
CA SER G 79 53.57 8.13 15.72
C SER G 79 52.30 8.64 16.39
N MET G 80 52.49 9.42 17.45
CA MET G 80 51.37 10.13 18.06
C MET G 80 50.92 11.27 17.15
N LEU G 81 49.78 11.85 17.48
CA LEU G 81 49.17 12.90 16.69
C LEU G 81 49.37 14.24 17.36
N GLU G 82 49.80 15.24 16.58
CA GLU G 82 49.90 16.60 17.08
C GLU G 82 48.56 17.32 17.01
N LYS G 83 47.88 17.23 15.87
CA LYS G 83 46.62 17.94 15.70
C LYS G 83 45.80 17.23 14.64
N ILE G 84 44.48 17.36 14.77
CA ILE G 84 43.51 16.81 13.83
C ILE G 84 42.79 17.97 13.16
N TYR G 85 42.58 17.85 11.85
CA TYR G 85 41.82 18.84 11.08
C TYR G 85 40.71 18.13 10.32
N ILE G 86 39.46 18.44 10.68
CA ILE G 86 38.28 17.93 9.98
C ILE G 86 37.75 19.03 9.07
N HIS G 87 37.32 18.64 7.87
CA HIS G 87 36.84 19.61 6.90
C HIS G 87 35.74 20.49 7.51
N PRO G 88 35.77 21.81 7.27
CA PRO G 88 34.78 22.68 7.93
C PRO G 88 33.36 22.45 7.47
N ARG G 89 33.14 21.82 6.32
CA ARG G 89 31.80 21.55 5.82
C ARG G 89 31.49 20.05 5.81
N TYR G 90 32.25 19.26 6.54
CA TYR G 90 31.90 17.87 6.79
C TYR G 90 30.49 17.79 7.37
N ASN G 91 29.63 17.03 6.71
CA ASN G 91 28.27 16.86 7.18
C ASN G 91 27.90 15.38 7.16
N TRP G 92 27.78 14.79 8.34
CA TRP G 92 27.38 13.40 8.53
C TRP G 92 25.87 13.21 8.50
N ARG G 93 25.09 14.30 8.54
CA ARG G 93 23.67 14.17 8.83
C ARG G 93 22.91 13.47 7.70
N GLU G 94 23.38 13.57 6.47
CA GLU G 94 22.63 13.01 5.35
C GLU G 94 23.45 12.10 4.46
N ASN G 95 24.53 12.61 3.86
CA ASN G 95 25.25 11.87 2.83
C ASN G 95 26.76 11.89 3.03
N LEU G 96 27.25 12.25 4.22
CA LEU G 96 28.69 12.25 4.52
C LEU G 96 29.46 13.13 3.54
N ASP G 97 28.87 14.27 3.19
CA ASP G 97 29.51 15.22 2.30
C ASP G 97 30.82 15.74 2.90
N ARG G 98 31.85 15.82 2.06
CA ARG G 98 33.17 16.32 2.45
C ARG G 98 33.71 15.52 3.64
N ASP G 99 33.68 14.20 3.50
CA ASP G 99 34.12 13.24 4.51
C ASP G 99 35.64 13.09 4.41
N ILE G 100 36.35 14.10 4.95
CA ILE G 100 37.80 14.13 4.87
C ILE G 100 38.36 14.74 6.15
N ALA G 101 39.52 14.25 6.56
CA ALA G 101 40.22 14.83 7.69
C ALA G 101 41.72 14.71 7.44
N LEU G 102 42.48 15.60 8.08
CA LEU G 102 43.93 15.56 8.03
C LEU G 102 44.49 15.45 9.45
N MET G 103 45.60 14.74 9.60
CA MET G 103 46.24 14.61 10.90
C MET G 103 47.73 14.87 10.73
N LYS G 104 48.27 15.73 11.60
CA LYS G 104 49.70 16.04 11.62
C LYS G 104 50.38 15.15 12.66
N LEU G 105 51.49 14.55 12.28
CA LEU G 105 52.21 13.66 13.19
C LEU G 105 53.07 14.46 14.15
N LYS G 106 53.15 13.98 15.40
CA LYS G 106 53.98 14.63 16.41
C LYS G 106 55.44 14.71 15.95
N LYS G 107 55.94 13.63 15.36
CA LYS G 107 57.28 13.62 14.79
C LYS G 107 57.20 13.06 13.38
N PRO G 108 57.90 13.68 12.41
CA PRO G 108 57.91 13.14 11.05
C PRO G 108 58.46 11.73 11.03
N VAL G 109 57.99 10.95 10.06
CA VAL G 109 58.36 9.55 9.93
C VAL G 109 59.47 9.42 8.89
N ALA G 110 60.42 8.52 9.15
CA ALA G 110 61.44 8.22 8.15
C ALA G 110 60.87 7.24 7.14
N PHE G 111 61.20 7.48 5.86
CA PHE G 111 60.71 6.58 4.83
C PHE G 111 61.55 5.31 4.79
N SER G 112 60.98 4.26 4.20
CA SER G 112 61.68 2.99 4.10
C SER G 112 61.18 2.28 2.84
N ASP G 113 61.55 1.00 2.69
CA ASP G 113 60.98 0.19 1.62
C ASP G 113 59.49 -0.05 1.81
N TYR G 114 59.00 0.10 3.03
CA TYR G 114 57.61 -0.20 3.38
C TYR G 114 56.81 1.03 3.76
N ILE G 115 57.43 2.22 3.75
CA ILE G 115 56.81 3.45 4.20
C ILE G 115 57.17 4.53 3.19
N HIS G 116 56.17 5.05 2.46
CA HIS G 116 56.45 6.01 1.40
C HIS G 116 55.16 6.74 1.04
N PRO G 117 55.18 8.05 0.81
CA PRO G 117 53.94 8.78 0.57
C PRO G 117 53.37 8.59 -0.82
N VAL G 118 52.04 8.68 -0.91
CA VAL G 118 51.32 8.72 -2.18
C VAL G 118 51.19 10.18 -2.63
N CYS G 119 50.99 10.38 -3.93
CA CYS G 119 50.80 11.72 -4.47
C CYS G 119 49.35 12.15 -4.37
N LEU G 120 49.15 13.46 -4.25
CA LEU G 120 47.83 14.04 -4.41
C LEU G 120 47.68 14.59 -5.82
N PRO G 121 46.54 14.45 -6.47
CA PRO G 121 46.42 14.88 -7.87
C PRO G 121 46.19 16.38 -7.97
N ASP G 122 46.66 16.95 -9.06
CA ASP G 122 46.28 18.32 -9.43
C ASP G 122 45.05 18.26 -10.32
N ARG G 123 44.69 19.39 -10.93
CA ARG G 123 43.49 19.46 -11.76
C ARG G 123 43.63 18.57 -13.00
N GLU G 124 44.74 18.69 -13.70
CA GLU G 124 44.93 17.95 -14.94
C GLU G 124 45.00 16.45 -14.69
N THR G 125 45.63 16.04 -13.59
CA THR G 125 45.69 14.61 -13.27
C THR G 125 44.31 14.06 -12.94
N ALA G 126 43.55 14.80 -12.12
CA ALA G 126 42.19 14.37 -11.79
C ALA G 126 41.30 14.31 -13.03
N ALA G 127 41.50 15.24 -13.97
CA ALA G 127 40.68 15.26 -15.18
C ALA G 127 40.98 14.07 -16.06
N SER G 128 42.26 13.74 -16.25
CA SER G 128 42.60 12.64 -17.15
C SER G 128 42.28 11.27 -16.55
N LEU G 129 42.42 11.11 -15.24
CA LEU G 129 42.30 9.80 -14.63
C LEU G 129 40.91 9.50 -14.06
N LEU G 130 40.21 10.48 -13.51
CA LEU G 130 38.91 10.22 -12.88
C LEU G 130 37.81 10.19 -13.94
N GLN G 131 37.77 9.08 -14.68
CA GLN G 131 36.79 8.87 -15.73
C GLN G 131 36.15 7.50 -15.54
N ALA G 132 34.87 7.42 -15.93
CA ALA G 132 34.13 6.16 -15.77
C ALA G 132 34.78 5.06 -16.58
N GLY G 133 34.88 3.88 -15.97
CA GLY G 133 35.54 2.75 -16.58
C GLY G 133 37.00 2.60 -16.21
N TYR G 134 37.69 3.69 -15.89
CA TYR G 134 39.06 3.59 -15.41
C TYR G 134 39.06 2.98 -14.01
N LYS G 135 40.02 2.08 -13.75
CA LYS G 135 40.09 1.36 -12.50
C LYS G 135 41.08 2.00 -11.54
N GLY G 136 40.70 2.07 -10.27
CA GLY G 136 41.60 2.41 -9.19
C GLY G 136 41.76 1.21 -8.26
N ARG G 137 42.50 1.44 -7.18
CA ARG G 137 42.84 0.36 -6.25
C ARG G 137 42.48 0.78 -4.83
N VAL G 138 41.82 -0.13 -4.10
CA VAL G 138 41.41 0.11 -2.72
C VAL G 138 42.07 -0.93 -1.82
N THR G 139 42.60 -0.47 -0.69
CA THR G 139 43.32 -1.30 0.26
C THR G 139 42.74 -1.14 1.65
N GLY G 140 42.79 -2.21 2.44
CA GLY G 140 42.26 -2.10 3.80
C GLY G 140 42.34 -3.41 4.55
N TRP G 141 42.10 -3.30 5.85
CA TRP G 141 42.07 -4.44 6.77
C TRP G 141 40.65 -4.77 7.23
N GLY G 142 39.64 -4.25 6.54
CA GLY G 142 38.25 -4.42 6.95
C GLY G 142 37.66 -5.75 6.52
N ASN G 143 36.34 -5.84 6.67
CA ASN G 143 35.63 -7.11 6.52
C ASN G 143 35.78 -7.68 5.12
N LEU G 144 35.88 -9.01 5.04
CA LEU G 144 35.99 -9.73 3.78
C LEU G 144 34.64 -10.00 3.12
N LYS G 145 33.55 -9.82 3.85
CA LYS G 145 32.22 -10.03 3.33
C LYS G 145 31.26 -9.22 4.20
N GLU G 146 30.10 -8.88 3.64
CA GLU G 146 29.11 -8.17 4.44
C GLU G 146 28.52 -9.07 5.52
N THR G 147 28.14 -10.30 5.16
CA THR G 147 27.51 -11.25 6.07
C THR G 147 28.22 -12.59 5.97
N TRP G 148 28.01 -13.42 7.00
CA TRP G 148 28.74 -14.69 7.07
C TRP G 148 28.29 -15.66 5.97
N THR G 149 27.04 -15.58 5.53
CA THR G 149 26.53 -16.50 4.52
C THR G 149 26.98 -16.15 3.10
N ALA G 150 27.54 -14.96 2.89
CA ALA G 150 27.95 -14.56 1.54
C ALA G 150 29.16 -15.31 1.03
N ASN G 151 29.92 -15.95 1.93
CA ASN G 151 31.08 -16.76 1.56
C ASN G 151 31.49 -17.58 2.77
N VAL G 152 32.21 -18.67 2.51
CA VAL G 152 32.56 -19.63 3.56
C VAL G 152 33.92 -19.26 4.17
N GLY G 153 34.43 -18.07 3.84
CA GLY G 153 35.67 -17.58 4.40
C GLY G 153 35.46 -16.88 5.74
N LYS G 154 36.58 -16.45 6.32
CA LYS G 154 36.53 -15.76 7.60
C LYS G 154 36.05 -14.33 7.43
N GLY G 155 35.81 -13.65 8.54
CA GLY G 155 35.25 -12.32 8.52
C GLY G 155 36.29 -11.23 8.35
N GLN G 156 37.43 -11.37 9.01
CA GLN G 156 38.48 -10.38 8.92
C GLN G 156 39.76 -11.02 8.41
N PRO G 157 40.57 -10.27 7.67
CA PRO G 157 41.79 -10.85 7.10
C PRO G 157 42.93 -10.83 8.09
N SER G 158 43.91 -11.68 7.85
CA SER G 158 45.13 -11.60 8.64
C SER G 158 46.08 -10.53 8.12
N VAL G 159 45.90 -10.12 6.87
CA VAL G 159 46.89 -9.35 6.13
C VAL G 159 46.15 -8.32 5.28
N LEU G 160 46.82 -7.19 5.01
CA LEU G 160 46.22 -6.13 4.20
C LEU G 160 45.68 -6.66 2.88
N GLN G 161 44.49 -6.21 2.51
CA GLN G 161 43.81 -6.65 1.29
C GLN G 161 43.80 -5.54 0.26
N VAL G 162 43.78 -5.95 -1.02
CA VAL G 162 43.79 -5.02 -2.15
C VAL G 162 42.77 -5.50 -3.18
N VAL G 163 42.07 -4.55 -3.81
CA VAL G 163 41.15 -4.88 -4.90
C VAL G 163 41.12 -3.71 -5.86
N ASN G 164 41.06 -4.01 -7.16
CA ASN G 164 40.91 -3.00 -8.20
C ASN G 164 39.46 -2.91 -8.64
N LEU G 165 38.96 -1.68 -8.79
CA LEU G 165 37.54 -1.43 -9.07
C LEU G 165 37.38 -0.29 -10.06
N PRO G 166 36.39 -0.38 -10.97
CA PRO G 166 36.20 0.69 -11.95
C PRO G 166 35.36 1.84 -11.41
N ILE G 167 35.77 3.05 -11.79
CA ILE G 167 34.97 4.24 -11.53
C ILE G 167 33.67 4.17 -12.33
N VAL G 168 32.58 4.62 -11.71
CA VAL G 168 31.25 4.48 -12.27
C VAL G 168 30.74 5.84 -12.71
N GLU G 169 30.01 5.88 -13.84
CA GLU G 169 29.38 7.10 -14.32
C GLU G 169 28.50 7.72 -13.24
N ARG G 170 28.58 9.04 -13.11
CA ARG G 170 27.79 9.74 -12.09
C ARG G 170 26.29 9.45 -12.20
N PRO G 171 25.66 9.44 -13.38
CA PRO G 171 24.23 9.08 -13.41
C PRO G 171 23.95 7.69 -12.86
N VAL G 172 24.86 6.74 -13.09
CA VAL G 172 24.69 5.41 -12.53
C VAL G 172 24.85 5.43 -11.02
N CYS G 173 25.86 6.14 -10.51
CA CYS G 173 26.00 6.31 -9.07
C CYS G 173 24.73 6.87 -8.45
N LYS G 174 24.18 7.92 -9.06
CA LYS G 174 23.03 8.61 -8.49
C LYS G 174 21.79 7.70 -8.50
N ASP G 175 21.58 6.93 -9.56
CA ASP G 175 20.41 6.09 -9.68
C ASP G 175 20.48 4.84 -8.82
N SER G 176 21.64 4.53 -8.24
CA SER G 176 21.83 3.31 -7.48
C SER G 176 21.39 3.43 -6.03
N THR G 177 21.00 4.63 -5.58
CA THR G 177 20.73 4.87 -4.18
C THR G 177 19.70 5.98 -4.07
N ARG G 178 18.86 5.87 -3.03
CA ARG G 178 17.93 6.96 -2.71
C ARG G 178 18.62 8.10 -1.96
N ILE G 179 19.86 7.89 -1.49
CA ILE G 179 20.60 8.93 -0.80
C ILE G 179 21.03 10.00 -1.80
N ARG G 180 20.92 11.27 -1.42
CA ARG G 180 21.33 12.38 -2.26
C ARG G 180 22.86 12.43 -2.37
N ILE G 181 23.37 12.25 -3.58
CA ILE G 181 24.80 12.25 -3.86
C ILE G 181 25.24 13.68 -4.14
N THR G 182 26.50 14.02 -3.84
CA THR G 182 27.04 15.31 -4.22
C THR G 182 28.25 15.15 -5.12
N ASP G 183 28.71 16.27 -5.67
CA ASP G 183 29.91 16.29 -6.51
C ASP G 183 31.17 16.01 -5.72
N ASN G 184 31.13 16.04 -4.39
CA ASN G 184 32.31 15.79 -3.56
C ASN G 184 32.50 14.32 -3.23
N MET G 185 31.77 13.44 -3.91
CA MET G 185 31.98 12.01 -3.79
C MET G 185 31.85 11.40 -5.18
N PHE G 186 32.53 10.28 -5.38
CA PHE G 186 32.35 9.47 -6.57
C PHE G 186 32.17 8.03 -6.13
N CYS G 187 31.63 7.20 -7.01
CA CYS G 187 31.40 5.81 -6.67
C CYS G 187 32.16 4.89 -7.62
N ALA G 188 32.49 3.70 -7.13
CA ALA G 188 33.26 2.73 -7.89
C ALA G 188 32.76 1.33 -7.56
N GLY G 189 33.04 0.40 -8.47
CA GLY G 189 32.58 -0.96 -8.37
C GLY G 189 32.03 -1.44 -9.70
N TYR G 190 31.85 -2.77 -9.78
CA TYR G 190 31.32 -3.39 -10.99
C TYR G 190 29.81 -3.39 -10.97
N LYS G 191 29.21 -3.28 -12.17
CA LYS G 191 27.80 -3.52 -12.36
C LYS G 191 27.53 -5.02 -12.44
N PRO G 192 26.30 -5.45 -12.20
CA PRO G 192 26.01 -6.90 -12.31
C PRO G 192 26.36 -7.51 -13.66
N ASP G 193 26.06 -6.83 -14.77
CA ASP G 193 26.36 -7.47 -16.05
C ASP G 193 27.84 -7.49 -16.39
N GLU G 194 28.71 -6.93 -15.54
CA GLU G 194 30.15 -7.05 -15.75
C GLU G 194 30.71 -8.32 -15.13
N GLY G 195 29.94 -9.03 -14.32
CA GLY G 195 30.36 -10.32 -13.75
C GLY G 195 31.28 -10.27 -12.55
N LYS G 196 32.31 -9.42 -12.61
CA LYS G 196 33.28 -9.34 -11.53
C LYS G 196 32.69 -8.62 -10.32
N ARG G 197 33.35 -8.78 -9.17
CA ARG G 197 32.84 -8.32 -7.89
C ARG G 197 33.96 -7.64 -7.14
N GLY G 198 33.63 -7.06 -6.00
CA GLY G 198 34.61 -6.36 -5.18
C GLY G 198 34.04 -5.07 -4.62
N ASP G 199 34.52 -4.70 -3.43
CA ASP G 199 34.03 -3.53 -2.73
C ASP G 199 34.90 -3.33 -1.50
N ALA G 200 34.86 -2.10 -0.97
CA ALA G 200 35.29 -1.86 0.39
C ALA G 200 34.16 -2.24 1.34
N CYS G 201 34.53 -2.53 2.59
CA CYS G 201 33.56 -2.92 3.60
C CYS G 201 33.93 -2.24 4.91
N GLU G 202 33.12 -2.48 5.94
CA GLU G 202 33.36 -1.82 7.22
C GLU G 202 34.72 -2.21 7.78
N GLY G 203 35.45 -1.23 8.30
CA GLY G 203 36.84 -1.36 8.66
C GLY G 203 37.79 -0.85 7.60
N ASP G 204 37.31 -0.62 6.38
CA ASP G 204 38.13 -0.08 5.30
C ASP G 204 38.03 1.42 5.16
N SER G 205 37.06 2.06 5.81
CA SER G 205 36.87 3.49 5.63
C SER G 205 38.10 4.26 6.09
N GLY G 206 38.33 5.41 5.46
CA GLY G 206 39.51 6.18 5.68
C GLY G 206 40.68 5.84 4.78
N GLY G 207 40.71 4.64 4.22
CA GLY G 207 41.80 4.21 3.36
C GLY G 207 41.68 4.78 1.97
N PRO G 208 42.77 4.65 1.20
CA PRO G 208 42.87 5.34 -0.08
C PRO G 208 42.34 4.55 -1.28
N PHE G 209 41.80 5.30 -2.23
CA PHE G 209 41.49 4.85 -3.58
C PHE G 209 42.56 5.49 -4.46
N VAL G 210 43.49 4.68 -4.97
CA VAL G 210 44.65 5.20 -5.68
C VAL G 210 44.61 4.76 -7.13
N MET G 211 45.30 5.51 -7.98
CA MET G 211 45.39 5.24 -9.40
C MET G 211 46.83 5.45 -9.85
N LYS G 212 47.29 4.62 -10.78
CA LYS G 212 48.65 4.76 -11.32
C LYS G 212 48.58 5.51 -12.64
N SER G 213 49.18 6.69 -12.67
CA SER G 213 49.19 7.51 -13.88
C SER G 213 49.97 6.80 -14.98
N PRO G 214 49.41 6.68 -16.19
CA PRO G 214 50.21 6.16 -17.31
C PRO G 214 51.20 7.15 -17.87
N PHE G 215 51.17 8.40 -17.42
CA PHE G 215 52.02 9.45 -17.96
C PHE G 215 53.35 9.56 -17.21
N ASN G 216 53.33 9.50 -15.87
CA ASN G 216 54.57 9.58 -15.10
C ASN G 216 54.76 8.39 -14.15
N ASN G 217 53.98 7.32 -14.31
CA ASN G 217 54.15 6.08 -13.55
C ASN G 217 54.03 6.29 -12.05
N ARG G 218 53.40 7.38 -11.61
CA ARG G 218 53.23 7.66 -10.20
C ARG G 218 51.82 7.31 -9.74
N TRP G 219 51.71 6.91 -8.49
CA TRP G 219 50.43 6.60 -7.89
C TRP G 219 49.83 7.84 -7.23
N TYR G 220 48.57 8.10 -7.52
CA TYR G 220 47.83 9.25 -7.02
C TYR G 220 46.63 8.80 -6.21
N GLN G 221 46.38 9.45 -5.08
CA GLN G 221 45.19 9.15 -4.29
C GLN G 221 44.04 10.01 -4.77
N MET G 222 43.04 9.39 -5.39
CA MET G 222 41.87 10.09 -5.89
C MET G 222 40.72 10.09 -4.90
N GLY G 223 40.66 9.11 -4.01
CA GLY G 223 39.51 8.98 -3.15
C GLY G 223 39.86 8.47 -1.77
N ILE G 224 38.90 8.63 -0.86
CA ILE G 224 38.95 8.07 0.49
C ILE G 224 37.71 7.20 0.66
N VAL G 225 37.90 5.98 1.16
CA VAL G 225 36.76 5.10 1.43
C VAL G 225 35.83 5.79 2.41
N SER G 226 34.57 6.00 2.00
CA SER G 226 33.63 6.75 2.83
C SER G 226 32.45 5.87 3.26
N TRP G 227 31.58 5.47 2.34
CA TRP G 227 30.33 4.86 2.77
C TRP G 227 29.75 3.97 1.67
N GLY G 228 28.73 3.20 2.05
CA GLY G 228 28.00 2.40 1.10
C GLY G 228 26.78 1.78 1.75
N GLU G 229 26.03 1.04 0.95
CA GLU G 229 24.85 0.33 1.42
C GLU G 229 25.19 -1.16 1.36
N GLY G 230 25.57 -1.72 2.51
CA GLY G 230 26.14 -3.04 2.48
C GLY G 230 27.48 -3.05 1.77
N CYS G 231 27.95 -4.25 1.44
CA CYS G 231 29.23 -4.44 0.78
C CYS G 231 29.06 -5.44 -0.36
N ASP G 232 29.51 -5.06 -1.55
CA ASP G 232 29.49 -5.95 -2.72
C ASP G 232 28.07 -6.44 -3.03
N ARG G 233 27.09 -5.54 -2.91
CA ARG G 233 25.71 -5.83 -3.29
C ARG G 233 25.49 -5.52 -4.75
N ASP G 234 24.75 -6.39 -5.43
CA ASP G 234 24.40 -6.17 -6.83
C ASP G 234 23.60 -4.87 -6.98
N GLY G 235 24.06 -4.01 -7.88
CA GLY G 235 23.37 -2.75 -8.14
C GLY G 235 23.73 -1.62 -7.21
N LYS G 236 24.66 -1.84 -6.29
CA LYS G 236 25.16 -0.82 -5.37
C LYS G 236 26.65 -0.63 -5.58
N TYR G 237 27.18 0.45 -5.03
CA TYR G 237 28.56 0.82 -5.25
C TYR G 237 29.13 1.40 -3.96
N GLY G 238 30.45 1.35 -3.84
CA GLY G 238 31.13 2.05 -2.77
C GLY G 238 31.29 3.52 -3.13
N PHE G 239 31.16 4.39 -2.13
CA PHE G 239 31.29 5.82 -2.34
C PHE G 239 32.57 6.32 -1.69
N TYR G 240 33.23 7.26 -2.37
CA TYR G 240 34.57 7.71 -2.01
C TYR G 240 34.60 9.23 -2.02
N THR G 241 35.20 9.81 -1.00
CA THR G 241 35.42 11.26 -0.98
C THR G 241 36.31 11.67 -2.15
N HIS G 242 35.91 12.74 -2.84
CA HIS G 242 36.60 13.25 -4.02
C HIS G 242 37.77 14.13 -3.57
N VAL G 243 38.97 13.56 -3.55
CA VAL G 243 40.10 14.23 -2.91
C VAL G 243 40.47 15.51 -3.63
N PHE G 244 40.48 15.51 -4.97
CA PHE G 244 40.91 16.72 -5.66
C PHE G 244 39.99 17.89 -5.36
N ARG G 245 38.67 17.64 -5.30
CA ARG G 245 37.75 18.75 -5.09
C ARG G 245 37.97 19.44 -3.75
N LEU G 246 38.56 18.74 -2.79
CA LEU G 246 38.86 19.30 -1.48
C LEU G 246 40.33 19.64 -1.31
N LYS G 247 41.11 19.59 -2.40
CA LYS G 247 42.56 19.72 -2.27
C LYS G 247 42.97 21.12 -1.78
N LYS G 248 42.21 22.16 -2.13
CA LYS G 248 42.58 23.50 -1.68
C LYS G 248 42.46 23.61 -0.16
N TRP G 249 41.47 22.94 0.44
CA TRP G 249 41.42 22.88 1.89
C TRP G 249 42.62 22.11 2.44
N ILE G 250 42.99 21.01 1.79
CA ILE G 250 44.16 20.24 2.22
C ILE G 250 45.40 21.12 2.23
N GLN G 251 45.63 21.84 1.12
CA GLN G 251 46.83 22.67 1.01
C GLN G 251 46.82 23.82 2.01
N LYS G 252 45.63 24.31 2.38
CA LYS G 252 45.58 25.44 3.31
C LYS G 252 46.01 25.02 4.70
N VAL G 253 45.49 23.89 5.21
CA VAL G 253 45.90 23.49 6.55
C VAL G 253 47.38 23.11 6.57
N ILE G 254 47.87 22.49 5.50
CA ILE G 254 49.27 22.08 5.44
C ILE G 254 50.18 23.31 5.38
N ASP G 255 49.83 24.30 4.55
CA ASP G 255 50.68 25.47 4.37
C ASP G 255 50.65 26.42 5.55
N GLN G 256 49.72 26.26 6.50
CA GLN G 256 49.67 27.13 7.66
C GLN G 256 50.39 26.51 8.85
N ALA H 7 -15.02 34.79 27.87
CA ALA H 7 -15.06 35.76 28.96
C ALA H 7 -14.51 37.10 28.51
N ASP H 8 -13.48 37.05 27.66
CA ASP H 8 -12.93 38.23 27.01
C ASP H 8 -13.41 38.38 25.56
N CYS H 9 -14.36 37.54 25.15
CA CYS H 9 -14.73 37.42 23.74
C CYS H 9 -15.25 38.76 23.19
N GLY H 10 -15.14 38.91 21.88
CA GLY H 10 -15.75 40.00 21.18
C GLY H 10 -15.09 41.36 21.34
N LEU H 11 -13.96 41.44 22.04
CA LEU H 11 -13.23 42.70 22.21
C LEU H 11 -11.89 42.58 21.49
N ARG H 12 -11.76 43.28 20.37
CA ARG H 12 -10.59 43.12 19.53
C ARG H 12 -9.38 43.82 20.16
N PRO H 13 -8.24 43.14 20.25
CA PRO H 13 -7.05 43.77 20.87
C PRO H 13 -6.61 45.06 20.18
N LEU H 14 -6.83 45.18 18.87
CA LEU H 14 -6.36 46.34 18.13
C LEU H 14 -7.43 47.41 17.94
N PHE H 15 -8.62 47.24 18.52
CA PHE H 15 -9.66 48.24 18.33
C PHE H 15 -10.36 48.58 19.65
N GLU H 16 -11.28 47.72 20.10
CA GLU H 16 -12.00 48.01 21.34
C GLU H 16 -11.04 48.19 22.51
N LYS H 17 -10.03 47.31 22.61
CA LYS H 17 -9.12 47.36 23.75
C LYS H 17 -8.15 48.54 23.69
N LYS H 18 -8.03 49.20 22.54
CA LYS H 18 -7.24 50.40 22.40
C LYS H 18 -8.10 51.65 22.20
N SER H 19 -9.42 51.52 22.38
CA SER H 19 -10.35 52.63 22.21
C SER H 19 -10.27 53.21 20.79
N LEU H 20 -10.12 52.32 19.81
CA LEU H 20 -10.07 52.70 18.40
C LEU H 20 -11.23 52.06 17.65
N GLU H 21 -11.78 52.79 16.69
CA GLU H 21 -12.84 52.28 15.82
C GLU H 21 -12.26 51.90 14.48
N ASP H 22 -12.85 50.86 13.87
CA ASP H 22 -12.49 50.56 12.50
C ASP H 22 -13.27 51.46 11.56
N LYS H 23 -12.96 51.37 10.26
CA LYS H 23 -13.43 52.37 9.32
C LYS H 23 -14.91 52.27 8.98
N THR H 24 -15.57 51.13 9.23
CA THR H 24 -16.98 51.01 8.86
C THR H 24 -17.90 50.57 9.99
N GLU H 25 -17.39 50.34 11.20
CA GLU H 25 -18.28 49.89 12.27
C GLU H 25 -19.33 50.92 12.61
N ARG H 26 -19.11 52.18 12.24
CA ARG H 26 -20.11 53.21 12.53
C ARG H 26 -21.37 53.00 11.71
N GLU H 27 -21.25 52.43 10.50
CA GLU H 27 -22.44 52.09 9.72
C GLU H 27 -23.31 51.07 10.45
N LEU H 28 -22.70 50.16 11.21
CA LEU H 28 -23.49 49.19 11.97
C LEU H 28 -24.29 49.87 13.07
N LEU H 29 -23.64 50.73 13.85
CA LEU H 29 -24.34 51.48 14.90
C LEU H 29 -25.47 52.32 14.31
N GLU H 30 -25.22 53.00 13.19
CA GLU H 30 -26.27 53.79 12.56
C GLU H 30 -27.49 52.95 12.16
N SER H 31 -27.28 51.70 11.78
CA SER H 31 -28.40 50.87 11.33
C SER H 31 -29.39 50.59 12.45
N TYR H 32 -28.97 50.73 13.72
CA TYR H 32 -29.90 50.54 14.83
C TYR H 32 -30.86 51.70 14.97
N ILE H 33 -30.55 52.85 14.39
CA ILE H 33 -31.38 54.05 14.50
C ILE H 33 -32.29 54.18 13.29
N ILE I 1 -16.50 37.62 -1.17
CA ILE I 1 -17.20 38.85 -0.79
C ILE I 1 -17.29 39.80 -1.99
N VAL I 2 -18.52 40.12 -2.39
CA VAL I 2 -18.77 41.09 -3.45
C VAL I 2 -19.05 42.44 -2.81
N GLU I 3 -18.49 43.50 -3.42
CA GLU I 3 -18.69 44.88 -2.98
C GLU I 3 -18.14 45.11 -1.57
N GLY I 4 -17.09 44.38 -1.22
CA GLY I 4 -16.42 44.56 0.04
C GLY I 4 -15.18 45.43 -0.09
N SER I 5 -14.39 45.43 0.98
CA SER I 5 -13.12 46.14 0.99
C SER I 5 -12.11 45.32 1.77
N ASP I 6 -10.83 45.62 1.56
CA ASP I 6 -9.77 45.00 2.34
C ASP I 6 -10.03 45.19 3.82
N ALA I 7 -9.93 44.10 4.58
CA ALA I 7 -10.03 44.20 6.02
C ALA I 7 -8.85 45.00 6.57
N GLU I 8 -9.09 45.70 7.68
CA GLU I 8 -7.97 46.28 8.40
C GLU I 8 -7.26 45.18 9.18
N ILE I 9 -5.99 45.45 9.55
CA ILE I 9 -5.24 44.49 10.35
C ILE I 9 -5.94 44.32 11.69
N GLY I 10 -6.14 43.06 12.10
CA GLY I 10 -6.82 42.78 13.34
C GLY I 10 -8.29 43.13 13.37
N MET I 11 -8.90 43.40 12.22
CA MET I 11 -10.30 43.83 12.17
C MET I 11 -11.24 42.68 12.50
N SER I 12 -10.83 41.44 12.20
CA SER I 12 -11.66 40.26 12.41
C SER I 12 -10.79 39.14 12.97
N PRO I 13 -10.31 39.31 14.21
CA PRO I 13 -9.32 38.36 14.75
C PRO I 13 -9.89 36.97 15.05
N TRP I 14 -11.21 36.80 14.99
CA TRP I 14 -11.84 35.49 15.10
C TRP I 14 -11.90 34.75 13.76
N GLN I 15 -11.54 35.41 12.66
CA GLN I 15 -11.60 34.77 11.35
C GLN I 15 -10.64 33.59 11.27
N VAL I 16 -11.13 32.47 10.75
CA VAL I 16 -10.36 31.25 10.64
C VAL I 16 -10.44 30.76 9.20
N MET I 17 -9.32 30.29 8.67
CA MET I 17 -9.30 29.64 7.36
C MET I 17 -9.26 28.14 7.57
N LEU I 18 -10.30 27.45 7.14
CA LEU I 18 -10.30 25.99 7.12
C LEU I 18 -9.55 25.52 5.88
N PHE I 19 -8.54 24.69 6.09
CA PHE I 19 -7.52 24.42 5.09
C PHE I 19 -7.36 22.92 4.88
N ARG I 20 -7.29 22.51 3.62
CA ARG I 20 -7.01 21.12 3.25
C ARG I 20 -5.50 20.89 3.22
N LYS I 21 -5.05 19.81 3.88
CA LYS I 21 -3.61 19.56 3.98
C LYS I 21 -3.00 19.22 2.63
N SER I 22 -3.63 18.31 1.91
CA SER I 22 -3.09 17.82 0.64
C SER I 22 -4.24 17.47 -0.29
N PRO I 23 -4.37 18.16 -1.44
CA PRO I 23 -3.55 19.32 -1.82
C PRO I 23 -3.84 20.52 -0.94
N GLN I 24 -2.85 21.40 -0.80
CA GLN I 24 -2.99 22.59 0.04
C GLN I 24 -4.00 23.54 -0.59
N GLU I 25 -5.19 23.64 0.00
CA GLU I 25 -6.25 24.46 -0.57
C GLU I 25 -7.04 25.12 0.54
N LEU I 26 -7.45 26.36 0.30
CA LEU I 26 -8.52 26.94 1.08
C LEU I 26 -9.79 26.12 0.88
N LEU I 27 -10.38 25.68 1.98
CA LEU I 27 -11.65 24.97 1.92
C LEU I 27 -12.82 25.88 2.26
N CYS I 28 -12.75 26.57 3.39
CA CYS I 28 -13.87 27.36 3.88
C CYS I 28 -13.36 28.44 4.81
N GLY I 29 -14.26 29.37 5.12
CA GLY I 29 -14.07 30.20 6.28
C GLY I 29 -14.59 29.52 7.53
N ALA I 30 -14.30 30.14 8.67
CA ALA I 30 -14.70 29.60 9.96
C ALA I 30 -14.46 30.70 10.98
N SER I 31 -14.85 30.44 12.22
CA SER I 31 -14.72 31.45 13.27
C SER I 31 -14.23 30.82 14.57
N LEU I 32 -13.40 31.55 15.29
CA LEU I 32 -12.87 31.13 16.57
C LEU I 32 -13.84 31.57 17.67
N ILE I 33 -14.35 30.61 18.45
CA ILE I 33 -15.26 30.92 19.55
C ILE I 33 -14.65 30.64 20.92
N SER I 34 -13.49 29.99 20.98
CA SER I 34 -12.73 29.83 22.22
C SER I 34 -11.32 29.45 21.82
N ASP I 35 -10.46 29.18 22.82
CA ASP I 35 -9.09 28.83 22.50
C ASP I 35 -8.97 27.45 21.86
N ARG I 36 -10.05 26.67 21.77
CA ARG I 36 -9.95 25.34 21.18
C ARG I 36 -11.20 24.91 20.41
N TRP I 37 -12.14 25.81 20.13
CA TRP I 37 -13.34 25.45 19.39
C TRP I 37 -13.52 26.40 18.21
N VAL I 38 -13.80 25.83 17.04
CA VAL I 38 -13.95 26.58 15.81
C VAL I 38 -15.29 26.23 15.17
N LEU I 39 -16.03 27.25 14.75
CA LEU I 39 -17.36 27.09 14.16
C LEU I 39 -17.28 27.27 12.65
N THR I 40 -18.04 26.45 11.91
CA THR I 40 -18.06 26.53 10.46
C THR I 40 -19.39 25.96 9.96
N ALA I 41 -19.51 25.87 8.63
CA ALA I 41 -20.67 25.28 7.99
C ALA I 41 -20.48 23.77 7.83
N ALA I 42 -21.58 23.03 7.96
CA ALA I 42 -21.51 21.58 7.84
C ALA I 42 -21.10 21.15 6.43
N HIS I 43 -21.55 21.89 5.41
CA HIS I 43 -21.27 21.48 4.04
C HIS I 43 -19.78 21.59 3.70
N CYS I 44 -19.00 22.32 4.52
CA CYS I 44 -17.56 22.35 4.32
C CYS I 44 -16.93 20.99 4.59
N LEU I 45 -17.55 20.18 5.45
CA LEU I 45 -17.03 18.87 5.80
C LEU I 45 -17.77 17.72 5.16
N LEU I 46 -19.05 17.89 4.85
CA LEU I 46 -19.89 16.82 4.32
C LEU I 46 -20.87 17.43 3.33
N TYR I 47 -20.66 17.16 2.04
CA TYR I 47 -21.59 17.59 1.00
C TYR I 47 -21.68 16.49 -0.05
N PRO I 48 -22.55 15.51 0.17
CA PRO I 48 -22.62 14.34 -0.73
C PRO I 48 -22.94 14.70 -2.18
N PRO I 49 -23.74 15.74 -2.48
CA PRO I 49 -23.99 16.03 -3.91
C PRO I 49 -22.73 16.25 -4.71
N TRP I 50 -21.68 16.79 -4.11
CA TRP I 50 -20.41 16.99 -4.80
C TRP I 50 -19.36 16.00 -4.33
N ASP I 51 -19.78 14.94 -3.66
CA ASP I 51 -18.89 13.87 -3.17
C ASP I 51 -17.81 14.43 -2.25
N LYS I 52 -18.22 15.28 -1.32
CA LYS I 52 -17.31 15.90 -0.36
C LYS I 52 -17.52 15.25 1.00
N ASN I 53 -16.42 14.89 1.65
CA ASN I 53 -16.47 14.14 2.89
C ASN I 53 -15.09 14.14 3.55
N PHE I 54 -14.81 15.14 4.38
CA PHE I 54 -13.52 15.27 5.04
C PHE I 54 -13.61 14.80 6.48
N THR I 55 -12.52 14.21 6.96
CA THR I 55 -12.39 13.86 8.37
C THR I 55 -11.33 14.75 9.02
N GLU I 56 -11.12 14.51 10.32
CA GLU I 56 -10.22 15.34 11.12
C GLU I 56 -8.84 15.42 10.50
N ASN I 57 -8.31 14.28 10.03
CA ASN I 57 -6.92 14.23 9.57
C ASN I 57 -6.71 14.93 8.24
N ASP I 58 -7.77 15.24 7.49
CA ASP I 58 -7.61 15.86 6.18
C ASP I 58 -7.38 17.36 6.25
N LEU I 59 -7.73 18.00 7.36
CA LEU I 59 -7.80 19.45 7.38
C LEU I 59 -6.98 20.03 8.53
N LEU I 60 -6.73 21.33 8.44
CA LEU I 60 -6.17 22.11 9.53
C LEU I 60 -6.81 23.49 9.49
N VAL I 61 -6.64 24.25 10.57
CA VAL I 61 -7.16 25.61 10.63
C VAL I 61 -5.99 26.57 10.66
N ARG I 62 -6.18 27.72 10.02
CA ARG I 62 -5.20 28.79 9.99
C ARG I 62 -5.84 30.02 10.60
N ILE I 63 -5.29 30.49 11.71
CA ILE I 63 -5.90 31.53 12.53
C ILE I 63 -4.96 32.73 12.55
N GLY I 64 -5.54 33.94 12.52
CA GLY I 64 -4.76 35.15 12.50
C GLY I 64 -4.33 35.59 11.12
N LYS I 65 -4.95 35.08 10.06
CA LYS I 65 -4.51 35.34 8.70
C LYS I 65 -5.08 36.65 8.17
N HIS I 66 -4.37 37.21 7.20
CA HIS I 66 -4.86 38.36 6.46
C HIS I 66 -4.75 38.07 4.97
N SER I 67 -3.53 37.75 4.52
CA SER I 67 -3.32 37.33 3.15
C SER I 67 -4.06 36.02 2.87
N ARG I 68 -4.57 35.90 1.64
CA ARG I 68 -5.25 34.66 1.27
C ARG I 68 -4.26 33.55 0.97
N THR I 69 -3.13 33.89 0.36
CA THR I 69 -2.20 32.91 -0.21
C THR I 69 -0.90 32.75 0.55
N ARG I 70 -0.40 33.80 1.19
CA ARG I 70 0.92 33.74 1.81
C ARG I 70 0.86 33.01 3.16
N TYR I 71 1.90 32.24 3.45
CA TYR I 71 2.11 31.81 4.83
C TYR I 71 2.63 32.99 5.63
N GLU I 72 1.84 33.45 6.60
CA GLU I 72 2.16 34.71 7.29
C GLU I 72 3.00 34.42 8.52
N ARG I 73 4.29 34.27 8.28
CA ARG I 73 5.26 33.91 9.31
C ARG I 73 5.16 34.85 10.51
N ASN I 74 5.22 34.27 11.71
CA ASN I 74 5.19 34.97 12.99
C ASN I 74 3.87 35.68 13.25
N ILE I 75 2.84 35.42 12.47
CA ILE I 75 1.53 36.03 12.72
C ILE I 75 0.47 34.94 12.78
N GLU I 76 0.26 34.22 11.69
CA GLU I 76 -0.76 33.18 11.69
C GLU I 76 -0.31 31.97 12.50
N LYS I 77 -1.29 31.29 13.10
CA LYS I 77 -1.05 30.07 13.85
C LYS I 77 -1.89 28.95 13.24
N ILE I 78 -1.29 27.78 13.10
CA ILE I 78 -1.99 26.63 12.52
C ILE I 78 -2.23 25.59 13.61
N SER I 79 -3.35 24.91 13.49
CA SER I 79 -3.73 23.88 14.45
C SER I 79 -4.32 22.70 13.72
N MET I 80 -3.99 21.50 14.19
CA MET I 80 -4.66 20.32 13.67
C MET I 80 -6.00 20.14 14.37
N LEU I 81 -6.82 19.25 13.82
CA LEU I 81 -8.16 19.00 14.33
C LEU I 81 -8.16 17.72 15.14
N GLU I 82 -8.84 17.75 16.28
CA GLU I 82 -9.03 16.54 17.09
C GLU I 82 -10.32 15.81 16.73
N LYS I 83 -11.42 16.54 16.57
CA LYS I 83 -12.70 15.92 16.31
C LYS I 83 -13.62 16.92 15.61
N ILE I 84 -14.43 16.41 14.68
CA ILE I 84 -15.44 17.20 13.97
C ILE I 84 -16.80 16.81 14.50
N TYR I 85 -17.66 17.80 14.71
CA TYR I 85 -19.04 17.56 15.14
C TYR I 85 -19.98 18.26 14.16
N ILE I 86 -20.67 17.48 13.34
CA ILE I 86 -21.68 17.99 12.44
C ILE I 86 -23.04 17.86 13.11
N HIS I 87 -23.91 18.85 12.92
CA HIS I 87 -25.24 18.79 13.53
C HIS I 87 -25.96 17.54 13.03
N PRO I 88 -26.54 16.73 13.93
CA PRO I 88 -27.17 15.47 13.50
C PRO I 88 -28.35 15.65 12.57
N ARG I 89 -29.03 16.80 12.60
CA ARG I 89 -30.17 17.05 11.73
C ARG I 89 -29.81 17.90 10.51
N TYR I 90 -28.51 18.09 10.26
CA TYR I 90 -28.04 18.76 9.05
C TYR I 90 -28.62 18.09 7.81
N ASN I 91 -29.25 18.90 6.96
CA ASN I 91 -30.00 18.38 5.81
C ASN I 91 -29.53 19.09 4.54
N TRP I 92 -28.64 18.43 3.80
CA TRP I 92 -28.12 18.97 2.54
C TRP I 92 -29.03 18.70 1.36
N ARG I 93 -30.00 17.79 1.51
CA ARG I 93 -30.77 17.33 0.36
C ARG I 93 -31.65 18.42 -0.23
N GLU I 94 -32.15 19.35 0.59
CA GLU I 94 -33.12 20.33 0.12
C GLU I 94 -32.65 21.77 0.35
N ASN I 95 -32.55 22.23 1.60
CA ASN I 95 -32.35 23.65 1.86
C ASN I 95 -31.15 23.94 2.76
N LEU I 96 -30.28 22.96 3.00
CA LEU I 96 -29.12 23.15 3.88
C LEU I 96 -29.55 23.61 5.27
N ASP I 97 -30.67 23.06 5.74
CA ASP I 97 -31.14 23.34 7.09
C ASP I 97 -30.14 22.83 8.12
N ARG I 98 -29.87 23.66 9.13
CA ARG I 98 -28.93 23.33 10.20
C ARG I 98 -27.52 23.06 9.64
N ASP I 99 -27.09 23.96 8.77
CA ASP I 99 -25.78 23.90 8.11
C ASP I 99 -24.72 24.45 9.07
N ILE I 100 -24.34 23.62 10.04
CA ILE I 100 -23.43 24.04 11.09
C ILE I 100 -22.58 22.86 11.51
N ALA I 101 -21.34 23.15 11.91
CA ALA I 101 -20.43 22.14 12.41
C ALA I 101 -19.43 22.80 13.35
N LEU I 102 -18.97 22.02 14.34
CA LEU I 102 -17.96 22.45 15.29
C LEU I 102 -16.71 21.59 15.11
N MET I 103 -15.54 22.18 15.33
CA MET I 103 -14.31 21.41 15.30
C MET I 103 -13.47 21.78 16.51
N LYS I 104 -12.99 20.75 17.22
CA LYS I 104 -12.12 20.91 18.37
C LYS I 104 -10.66 20.81 17.93
N LEU I 105 -9.83 21.73 18.41
CA LEU I 105 -8.43 21.76 18.01
C LEU I 105 -7.62 20.78 18.85
N LYS I 106 -6.58 20.22 18.24
CA LYS I 106 -5.70 19.30 18.96
C LYS I 106 -5.08 19.97 20.18
N LYS I 107 -4.62 21.21 20.03
CA LYS I 107 -4.05 21.96 21.15
C LYS I 107 -4.58 23.38 21.13
N PRO I 108 -4.89 23.94 22.31
CA PRO I 108 -5.41 25.32 22.36
C PRO I 108 -4.44 26.31 21.74
N VAL I 109 -5.00 27.30 21.05
CA VAL I 109 -4.21 28.36 20.43
C VAL I 109 -4.09 29.52 21.40
N ALA I 110 -2.92 30.14 21.42
CA ALA I 110 -2.73 31.34 22.23
C ALA I 110 -3.29 32.55 21.50
N PHE I 111 -3.99 33.40 22.24
CA PHE I 111 -4.53 34.62 21.66
C PHE I 111 -3.42 35.64 21.44
N SER I 112 -3.68 36.58 20.54
CA SER I 112 -2.73 37.65 20.22
C SER I 112 -3.51 38.85 19.69
N ASP I 113 -2.79 39.85 19.20
CA ASP I 113 -3.42 40.99 18.55
C ASP I 113 -4.23 40.59 17.32
N TYR I 114 -3.88 39.46 16.71
CA TYR I 114 -4.49 39.01 15.48
C TYR I 114 -5.36 37.76 15.65
N ILE I 115 -5.37 37.18 16.85
CA ILE I 115 -6.10 35.96 17.15
C ILE I 115 -6.92 36.21 18.42
N HIS I 116 -8.26 36.20 18.28
CA HIS I 116 -9.10 36.48 19.45
C HIS I 116 -10.51 35.97 19.19
N PRO I 117 -11.19 35.40 20.18
CA PRO I 117 -12.49 34.78 19.94
C PRO I 117 -13.64 35.75 19.89
N VAL I 118 -14.63 35.42 19.06
CA VAL I 118 -15.88 36.16 18.95
C VAL I 118 -16.87 35.62 19.99
N CYS I 119 -17.81 36.45 20.41
CA CYS I 119 -18.85 35.99 21.33
C CYS I 119 -19.98 35.29 20.57
N LEU I 120 -20.71 34.45 21.30
CA LEU I 120 -21.97 33.87 20.86
C LEU I 120 -23.11 34.46 21.67
N PRO I 121 -24.22 34.80 21.04
CA PRO I 121 -25.28 35.52 21.75
C PRO I 121 -26.11 34.59 22.62
N ASP I 122 -26.69 35.16 23.67
CA ASP I 122 -27.77 34.50 24.39
C ASP I 122 -29.11 34.95 23.81
N ARG I 123 -30.20 34.50 24.42
CA ARG I 123 -31.52 34.81 23.85
C ARG I 123 -31.77 36.31 23.85
N GLU I 124 -31.45 37.00 24.95
CA GLU I 124 -31.69 38.43 25.03
C GLU I 124 -30.90 39.17 23.96
N THR I 125 -29.62 38.86 23.82
CA THR I 125 -28.79 39.53 22.82
C THR I 125 -29.26 39.22 21.41
N ALA I 126 -29.64 37.96 21.15
CA ALA I 126 -30.09 37.58 19.82
C ALA I 126 -31.41 38.24 19.47
N ALA I 127 -32.32 38.35 20.43
CA ALA I 127 -33.61 38.98 20.17
C ALA I 127 -33.47 40.47 19.91
N SER I 128 -32.45 41.11 20.48
CA SER I 128 -32.26 42.54 20.27
C SER I 128 -31.55 42.83 18.95
N LEU I 129 -30.62 41.99 18.56
CA LEU I 129 -29.74 42.29 17.43
C LEU I 129 -30.28 41.75 16.11
N LEU I 130 -30.87 40.55 16.10
CA LEU I 130 -31.31 39.92 14.86
C LEU I 130 -32.66 40.50 14.48
N GLN I 131 -32.63 41.73 13.97
CA GLN I 131 -33.81 42.47 13.57
C GLN I 131 -33.61 43.00 12.16
N ALA I 132 -34.68 42.99 11.37
CA ALA I 132 -34.58 43.43 9.97
C ALA I 132 -34.17 44.90 9.91
N GLY I 133 -33.24 45.20 9.01
CA GLY I 133 -32.70 46.52 8.85
C GLY I 133 -31.41 46.75 9.61
N TYR I 134 -31.20 46.03 10.71
CA TYR I 134 -29.92 46.10 11.40
C TYR I 134 -28.85 45.43 10.56
N LYS I 135 -27.67 46.05 10.50
CA LYS I 135 -26.60 45.57 9.66
C LYS I 135 -25.63 44.70 10.45
N GLY I 136 -25.18 43.61 9.83
CA GLY I 136 -24.07 42.82 10.30
C GLY I 136 -22.91 42.89 9.31
N ARG I 137 -21.85 42.15 9.64
CA ARG I 137 -20.61 42.21 8.88
C ARG I 137 -20.18 40.80 8.51
N VAL I 138 -19.87 40.60 7.23
CA VAL I 138 -19.44 39.30 6.70
C VAL I 138 -18.01 39.44 6.20
N THR I 139 -17.21 38.39 6.40
CA THR I 139 -15.79 38.40 6.04
C THR I 139 -15.43 37.08 5.39
N GLY I 140 -14.46 37.14 4.47
CA GLY I 140 -14.01 35.92 3.82
C GLY I 140 -13.03 36.20 2.71
N TRP I 141 -12.44 35.11 2.22
CA TRP I 141 -11.48 35.14 1.12
C TRP I 141 -12.07 34.66 -0.19
N GLY I 142 -13.41 34.63 -0.29
CA GLY I 142 -14.07 34.06 -1.45
C GLY I 142 -14.13 35.02 -2.64
N ASN I 143 -14.90 34.62 -3.64
CA ASN I 143 -14.95 35.35 -4.90
C ASN I 143 -15.45 36.77 -4.72
N LEU I 144 -14.88 37.68 -5.54
CA LEU I 144 -15.24 39.09 -5.56
C LEU I 144 -16.43 39.38 -6.47
N LYS I 145 -16.79 38.44 -7.34
CA LYS I 145 -17.90 38.57 -8.26
C LYS I 145 -18.43 37.18 -8.55
N GLU I 146 -19.69 37.11 -8.98
CA GLU I 146 -20.24 35.83 -9.43
C GLU I 146 -19.70 35.46 -10.80
N THR I 147 -19.70 36.41 -11.73
CA THR I 147 -19.21 36.23 -13.09
C THR I 147 -18.11 37.23 -13.38
N TRP I 148 -17.34 36.98 -14.44
CA TRP I 148 -16.23 37.87 -14.78
C TRP I 148 -16.73 39.18 -15.37
N THR I 149 -17.77 39.12 -16.21
CA THR I 149 -18.30 40.32 -16.84
C THR I 149 -18.91 41.31 -15.85
N ALA I 150 -19.06 40.94 -14.58
CA ALA I 150 -19.73 41.80 -13.60
C ALA I 150 -18.83 42.93 -13.11
N ASN I 151 -17.52 42.74 -13.10
CA ASN I 151 -16.60 43.79 -12.67
C ASN I 151 -15.30 43.68 -13.44
N VAL I 152 -14.60 44.81 -13.56
CA VAL I 152 -13.29 44.85 -14.19
C VAL I 152 -12.20 44.27 -13.31
N GLY I 153 -12.49 44.03 -12.03
CA GLY I 153 -11.51 43.49 -11.11
C GLY I 153 -11.30 42.00 -11.28
N LYS I 154 -10.42 41.47 -10.43
CA LYS I 154 -10.08 40.06 -10.47
C LYS I 154 -11.13 39.24 -9.73
N GLY I 155 -11.01 37.91 -9.84
CA GLY I 155 -12.00 37.04 -9.24
C GLY I 155 -11.76 36.76 -7.78
N GLN I 156 -10.51 36.69 -7.35
CA GLN I 156 -10.18 36.31 -5.99
C GLN I 156 -9.33 37.37 -5.31
N PRO I 157 -9.54 37.63 -4.04
CA PRO I 157 -8.81 38.72 -3.37
C PRO I 157 -7.44 38.26 -2.93
N SER I 158 -6.53 39.24 -2.79
CA SER I 158 -5.25 38.91 -2.20
C SER I 158 -5.31 38.93 -0.67
N VAL I 159 -6.34 39.56 -0.11
CA VAL I 159 -6.41 39.83 1.32
C VAL I 159 -7.86 39.65 1.76
N LEU I 160 -8.05 39.36 3.04
CA LEU I 160 -9.39 39.18 3.61
C LEU I 160 -10.30 40.37 3.27
N GLN I 161 -11.54 40.06 2.91
CA GLN I 161 -12.51 41.07 2.51
C GLN I 161 -13.61 41.19 3.56
N VAL I 162 -14.21 42.37 3.64
CA VAL I 162 -15.24 42.66 4.62
C VAL I 162 -16.36 43.48 3.96
N VAL I 163 -17.61 43.15 4.29
CA VAL I 163 -18.77 43.89 3.82
C VAL I 163 -19.83 43.91 4.91
N ASN I 164 -20.55 45.04 5.01
CA ASN I 164 -21.65 45.19 5.95
C ASN I 164 -22.97 45.05 5.20
N LEU I 165 -23.91 44.29 5.79
CA LEU I 165 -25.14 43.93 5.08
C LEU I 165 -26.34 43.97 6.02
N PRO I 166 -27.48 44.48 5.55
CA PRO I 166 -28.67 44.55 6.40
C PRO I 166 -29.40 43.21 6.48
N ILE I 167 -29.90 42.91 7.68
CA ILE I 167 -30.78 41.75 7.86
C ILE I 167 -32.11 42.03 7.17
N VAL I 168 -32.69 40.99 6.60
CA VAL I 168 -33.88 41.10 5.75
C VAL I 168 -35.07 40.45 6.45
N GLU I 169 -36.25 41.05 6.29
CA GLU I 169 -37.48 40.48 6.83
C GLU I 169 -37.69 39.06 6.32
N ARG I 170 -38.13 38.17 7.21
CA ARG I 170 -38.38 36.78 6.85
C ARG I 170 -39.32 36.63 5.66
N PRO I 171 -40.47 37.32 5.59
CA PRO I 171 -41.32 37.15 4.39
C PRO I 171 -40.65 37.62 3.11
N VAL I 172 -39.75 38.60 3.19
CA VAL I 172 -39.04 39.02 1.99
C VAL I 172 -38.02 37.96 1.58
N CYS I 173 -37.32 37.37 2.56
CA CYS I 173 -36.43 36.25 2.26
C CYS I 173 -37.20 35.11 1.60
N LYS I 174 -38.35 34.76 2.19
CA LYS I 174 -39.14 33.64 1.71
C LYS I 174 -39.65 33.89 0.30
N ASP I 175 -40.11 35.11 0.02
CA ASP I 175 -40.61 35.42 -1.31
C ASP I 175 -39.52 35.56 -2.36
N SER I 176 -38.25 35.58 -1.95
CA SER I 176 -37.17 35.79 -2.90
C SER I 176 -36.65 34.51 -3.53
N THR I 177 -37.08 33.34 -3.06
CA THR I 177 -36.56 32.08 -3.54
C THR I 177 -37.68 31.05 -3.56
N ARG I 178 -37.57 30.10 -4.49
CA ARG I 178 -38.47 28.95 -4.52
C ARG I 178 -38.06 27.88 -3.53
N ILE I 179 -36.83 27.94 -3.01
CA ILE I 179 -36.37 27.00 -2.00
C ILE I 179 -37.15 27.22 -0.71
N ARG I 180 -37.52 26.13 -0.05
CA ARG I 180 -38.22 26.22 1.22
C ARG I 180 -37.25 26.66 2.32
N ILE I 181 -37.55 27.78 2.95
CA ILE I 181 -36.75 28.33 4.03
C ILE I 181 -37.22 27.74 5.35
N THR I 182 -36.30 27.60 6.30
CA THR I 182 -36.63 27.19 7.65
C THR I 182 -36.32 28.32 8.63
N ASP I 183 -36.76 28.13 9.87
CA ASP I 183 -36.46 29.09 10.93
C ASP I 183 -34.99 29.06 11.36
N ASN I 184 -34.22 28.08 10.91
CA ASN I 184 -32.83 27.92 11.30
C ASN I 184 -31.87 28.66 10.37
N MET I 185 -32.40 29.48 9.47
CA MET I 185 -31.59 30.31 8.61
C MET I 185 -32.24 31.68 8.53
N PHE I 186 -31.43 32.68 8.21
CA PHE I 186 -31.91 34.03 7.93
C PHE I 186 -31.16 34.55 6.71
N CYS I 187 -31.64 35.64 6.15
CA CYS I 187 -31.01 36.17 4.95
C CYS I 187 -30.67 37.65 5.14
N ALA I 188 -29.66 38.10 4.40
CA ALA I 188 -29.16 39.46 4.51
C ALA I 188 -28.72 39.95 3.14
N GLY I 189 -28.71 41.28 2.99
CA GLY I 189 -28.37 41.91 1.73
C GLY I 189 -29.31 43.05 1.41
N TYR I 190 -28.99 43.84 0.39
CA TYR I 190 -29.81 44.99 0.04
C TYR I 190 -30.87 44.61 -1.00
N LYS I 191 -32.02 45.28 -0.93
CA LYS I 191 -32.99 45.25 -2.01
C LYS I 191 -32.51 46.18 -3.12
N PRO I 192 -32.99 45.98 -4.35
CA PRO I 192 -32.60 46.89 -5.44
C PRO I 192 -32.88 48.35 -5.16
N ASP I 193 -34.03 48.69 -4.57
CA ASP I 193 -34.32 50.11 -4.40
C ASP I 193 -33.50 50.77 -3.30
N GLU I 194 -32.71 49.99 -2.54
CA GLU I 194 -31.77 50.56 -1.59
C GLU I 194 -30.45 50.96 -2.23
N GLY I 195 -30.20 50.57 -3.48
CA GLY I 195 -29.03 51.03 -4.21
C GLY I 195 -27.71 50.37 -3.92
N LYS I 196 -27.38 50.18 -2.64
CA LYS I 196 -26.11 49.57 -2.27
C LYS I 196 -26.13 48.08 -2.62
N ARG I 197 -24.94 47.50 -2.70
CA ARG I 197 -24.75 46.13 -3.10
C ARG I 197 -23.88 45.41 -2.08
N GLY I 198 -23.72 44.11 -2.26
CA GLY I 198 -22.87 43.31 -1.39
C GLY I 198 -23.48 41.95 -1.14
N ASP I 199 -22.62 40.97 -0.92
CA ASP I 199 -23.03 39.58 -0.74
C ASP I 199 -21.79 38.77 -0.39
N ALA I 200 -22.02 37.60 0.21
CA ALA I 200 -21.02 36.55 0.23
C ALA I 200 -21.06 35.78 -1.08
N CYS I 201 -19.95 35.15 -1.42
CA CYS I 201 -19.88 34.37 -2.65
C CYS I 201 -19.13 33.08 -2.38
N GLU I 202 -18.98 32.23 -3.41
CA GLU I 202 -18.34 30.94 -3.20
C GLU I 202 -16.91 31.16 -2.73
N GLY I 203 -16.50 30.35 -1.76
CA GLY I 203 -15.28 30.57 -1.02
C GLY I 203 -15.48 31.21 0.34
N ASP I 204 -16.61 31.91 0.54
CA ASP I 204 -16.91 32.57 1.81
C ASP I 204 -17.66 31.70 2.80
N SER I 205 -18.20 30.56 2.36
CA SER I 205 -19.06 29.78 3.24
C SER I 205 -18.28 29.27 4.44
N GLY I 206 -19.00 29.09 5.54
CA GLY I 206 -18.40 28.75 6.81
C GLY I 206 -17.98 29.95 7.63
N GLY I 207 -17.75 31.10 7.00
CA GLY I 207 -17.32 32.29 7.70
C GLY I 207 -18.44 32.93 8.48
N PRO I 208 -18.08 33.89 9.33
CA PRO I 208 -19.05 34.43 10.29
C PRO I 208 -19.79 35.68 9.80
N PHE I 209 -21.03 35.79 10.27
CA PHE I 209 -21.84 37.01 10.17
C PHE I 209 -21.89 37.58 11.59
N VAL I 210 -21.28 38.75 11.79
CA VAL I 210 -21.10 39.28 13.14
C VAL I 210 -21.77 40.63 13.26
N MET I 211 -22.15 40.96 14.50
CA MET I 211 -22.75 42.23 14.83
C MET I 211 -22.09 42.79 16.08
N LYS I 212 -21.95 44.12 16.13
CA LYS I 212 -21.38 44.81 17.27
C LYS I 212 -22.52 45.28 18.17
N SER I 213 -22.49 44.87 19.43
CA SER I 213 -23.56 45.24 20.34
C SER I 213 -23.43 46.70 20.75
N PRO I 214 -24.52 47.48 20.66
CA PRO I 214 -24.47 48.85 21.18
C PRO I 214 -24.48 48.94 22.70
N PHE I 215 -24.64 47.83 23.39
CA PHE I 215 -24.79 47.81 24.84
C PHE I 215 -23.49 47.51 25.59
N ASN I 216 -22.65 46.62 25.06
CA ASN I 216 -21.37 46.32 25.69
C ASN I 216 -20.20 46.39 24.73
N ASN I 217 -20.42 46.86 23.50
CA ASN I 217 -19.37 47.04 22.51
C ASN I 217 -18.62 45.74 22.19
N ARG I 218 -19.28 44.60 22.36
CA ARG I 218 -18.70 43.33 22.00
C ARG I 218 -19.27 42.84 20.68
N TRP I 219 -18.48 42.08 19.95
CA TRP I 219 -18.91 41.48 18.70
C TRP I 219 -19.51 40.10 18.95
N TYR I 220 -20.66 39.85 18.36
CA TYR I 220 -21.35 38.57 18.45
C TYR I 220 -21.48 37.96 17.06
N GLN I 221 -21.31 36.64 16.96
CA GLN I 221 -21.58 35.93 15.72
C GLN I 221 -23.04 35.49 15.72
N MET I 222 -23.81 36.04 14.78
CA MET I 222 -25.21 35.68 14.63
C MET I 222 -25.46 34.67 13.52
N GLY I 223 -24.53 34.57 12.56
CA GLY I 223 -24.76 33.75 11.38
C GLY I 223 -23.49 33.11 10.87
N ILE I 224 -23.69 32.14 9.98
CA ILE I 224 -22.62 31.45 9.26
C ILE I 224 -22.97 31.46 7.78
N VAL I 225 -22.04 31.94 6.95
CA VAL I 225 -22.29 31.94 5.51
C VAL I 225 -22.65 30.53 5.07
N SER I 226 -23.81 30.39 4.43
CA SER I 226 -24.32 29.08 4.06
C SER I 226 -24.55 29.00 2.54
N TRP I 227 -25.58 29.66 2.00
CA TRP I 227 -25.96 29.40 0.62
C TRP I 227 -26.60 30.63 0.00
N GLY I 228 -26.86 30.51 -1.30
CA GLY I 228 -27.48 31.57 -2.06
C GLY I 228 -27.64 31.11 -3.49
N GLU I 229 -28.29 31.96 -4.28
CA GLU I 229 -28.45 31.71 -5.71
C GLU I 229 -27.65 32.80 -6.42
N GLY I 230 -26.49 32.42 -6.95
CA GLY I 230 -25.55 33.40 -7.43
C GLY I 230 -25.02 34.24 -6.28
N CYS I 231 -24.46 35.40 -6.64
CA CYS I 231 -23.91 36.33 -5.68
C CYS I 231 -24.25 37.74 -6.14
N ASP I 232 -24.82 38.55 -5.24
CA ASP I 232 -25.10 39.95 -5.50
C ASP I 232 -26.08 40.13 -6.66
N ARG I 233 -27.09 39.27 -6.73
CA ARG I 233 -28.15 39.36 -7.72
C ARG I 233 -29.30 40.22 -7.20
N ASP I 234 -29.82 41.10 -8.06
CA ASP I 234 -30.98 41.90 -7.69
C ASP I 234 -32.17 41.01 -7.34
N GLY I 235 -32.78 41.27 -6.19
CA GLY I 235 -33.93 40.50 -5.75
C GLY I 235 -33.59 39.19 -5.08
N LYS I 236 -32.32 38.84 -4.96
CA LYS I 236 -31.88 37.68 -4.21
C LYS I 236 -31.07 38.14 -3.00
N TYR I 237 -30.84 37.20 -2.09
CA TYR I 237 -30.14 37.49 -0.84
C TYR I 237 -29.26 36.31 -0.49
N GLY I 238 -28.24 36.59 0.32
CA GLY I 238 -27.46 35.51 0.91
C GLY I 238 -28.15 34.95 2.14
N PHE I 239 -28.05 33.64 2.33
CA PHE I 239 -28.65 32.96 3.46
C PHE I 239 -27.58 32.49 4.44
N TYR I 240 -27.92 32.54 5.72
CA TYR I 240 -26.95 32.34 6.79
C TYR I 240 -27.56 31.42 7.83
N THR I 241 -26.74 30.52 8.36
CA THR I 241 -27.19 29.66 9.44
C THR I 241 -27.44 30.50 10.69
N HIS I 242 -28.62 30.35 11.28
CA HIS I 242 -29.07 31.11 12.44
C HIS I 242 -28.40 30.53 13.68
N VAL I 243 -27.32 31.18 14.13
CA VAL I 243 -26.45 30.57 15.14
C VAL I 243 -27.18 30.39 16.45
N PHE I 244 -27.86 31.44 16.94
CA PHE I 244 -28.47 31.32 18.26
C PHE I 244 -29.53 30.23 18.29
N ARG I 245 -30.28 30.08 17.20
CA ARG I 245 -31.32 29.06 17.19
C ARG I 245 -30.76 27.65 17.21
N LEU I 246 -29.45 27.49 17.04
CA LEU I 246 -28.78 26.21 17.18
C LEU I 246 -27.85 26.19 18.38
N LYS I 247 -28.00 27.14 19.32
CA LYS I 247 -27.03 27.33 20.38
C LYS I 247 -27.02 26.16 21.37
N LYS I 248 -28.19 25.58 21.65
CA LYS I 248 -28.25 24.46 22.58
C LYS I 248 -27.37 23.31 22.10
N TRP I 249 -27.39 23.01 20.80
CA TRP I 249 -26.52 21.96 20.28
C TRP I 249 -25.06 22.32 20.43
N ILE I 250 -24.71 23.59 20.19
CA ILE I 250 -23.33 24.05 20.38
C ILE I 250 -22.91 23.86 21.84
N GLN I 251 -23.76 24.33 22.76
CA GLN I 251 -23.46 24.19 24.20
C GLN I 251 -23.30 22.74 24.59
N LYS I 252 -24.20 21.87 24.09
CA LYS I 252 -24.14 20.45 24.43
C LYS I 252 -22.82 19.83 24.00
N VAL I 253 -22.39 20.11 22.76
CA VAL I 253 -21.16 19.52 22.24
C VAL I 253 -19.96 19.99 23.05
N ILE I 254 -19.89 21.30 23.34
CA ILE I 254 -18.75 21.83 24.07
C ILE I 254 -18.72 21.30 25.50
N ASP I 255 -19.89 21.18 26.13
CA ASP I 255 -19.95 20.71 27.52
C ASP I 255 -19.67 19.22 27.63
N GLN I 256 -20.08 18.41 26.64
CA GLN I 256 -19.88 16.97 26.73
C GLN I 256 -18.49 16.54 26.26
N PHE I 257 -17.84 17.33 25.42
CA PHE I 257 -16.50 16.99 24.94
C PHE I 257 -15.54 18.14 25.19
N GLY J 5 12.77 -16.16 50.52
CA GLY J 5 11.47 -15.61 50.18
C GLY J 5 11.11 -14.39 51.00
N GLU J 6 11.82 -14.20 52.11
CA GLU J 6 11.56 -13.08 53.02
C GLU J 6 12.86 -12.40 53.41
N ALA J 7 13.32 -12.64 54.65
CA ALA J 7 14.60 -12.09 55.09
C ALA J 7 15.78 -12.79 54.48
N ASP J 8 15.55 -13.84 53.69
CA ASP J 8 16.64 -14.60 53.10
C ASP J 8 16.89 -14.22 51.65
N CYS J 9 16.14 -13.27 51.10
CA CYS J 9 16.27 -12.92 49.69
C CYS J 9 17.63 -12.31 49.40
N GLY J 10 18.12 -12.53 48.19
CA GLY J 10 19.28 -11.82 47.70
C GLY J 10 20.61 -12.17 48.31
N LEU J 11 20.67 -13.25 49.10
CA LEU J 11 21.94 -13.71 49.69
C LEU J 11 22.19 -15.12 49.19
N ARG J 12 23.26 -15.29 48.42
CA ARG J 12 23.48 -16.53 47.68
C ARG J 12 24.10 -17.59 48.59
N PRO J 13 23.59 -18.82 48.57
CA PRO J 13 24.16 -19.88 49.43
C PRO J 13 25.65 -20.10 49.21
N LEU J 14 26.13 -19.98 47.98
CA LEU J 14 27.53 -20.29 47.68
C LEU J 14 28.44 -19.07 47.73
N PHE J 15 27.93 -17.90 48.15
CA PHE J 15 28.80 -16.73 48.22
C PHE J 15 28.58 -15.94 49.50
N GLU J 16 27.55 -15.10 49.56
CA GLU J 16 27.33 -14.28 50.75
C GLU J 16 27.16 -15.14 51.99
N LYS J 17 26.45 -16.26 51.87
CA LYS J 17 26.23 -17.11 53.03
C LYS J 17 27.46 -17.90 53.43
N LYS J 18 28.46 -17.98 52.55
CA LYS J 18 29.73 -18.61 52.84
C LYS J 18 30.85 -17.60 53.07
N SER J 19 30.53 -16.30 53.08
CA SER J 19 31.53 -15.24 53.17
C SER J 19 32.54 -15.32 52.02
N LEU J 20 32.06 -15.73 50.85
CA LEU J 20 32.87 -15.80 49.65
C LEU J 20 32.35 -14.80 48.63
N GLU J 21 33.23 -14.30 47.79
CA GLU J 21 32.87 -13.32 46.77
C GLU J 21 33.11 -13.94 45.39
N ASP J 22 32.22 -13.63 44.45
CA ASP J 22 32.47 -14.06 43.08
C ASP J 22 33.53 -13.16 42.44
N LYS J 23 33.94 -13.53 41.23
CA LYS J 23 35.16 -12.96 40.66
C LYS J 23 34.97 -11.55 40.11
N THR J 24 33.74 -11.06 39.91
CA THR J 24 33.56 -9.73 39.32
C THR J 24 32.66 -8.80 40.13
N GLU J 25 32.22 -9.20 41.32
CA GLU J 25 31.32 -8.32 42.07
C GLU J 25 32.03 -7.10 42.61
N ARG J 26 33.36 -7.15 42.80
CA ARG J 26 34.07 -5.95 43.23
C ARG J 26 34.06 -4.87 42.15
N GLU J 27 33.90 -5.25 40.87
CA GLU J 27 33.68 -4.25 39.84
C GLU J 27 32.38 -3.48 40.10
N LEU J 28 31.37 -4.16 40.63
CA LEU J 28 30.12 -3.49 40.99
C LEU J 28 30.31 -2.55 42.18
N LEU J 29 30.95 -3.05 43.25
CA LEU J 29 31.21 -2.22 44.42
C LEU J 29 32.03 -0.99 44.06
N GLU J 30 33.03 -1.15 43.17
CA GLU J 30 33.87 -0.02 42.79
C GLU J 30 33.11 1.04 42.00
N SER J 31 32.02 0.68 41.34
CA SER J 31 31.26 1.64 40.54
C SER J 31 30.51 2.64 41.39
N TYR J 32 30.38 2.41 42.69
CA TYR J 32 29.88 3.44 43.62
C TYR J 32 30.95 4.45 44.00
N ILE J 33 31.75 4.90 43.04
CA ILE J 33 32.97 5.71 43.23
C ILE J 33 33.74 5.32 44.49
N ILE K 1 24.19 -12.75 25.79
CA ILE K 1 25.05 -11.78 26.47
C ILE K 1 26.34 -11.55 25.68
N VAL K 2 26.57 -10.31 25.28
CA VAL K 2 27.78 -9.94 24.54
C VAL K 2 28.84 -9.49 25.52
N GLU K 3 30.07 -9.95 25.32
CA GLU K 3 31.23 -9.53 26.11
C GLU K 3 31.08 -9.96 27.58
N GLY K 4 30.37 -11.06 27.81
CA GLY K 4 30.27 -11.64 29.13
C GLY K 4 31.29 -12.73 29.35
N SER K 5 31.07 -13.48 30.43
CA SER K 5 31.88 -14.64 30.74
C SER K 5 30.98 -15.70 31.35
N ASP K 6 31.50 -16.93 31.47
CA ASP K 6 30.74 -18.01 32.08
C ASP K 6 30.39 -17.67 33.52
N ALA K 7 29.12 -17.84 33.89
CA ALA K 7 28.74 -17.70 35.29
C ALA K 7 29.46 -18.74 36.14
N GLU K 8 29.86 -18.32 37.33
CA GLU K 8 30.31 -19.30 38.32
C GLU K 8 29.11 -20.10 38.82
N ILE K 9 29.38 -21.29 39.36
CA ILE K 9 28.31 -22.13 39.89
C ILE K 9 27.63 -21.39 41.04
N GLY K 10 26.31 -21.35 41.00
CA GLY K 10 25.55 -20.69 42.06
C GLY K 10 25.72 -19.19 42.11
N MET K 11 26.19 -18.58 41.01
CA MET K 11 26.45 -17.15 41.00
C MET K 11 25.18 -16.34 40.83
N SER K 12 24.19 -16.91 40.15
CA SER K 12 22.91 -16.25 39.91
C SER K 12 21.80 -17.25 40.20
N PRO K 13 21.63 -17.61 41.48
CA PRO K 13 20.70 -18.71 41.81
C PRO K 13 19.23 -18.34 41.61
N TRP K 14 18.93 -17.07 41.36
CA TRP K 14 17.59 -16.63 41.02
C TRP K 14 17.31 -16.70 39.52
N GLN K 15 18.30 -17.09 38.72
CA GLN K 15 18.09 -17.18 37.28
C GLN K 15 17.10 -18.28 36.96
N VAL K 16 16.13 -17.97 36.09
CA VAL K 16 15.12 -18.92 35.67
C VAL K 16 15.12 -18.98 34.15
N MET K 17 14.99 -20.19 33.61
CA MET K 17 14.78 -20.38 32.17
C MET K 17 13.28 -20.59 31.93
N LEU K 18 12.67 -19.68 31.18
CA LEU K 18 11.31 -19.89 30.73
C LEU K 18 11.33 -20.79 29.49
N PHE K 19 10.60 -21.89 29.55
CA PHE K 19 10.81 -23.00 28.62
C PHE K 19 9.49 -23.39 27.96
N ARG K 20 9.52 -23.54 26.64
CA ARG K 20 8.37 -24.02 25.89
C ARG K 20 8.32 -25.54 25.92
N LYS K 21 7.16 -26.11 26.25
CA LYS K 21 7.07 -27.57 26.42
C LYS K 21 7.22 -28.30 25.10
N SER K 22 6.45 -27.88 24.08
CA SER K 22 6.51 -28.54 22.78
C SER K 22 6.36 -27.53 21.65
N PRO K 23 7.36 -27.40 20.77
CA PRO K 23 8.64 -28.10 20.85
C PRO K 23 9.48 -27.58 22.01
N GLN K 24 10.42 -28.38 22.49
CA GLN K 24 11.23 -27.99 23.64
C GLN K 24 12.20 -26.88 23.23
N GLU K 25 11.98 -25.68 23.73
CA GLU K 25 12.78 -24.52 23.34
C GLU K 25 12.97 -23.59 24.53
N LEU K 26 14.15 -22.99 24.62
CA LEU K 26 14.30 -21.82 25.45
C LEU K 26 13.42 -20.71 24.92
N LEU K 27 12.63 -20.10 25.79
CA LEU K 27 11.81 -18.95 25.40
C LEU K 27 12.44 -17.64 25.86
N CYS K 28 12.71 -17.53 27.15
CA CYS K 28 13.21 -16.28 27.73
C CYS K 28 13.98 -16.59 28.99
N GLY K 29 14.67 -15.58 29.48
CA GLY K 29 15.10 -15.58 30.86
C GLY K 29 13.98 -15.13 31.76
N ALA K 30 14.22 -15.27 33.06
CA ALA K 30 13.25 -14.90 34.09
C ALA K 30 14.00 -14.94 35.40
N SER K 31 13.32 -14.56 36.48
CA SER K 31 13.97 -14.52 37.79
C SER K 31 13.01 -15.03 38.85
N LEU K 32 13.59 -15.66 39.87
CA LEU K 32 12.84 -16.17 41.01
C LEU K 32 12.81 -15.11 42.11
N ILE K 33 11.61 -14.72 42.53
CA ILE K 33 11.45 -13.72 43.58
C ILE K 33 10.80 -14.26 44.83
N SER K 34 10.31 -15.49 44.81
CA SER K 34 9.85 -16.19 46.01
C SER K 34 9.78 -17.68 45.67
N ASP K 35 9.25 -18.47 46.59
CA ASP K 35 9.16 -19.91 46.31
C ASP K 35 8.07 -20.24 45.29
N ARG K 36 7.22 -19.28 44.91
CA ARG K 36 6.16 -19.57 43.96
C ARG K 36 5.94 -18.49 42.92
N TRP K 37 6.80 -17.47 42.83
CA TRP K 37 6.59 -16.37 41.90
C TRP K 37 7.85 -16.15 41.06
N VAL K 38 7.65 -16.04 39.75
CA VAL K 38 8.73 -15.81 38.80
C VAL K 38 8.39 -14.57 37.98
N LEU K 39 9.40 -13.74 37.76
CA LEU K 39 9.23 -12.46 37.07
C LEU K 39 9.90 -12.55 35.71
N THR K 40 9.23 -12.02 34.68
CA THR K 40 9.76 -12.08 33.32
C THR K 40 9.22 -10.89 32.53
N ALA K 41 9.57 -10.82 31.24
CA ALA K 41 9.09 -9.76 30.37
C ALA K 41 7.75 -10.15 29.77
N ALA K 42 6.87 -9.15 29.60
CA ALA K 42 5.55 -9.43 29.04
C ALA K 42 5.64 -9.97 27.61
N HIS K 43 6.61 -9.50 26.83
CA HIS K 43 6.69 -9.90 25.43
C HIS K 43 7.08 -11.36 25.27
N CYS K 44 7.62 -11.99 26.33
CA CYS K 44 7.87 -13.43 26.29
C CYS K 44 6.58 -14.21 26.19
N LEU K 45 5.51 -13.69 26.79
CA LEU K 45 4.20 -14.33 26.77
C LEU K 45 3.29 -13.80 25.68
N LEU K 46 3.37 -12.51 25.38
CA LEU K 46 2.43 -11.88 24.45
C LEU K 46 3.19 -10.90 23.58
N TYR K 47 3.34 -11.23 22.29
CA TYR K 47 3.94 -10.31 21.33
C TYR K 47 3.22 -10.46 20.00
N PRO K 48 2.12 -9.72 19.80
CA PRO K 48 1.31 -9.86 18.58
C PRO K 48 2.06 -9.57 17.28
N PRO K 49 3.01 -8.63 17.25
CA PRO K 49 3.70 -8.39 15.96
C PRO K 49 4.35 -9.63 15.37
N TRP K 50 4.80 -10.57 16.22
CA TRP K 50 5.33 -11.85 15.76
C TRP K 50 4.37 -12.99 16.01
N ASP K 51 3.09 -12.69 16.26
CA ASP K 51 2.05 -13.70 16.49
C ASP K 51 2.44 -14.65 17.62
N LYS K 52 2.95 -14.08 18.71
CA LYS K 52 3.29 -14.84 19.91
C LYS K 52 2.21 -14.66 20.97
N ASN K 53 1.72 -15.77 21.50
CA ASN K 53 0.74 -15.72 22.59
C ASN K 53 0.73 -17.09 23.26
N PHE K 54 1.44 -17.18 24.38
CA PHE K 54 1.54 -18.42 25.16
C PHE K 54 0.64 -18.32 26.39
N THR K 55 0.04 -19.44 26.77
CA THR K 55 -0.72 -19.54 28.01
C THR K 55 0.02 -20.43 29.01
N GLU K 56 -0.60 -20.60 30.18
CA GLU K 56 0.05 -21.34 31.26
C GLU K 56 0.43 -22.75 30.84
N ASN K 57 -0.46 -23.44 30.12
CA ASN K 57 -0.24 -24.84 29.78
C ASN K 57 0.86 -25.04 28.75
N ASP K 58 1.30 -23.97 28.08
CA ASP K 58 2.32 -24.12 27.04
C ASP K 58 3.74 -24.13 27.60
N LEU K 59 3.94 -23.72 28.84
CA LEU K 59 5.26 -23.36 29.31
C LEU K 59 5.55 -24.00 30.67
N LEU K 60 6.83 -24.04 31.01
CA LEU K 60 7.28 -24.40 32.34
C LEU K 60 8.53 -23.57 32.63
N VAL K 61 8.96 -23.58 33.89
CA VAL K 61 10.17 -22.87 34.25
C VAL K 61 11.20 -23.88 34.73
N ARG K 62 12.47 -23.58 34.44
CA ARG K 62 13.59 -24.43 34.83
C ARG K 62 14.49 -23.60 35.73
N ILE K 63 14.62 -24.01 36.99
CA ILE K 63 15.30 -23.22 38.01
C ILE K 63 16.55 -23.95 38.47
N GLY K 64 17.61 -23.19 38.73
CA GLY K 64 18.87 -23.77 39.13
C GLY K 64 19.75 -24.24 37.99
N LYS K 65 19.53 -23.73 36.78
CA LYS K 65 20.25 -24.19 35.60
C LYS K 65 21.57 -23.46 35.44
N HIS K 66 22.49 -24.12 34.73
CA HIS K 66 23.77 -23.53 34.35
C HIS K 66 24.00 -23.79 32.87
N SER K 67 23.95 -25.06 32.47
CA SER K 67 24.03 -25.42 31.06
C SER K 67 22.82 -24.88 30.32
N ARG K 68 23.05 -24.43 29.08
CA ARG K 68 21.94 -23.95 28.26
C ARG K 68 21.06 -25.09 27.76
N THR K 69 21.68 -26.22 27.43
CA THR K 69 21.04 -27.28 26.66
C THR K 69 20.80 -28.58 27.42
N ARG K 70 21.63 -28.90 28.41
CA ARG K 70 21.53 -30.19 29.09
C ARG K 70 20.43 -30.18 30.14
N TYR K 71 19.79 -31.34 30.32
CA TYR K 71 18.99 -31.54 31.52
C TYR K 71 19.95 -31.78 32.68
N GLU K 72 19.90 -30.92 33.69
CA GLU K 72 20.88 -30.98 34.77
C GLU K 72 20.26 -31.76 35.94
N ARG K 73 20.32 -33.09 35.79
CA ARG K 73 19.70 -34.01 36.73
C ARG K 73 20.23 -33.81 38.15
N ASN K 74 19.31 -33.83 39.12
CA ASN K 74 19.59 -33.67 40.54
C ASN K 74 20.07 -32.26 40.88
N ILE K 75 19.96 -31.31 39.96
CA ILE K 75 20.35 -29.94 40.23
C ILE K 75 19.17 -29.03 39.92
N GLU K 76 18.75 -28.98 38.65
CA GLU K 76 17.68 -28.09 38.27
C GLU K 76 16.34 -28.64 38.72
N LYS K 77 15.41 -27.73 39.01
CA LYS K 77 14.05 -28.07 39.34
C LYS K 77 13.12 -27.42 38.32
N ILE K 78 12.14 -28.17 37.86
CA ILE K 78 11.18 -27.64 36.89
C ILE K 78 9.85 -27.47 37.59
N SER K 79 9.05 -26.53 37.10
CA SER K 79 7.73 -26.31 37.67
C SER K 79 6.76 -25.90 36.58
N MET K 80 5.54 -26.43 36.64
CA MET K 80 4.48 -25.98 35.77
C MET K 80 3.94 -24.63 36.26
N LEU K 81 3.21 -23.95 35.39
CA LEU K 81 2.67 -22.62 35.68
C LEU K 81 1.20 -22.72 36.05
N GLU K 82 0.83 -22.14 37.20
CA GLU K 82 -0.57 -22.04 37.56
C GLU K 82 -1.24 -20.85 36.88
N LYS K 83 -0.60 -19.69 36.86
CA LYS K 83 -1.26 -18.52 36.32
C LYS K 83 -0.23 -17.51 35.84
N ILE K 84 -0.55 -16.85 34.73
CA ILE K 84 0.26 -15.79 34.14
C ILE K 84 -0.45 -14.47 34.37
N TYR K 85 0.32 -13.44 34.78
CA TYR K 85 -0.22 -12.09 34.98
C TYR K 85 0.63 -11.11 34.18
N ILE K 86 0.06 -10.54 33.13
CA ILE K 86 0.71 -9.54 32.31
C ILE K 86 0.20 -8.17 32.73
N HIS K 87 1.12 -7.20 32.87
CA HIS K 87 0.73 -5.87 33.27
C HIS K 87 -0.37 -5.34 32.36
N PRO K 88 -1.48 -4.82 32.92
CA PRO K 88 -2.62 -4.44 32.06
C PRO K 88 -2.33 -3.29 31.12
N ARG K 89 -1.24 -2.55 31.32
CA ARG K 89 -0.90 -1.41 30.48
C ARG K 89 0.35 -1.68 29.64
N TYR K 90 0.78 -2.94 29.57
CA TYR K 90 1.83 -3.35 28.65
C TYR K 90 1.50 -2.92 27.23
N ASN K 91 2.43 -2.23 26.59
CA ASN K 91 2.22 -1.69 25.24
C ASN K 91 3.36 -2.15 24.33
N TRP K 92 3.08 -3.16 23.51
CA TRP K 92 4.02 -3.64 22.52
C TRP K 92 4.03 -2.82 21.24
N ARG K 93 3.06 -1.91 21.07
CA ARG K 93 2.85 -1.28 19.78
C ARG K 93 3.92 -0.24 19.45
N GLU K 94 4.52 0.39 20.47
CA GLU K 94 5.46 1.45 20.18
C GLU K 94 6.81 1.24 20.86
N ASN K 95 6.82 1.17 22.21
CA ASN K 95 8.07 1.24 22.94
C ASN K 95 8.21 0.19 24.04
N LEU K 96 7.35 -0.84 24.05
CA LEU K 96 7.39 -1.91 25.06
C LEU K 96 7.31 -1.33 26.47
N ASP K 97 6.52 -0.27 26.64
CA ASP K 97 6.27 0.30 27.95
C ASP K 97 5.59 -0.72 28.85
N ARG K 98 6.08 -0.83 30.09
CA ARG K 98 5.55 -1.77 31.08
C ARG K 98 5.65 -3.22 30.58
N ASP K 99 6.86 -3.58 30.13
CA ASP K 99 7.17 -4.91 29.60
C ASP K 99 7.51 -5.82 30.78
N ILE K 100 6.46 -6.30 31.46
CA ILE K 100 6.65 -7.06 32.68
C ILE K 100 5.51 -8.06 32.83
N ALA K 101 5.82 -9.22 33.39
CA ALA K 101 4.82 -10.24 33.66
C ALA K 101 5.25 -11.06 34.86
N LEU K 102 4.26 -11.53 35.61
CA LEU K 102 4.47 -12.41 36.75
C LEU K 102 3.86 -13.77 36.45
N MET K 103 4.51 -14.82 36.97
CA MET K 103 4.06 -16.18 36.76
C MET K 103 4.01 -16.88 38.11
N LYS K 104 2.84 -17.42 38.45
CA LYS K 104 2.69 -18.20 39.67
C LYS K 104 2.96 -19.66 39.37
N LEU K 105 3.83 -20.29 40.15
CA LEU K 105 4.14 -21.70 39.95
C LEU K 105 3.03 -22.58 40.49
N LYS K 106 2.82 -23.72 39.82
CA LYS K 106 1.83 -24.69 40.29
C LYS K 106 2.18 -25.19 41.68
N LYS K 107 3.45 -25.53 41.90
CA LYS K 107 3.92 -26.05 43.18
C LYS K 107 5.12 -25.24 43.61
N PRO K 108 5.18 -24.79 44.87
CA PRO K 108 6.35 -24.02 45.33
C PRO K 108 7.63 -24.83 45.20
N VAL K 109 8.71 -24.13 44.83
CA VAL K 109 10.01 -24.77 44.64
C VAL K 109 10.80 -24.70 45.95
N ALA K 110 11.54 -25.77 46.24
CA ALA K 110 12.44 -25.77 47.39
C ALA K 110 13.77 -25.14 47.02
N PHE K 111 14.29 -24.30 47.91
CA PHE K 111 15.56 -23.64 47.66
C PHE K 111 16.72 -24.61 47.88
N SER K 112 17.88 -24.25 47.35
CA SER K 112 19.07 -25.08 47.45
C SER K 112 20.29 -24.17 47.28
N ASP K 113 21.47 -24.78 47.12
CA ASP K 113 22.67 -24.02 46.81
C ASP K 113 22.57 -23.34 45.46
N TYR K 114 21.72 -23.83 44.57
CA TYR K 114 21.63 -23.33 43.20
C TYR K 114 20.30 -22.63 42.91
N ILE K 115 19.39 -22.58 43.88
CA ILE K 115 18.06 -22.03 43.71
C ILE K 115 17.77 -21.14 44.91
N HIS K 116 17.60 -19.84 44.67
CA HIS K 116 17.40 -18.91 45.76
C HIS K 116 16.86 -17.61 45.21
N PRO K 117 15.87 -17.00 45.84
CA PRO K 117 15.24 -15.80 45.26
C PRO K 117 16.08 -14.55 45.42
N VAL K 118 15.88 -13.63 44.48
CA VAL K 118 16.46 -12.30 44.52
C VAL K 118 15.47 -11.37 45.24
N CYS K 119 15.98 -10.26 45.78
CA CYS K 119 15.10 -9.28 46.40
C CYS K 119 14.55 -8.31 45.37
N LEU K 120 13.38 -7.77 45.69
CA LEU K 120 12.86 -6.63 44.93
C LEU K 120 13.10 -5.35 45.72
N PRO K 121 13.41 -4.24 45.06
CA PRO K 121 13.73 -3.01 45.80
C PRO K 121 12.49 -2.29 46.28
N ASP K 122 12.66 -1.53 47.36
CA ASP K 122 11.67 -0.56 47.78
C ASP K 122 12.14 0.83 47.37
N ARG K 123 11.40 1.86 47.80
CA ARG K 123 11.70 3.23 47.35
C ARG K 123 13.12 3.63 47.71
N GLU K 124 13.52 3.39 48.96
CA GLU K 124 14.86 3.78 49.39
C GLU K 124 15.94 3.06 48.60
N THR K 125 15.75 1.76 48.35
CA THR K 125 16.76 0.98 47.63
C THR K 125 16.90 1.47 46.18
N ALA K 126 15.78 1.77 45.53
CA ALA K 126 15.83 2.24 44.15
C ALA K 126 16.54 3.59 44.05
N ALA K 127 16.26 4.51 44.97
CA ALA K 127 16.89 5.82 44.91
C ALA K 127 18.37 5.74 45.22
N SER K 128 18.78 4.79 46.05
CA SER K 128 20.19 4.64 46.40
C SER K 128 20.99 3.96 45.30
N LEU K 129 20.41 2.95 44.64
CA LEU K 129 21.17 2.13 43.72
C LEU K 129 21.00 2.50 42.26
N LEU K 130 19.82 2.95 41.85
CA LEU K 130 19.56 3.22 40.43
C LEU K 130 20.05 4.64 40.10
N GLN K 131 21.35 4.75 39.91
CA GLN K 131 21.99 6.02 39.61
C GLN K 131 22.98 5.83 38.47
N ALA K 132 23.10 6.88 37.65
CA ALA K 132 23.96 6.82 36.47
C ALA K 132 25.40 6.54 36.86
N GLY K 133 26.05 5.61 36.16
CA GLY K 133 27.40 5.22 36.45
C GLY K 133 27.53 4.01 37.36
N TYR K 134 26.54 3.79 38.23
CA TYR K 134 26.50 2.57 39.02
C TYR K 134 26.29 1.37 38.12
N LYS K 135 27.00 0.28 38.38
CA LYS K 135 26.96 -0.90 37.53
C LYS K 135 26.03 -1.97 38.11
N GLY K 136 25.23 -2.56 37.24
CA GLY K 136 24.47 -3.75 37.54
C GLY K 136 24.96 -4.93 36.72
N ARG K 137 24.32 -6.07 36.96
CA ARG K 137 24.75 -7.33 36.37
C ARG K 137 23.58 -7.93 35.59
N VAL K 138 23.85 -8.40 34.37
CA VAL K 138 22.86 -9.03 33.52
C VAL K 138 23.33 -10.45 33.19
N THR K 139 22.39 -11.40 33.22
CA THR K 139 22.67 -12.80 33.01
C THR K 139 21.69 -13.38 31.99
N GLY K 140 22.17 -14.32 31.19
CA GLY K 140 21.29 -14.93 30.21
C GLY K 140 22.03 -15.95 29.35
N TRP K 141 21.22 -16.72 28.62
CA TRP K 141 21.70 -17.74 27.69
C TRP K 141 21.59 -17.31 26.24
N GLY K 142 21.42 -16.02 25.99
CA GLY K 142 21.17 -15.51 24.65
C GLY K 142 22.43 -15.35 23.83
N ASN K 143 22.26 -14.71 22.67
CA ASN K 143 23.33 -14.64 21.67
C ASN K 143 24.57 -13.95 22.23
N LEU K 144 25.73 -14.45 21.81
CA LEU K 144 27.03 -13.89 22.18
C LEU K 144 27.43 -12.70 21.32
N LYS K 145 26.75 -12.48 20.20
CA LYS K 145 27.01 -11.38 19.29
C LYS K 145 25.74 -11.07 18.51
N GLU K 146 25.64 -9.85 18.01
CA GLU K 146 24.53 -9.51 17.13
C GLU K 146 24.70 -10.18 15.76
N THR K 147 25.90 -10.09 15.20
CA THR K 147 26.21 -10.58 13.86
C THR K 147 27.34 -11.60 13.94
N TRP K 148 27.50 -12.36 12.86
CA TRP K 148 28.48 -13.45 12.86
C TRP K 148 29.90 -12.92 12.76
N THR K 149 30.12 -11.86 11.97
CA THR K 149 31.47 -11.33 11.79
C THR K 149 31.90 -10.42 12.94
N ALA K 150 31.03 -10.16 13.92
CA ALA K 150 31.38 -9.24 15.00
C ALA K 150 32.47 -9.80 15.92
N ASN K 151 32.54 -11.13 16.08
CA ASN K 151 33.74 -11.77 16.60
C ASN K 151 33.92 -13.12 15.94
N VAL K 152 35.00 -13.80 16.34
CA VAL K 152 35.17 -15.23 16.10
C VAL K 152 34.71 -15.96 17.36
N GLY K 153 33.81 -16.90 17.19
CA GLY K 153 33.19 -17.60 18.30
C GLY K 153 31.75 -17.92 17.99
N LYS K 154 31.20 -18.87 18.75
CA LYS K 154 29.86 -19.38 18.48
C LYS K 154 28.81 -18.30 18.69
N GLY K 155 27.62 -18.55 18.14
CA GLY K 155 26.51 -17.65 18.35
C GLY K 155 25.87 -17.79 19.71
N GLN K 156 25.83 -19.01 20.24
CA GLN K 156 25.15 -19.27 21.51
C GLN K 156 26.10 -19.93 22.50
N PRO K 157 25.95 -19.62 23.78
CA PRO K 157 26.84 -20.21 24.79
C PRO K 157 26.39 -21.60 25.20
N SER K 158 27.34 -22.37 25.69
CA SER K 158 26.98 -23.65 26.32
C SER K 158 26.48 -23.46 27.73
N VAL K 159 26.77 -22.31 28.35
CA VAL K 159 26.62 -22.11 29.78
C VAL K 159 26.13 -20.68 30.02
N LEU K 160 25.43 -20.48 31.14
CA LEU K 160 24.90 -19.18 31.50
C LEU K 160 26.00 -18.11 31.49
N GLN K 161 25.68 -16.95 30.91
CA GLN K 161 26.61 -15.85 30.74
C GLN K 161 26.27 -14.69 31.66
N VAL K 162 27.28 -13.91 32.01
CA VAL K 162 27.14 -12.82 32.96
C VAL K 162 27.99 -11.64 32.49
N VAL K 163 27.46 -10.43 32.62
CA VAL K 163 28.20 -9.21 32.31
C VAL K 163 27.74 -8.11 33.26
N ASN K 164 28.66 -7.22 33.61
CA ASN K 164 28.36 -6.04 34.41
C ASN K 164 28.34 -4.81 33.52
N LEU K 165 27.30 -3.97 33.66
CA LEU K 165 27.11 -2.80 32.81
C LEU K 165 26.64 -1.60 33.63
N PRO K 166 27.10 -0.39 33.29
CA PRO K 166 26.69 0.79 34.05
C PRO K 166 25.34 1.35 33.60
N ILE K 167 24.60 1.87 34.59
CA ILE K 167 23.37 2.59 34.31
C ILE K 167 23.71 3.91 33.62
N VAL K 168 22.85 4.34 32.70
CA VAL K 168 23.11 5.48 31.84
C VAL K 168 22.13 6.60 32.18
N GLU K 169 22.62 7.85 32.08
CA GLU K 169 21.77 9.02 32.30
C GLU K 169 20.56 8.98 31.38
N ARG K 170 19.40 9.33 31.94
CA ARG K 170 18.17 9.38 31.15
C ARG K 170 18.29 10.25 29.92
N PRO K 171 18.83 11.48 29.98
CA PRO K 171 18.96 12.25 28.73
C PRO K 171 19.80 11.55 27.67
N VAL K 172 20.80 10.77 28.08
CA VAL K 172 21.65 10.08 27.12
C VAL K 172 20.92 8.88 26.53
N CYS K 173 20.15 8.15 27.34
CA CYS K 173 19.29 7.08 26.80
C CYS K 173 18.33 7.65 25.78
N LYS K 174 17.70 8.79 26.09
CA LYS K 174 16.70 9.37 25.22
C LYS K 174 17.31 9.84 23.90
N ASP K 175 18.49 10.44 23.95
CA ASP K 175 19.15 10.93 22.75
C ASP K 175 19.74 9.80 21.91
N SER K 176 19.93 8.62 22.50
CA SER K 176 20.53 7.50 21.79
C SER K 176 19.57 6.83 20.81
N THR K 177 18.27 7.11 20.87
CA THR K 177 17.31 6.40 20.05
C THR K 177 16.20 7.35 19.60
N ARG K 178 15.62 7.05 18.45
CA ARG K 178 14.43 7.75 17.99
C ARG K 178 13.15 7.19 18.59
N ILE K 179 13.22 6.03 19.25
CA ILE K 179 12.06 5.47 19.91
C ILE K 179 11.73 6.29 21.15
N ARG K 180 10.43 6.51 21.39
CA ARG K 180 9.99 7.32 22.52
C ARG K 180 10.11 6.52 23.81
N ILE K 181 10.92 7.03 24.74
CA ILE K 181 11.23 6.34 26.00
C ILE K 181 10.23 6.77 27.06
N THR K 182 9.93 5.88 28.01
CA THR K 182 9.08 6.22 29.13
C THR K 182 9.86 6.09 30.44
N ASP K 183 9.27 6.63 31.52
CA ASP K 183 9.86 6.50 32.85
C ASP K 183 9.88 5.06 33.36
N ASN K 184 9.16 4.15 32.71
CA ASN K 184 9.07 2.77 33.16
C ASN K 184 10.18 1.89 32.58
N MET K 185 11.16 2.48 31.93
CA MET K 185 12.33 1.77 31.43
C MET K 185 13.58 2.59 31.74
N PHE K 186 14.71 1.90 31.81
CA PHE K 186 16.01 2.56 31.90
C PHE K 186 16.98 1.83 30.97
N CYS K 187 18.09 2.49 30.65
CA CYS K 187 19.05 1.87 29.76
C CYS K 187 20.41 1.76 30.46
N ALA K 188 21.22 0.82 29.96
CA ALA K 188 22.51 0.52 30.55
C ALA K 188 23.44 0.06 29.46
N GLY K 189 24.74 0.25 29.70
CA GLY K 189 25.76 -0.09 28.73
C GLY K 189 26.85 0.95 28.69
N TYR K 190 27.98 0.63 28.10
CA TYR K 190 29.06 1.61 28.00
C TYR K 190 28.86 2.52 26.80
N LYS K 191 29.33 3.75 26.93
CA LYS K 191 29.43 4.64 25.79
C LYS K 191 30.77 4.42 25.10
N PRO K 192 30.90 4.79 23.82
CA PRO K 192 32.14 4.48 23.10
C PRO K 192 33.39 5.04 23.76
N ASP K 193 33.30 6.22 24.39
CA ASP K 193 34.46 6.82 25.04
C ASP K 193 34.94 6.02 26.24
N GLU K 194 34.09 5.19 26.83
CA GLU K 194 34.49 4.38 27.96
C GLU K 194 35.25 3.12 27.56
N GLY K 195 35.31 2.81 26.27
CA GLY K 195 36.14 1.71 25.79
C GLY K 195 35.63 0.29 26.01
N LYS K 196 35.15 -0.01 27.22
CA LYS K 196 34.62 -1.33 27.49
C LYS K 196 33.31 -1.55 26.72
N ARG K 197 32.92 -2.81 26.62
CA ARG K 197 31.76 -3.21 25.82
C ARG K 197 30.87 -4.14 26.63
N GLY K 198 29.74 -4.50 26.05
CA GLY K 198 28.82 -5.45 26.66
C GLY K 198 27.38 -5.04 26.46
N ASP K 199 26.49 -6.04 26.44
CA ASP K 199 25.06 -5.83 26.20
C ASP K 199 24.34 -7.16 26.42
N ALA K 200 23.02 -7.08 26.54
CA ALA K 200 22.17 -8.24 26.37
C ALA K 200 21.80 -8.36 24.89
N CYS K 201 21.38 -9.55 24.49
CA CYS K 201 21.05 -9.78 23.10
C CYS K 201 19.87 -10.76 23.01
N GLU K 202 19.44 -11.03 21.78
CA GLU K 202 18.43 -12.04 21.47
C GLU K 202 18.55 -13.26 22.36
N GLY K 203 17.47 -13.61 23.05
CA GLY K 203 17.45 -14.75 23.94
C GLY K 203 17.67 -14.41 25.39
N ASP K 204 18.15 -13.19 25.68
CA ASP K 204 18.37 -12.74 27.05
C ASP K 204 17.16 -12.06 27.66
N SER K 205 16.16 -11.70 26.86
CA SER K 205 15.04 -10.93 27.40
C SER K 205 14.29 -11.72 28.47
N GLY K 206 13.66 -10.99 29.38
CA GLY K 206 13.04 -11.57 30.54
C GLY K 206 13.98 -11.77 31.72
N GLY K 207 15.28 -11.88 31.47
CA GLY K 207 16.27 -12.06 32.51
C GLY K 207 16.47 -10.81 33.33
N PRO K 208 17.10 -10.95 34.50
CA PRO K 208 17.18 -9.85 35.45
C PRO K 208 18.44 -9.00 35.30
N PHE K 209 18.26 -7.72 35.63
CA PHE K 209 19.35 -6.78 35.87
C PHE K 209 19.41 -6.57 37.38
N VAL K 210 20.49 -7.05 38.01
CA VAL K 210 20.58 -7.06 39.48
C VAL K 210 21.73 -6.18 39.93
N MET K 211 21.60 -5.69 41.17
CA MET K 211 22.62 -4.85 41.80
C MET K 211 22.82 -5.32 43.24
N LYS K 212 24.08 -5.36 43.66
CA LYS K 212 24.40 -5.77 45.03
C LYS K 212 24.51 -4.53 45.92
N SER K 213 23.67 -4.47 46.95
CA SER K 213 23.66 -3.32 47.84
C SER K 213 24.97 -3.25 48.62
N PRO K 214 25.65 -2.10 48.65
CA PRO K 214 26.84 -1.95 49.49
C PRO K 214 26.53 -1.78 50.96
N PHE K 215 25.25 -1.75 51.35
CA PHE K 215 24.84 -1.48 52.72
C PHE K 215 24.43 -2.73 53.48
N ASN K 216 23.76 -3.69 52.83
CA ASN K 216 23.38 -4.93 53.49
C ASN K 216 23.78 -6.17 52.70
N ASN K 217 24.51 -6.00 51.61
CA ASN K 217 25.09 -7.08 50.80
C ASN K 217 24.05 -7.92 50.10
N ARG K 218 22.79 -7.49 50.04
CA ARG K 218 21.76 -8.21 49.31
C ARG K 218 21.74 -7.79 47.86
N TRP K 219 21.36 -8.73 47.00
CA TRP K 219 21.14 -8.47 45.59
C TRP K 219 19.69 -8.10 45.36
N TYR K 220 19.47 -7.03 44.59
CA TYR K 220 18.13 -6.53 44.27
C TYR K 220 17.98 -6.50 42.75
N GLN K 221 16.84 -7.00 42.26
CA GLN K 221 16.56 -6.93 40.84
C GLN K 221 16.00 -5.56 40.51
N MET K 222 16.75 -4.76 39.74
CA MET K 222 16.29 -3.44 39.36
C MET K 222 15.66 -3.41 37.98
N GLY K 223 16.05 -4.33 37.10
CA GLY K 223 15.59 -4.28 35.72
C GLY K 223 15.21 -5.66 35.21
N ILE K 224 14.51 -5.65 34.07
CA ILE K 224 14.23 -6.83 33.27
C ILE K 224 14.70 -6.54 31.85
N VAL K 225 15.49 -7.45 31.28
CA VAL K 225 15.94 -7.31 29.90
C VAL K 225 14.72 -7.16 29.00
N SER K 226 14.62 -6.03 28.31
CA SER K 226 13.45 -5.75 27.47
C SER K 226 13.83 -5.64 26.01
N TRP K 227 14.55 -4.59 25.58
CA TRP K 227 14.72 -4.37 24.16
C TRP K 227 15.98 -3.56 23.87
N GLY K 228 16.30 -3.49 22.59
CA GLY K 228 17.41 -2.67 22.12
C GLY K 228 17.40 -2.64 20.61
N GLU K 229 18.35 -1.90 20.06
CA GLU K 229 18.56 -1.80 18.62
C GLU K 229 19.87 -2.54 18.31
N GLY K 230 19.75 -3.80 17.90
CA GLY K 230 20.93 -4.62 17.78
C GLY K 230 21.51 -4.91 19.16
N CYS K 231 22.77 -5.34 19.17
CA CYS K 231 23.45 -5.71 20.41
C CYS K 231 24.87 -5.18 20.39
N ASP K 232 25.26 -4.50 21.46
CA ASP K 232 26.63 -3.97 21.62
C ASP K 232 27.03 -3.04 20.47
N ARG K 233 26.08 -2.21 20.01
CA ARG K 233 26.40 -1.20 19.00
C ARG K 233 26.90 0.09 19.65
N ASP K 234 27.91 0.70 19.03
CA ASP K 234 28.41 1.99 19.49
C ASP K 234 27.31 3.05 19.43
N GLY K 235 27.12 3.75 20.55
CA GLY K 235 26.10 4.78 20.64
C GLY K 235 24.71 4.29 20.97
N LYS K 236 24.52 2.98 21.09
CA LYS K 236 23.23 2.41 21.49
C LYS K 236 23.37 1.77 22.86
N TYR K 237 22.22 1.47 23.47
CA TYR K 237 22.18 0.90 24.80
C TYR K 237 21.06 -0.12 24.89
N GLY K 238 21.21 -1.05 25.82
CA GLY K 238 20.13 -1.98 26.12
C GLY K 238 19.12 -1.34 27.05
N PHE K 239 17.85 -1.64 26.83
CA PHE K 239 16.77 -1.07 27.63
C PHE K 239 16.16 -2.14 28.53
N TYR K 240 15.81 -1.73 29.74
CA TYR K 240 15.38 -2.63 30.80
C TYR K 240 14.11 -2.09 31.43
N THR K 241 13.14 -2.97 31.69
CA THR K 241 11.95 -2.57 32.41
C THR K 241 12.33 -2.15 33.83
N HIS K 242 11.77 -1.02 34.26
CA HIS K 242 12.09 -0.40 35.55
C HIS K 242 11.26 -1.08 36.64
N VAL K 243 11.90 -2.00 37.37
CA VAL K 243 11.15 -2.90 38.26
C VAL K 243 10.47 -2.12 39.38
N PHE K 244 11.20 -1.22 40.04
CA PHE K 244 10.58 -0.53 41.17
C PHE K 244 9.41 0.34 40.73
N ARG K 245 9.51 0.98 39.55
CA ARG K 245 8.42 1.81 39.07
C ARG K 245 7.12 1.03 38.94
N LEU K 246 7.21 -0.30 38.77
CA LEU K 246 6.05 -1.16 38.67
C LEU K 246 5.85 -2.01 39.92
N LYS K 247 6.53 -1.65 41.02
CA LYS K 247 6.49 -2.47 42.23
C LYS K 247 5.09 -2.56 42.81
N LYS K 248 4.32 -1.46 42.72
CA LYS K 248 2.97 -1.49 43.27
C LYS K 248 2.10 -2.51 42.56
N TRP K 249 2.23 -2.60 41.23
CA TRP K 249 1.50 -3.63 40.50
C TRP K 249 1.98 -5.02 40.87
N ILE K 250 3.30 -5.21 41.02
CA ILE K 250 3.84 -6.50 41.44
C ILE K 250 3.23 -6.91 42.77
N GLN K 251 3.20 -5.98 43.73
CA GLN K 251 2.67 -6.28 45.05
C GLN K 251 1.18 -6.58 45.00
N LYS K 252 0.45 -5.93 44.09
CA LYS K 252 -0.99 -6.14 44.00
C LYS K 252 -1.31 -7.57 43.62
N VAL K 253 -0.67 -8.09 42.56
CA VAL K 253 -1.04 -9.43 42.10
C VAL K 253 -0.59 -10.47 43.10
N ILE K 254 0.52 -10.23 43.80
CA ILE K 254 1.01 -11.19 44.79
C ILE K 254 0.07 -11.25 45.98
N ASP K 255 -0.38 -10.10 46.48
CA ASP K 255 -1.25 -10.06 47.65
C ASP K 255 -2.67 -10.57 47.35
N GLN K 256 -3.09 -10.54 46.10
CA GLN K 256 -4.42 -11.07 45.76
C GLN K 256 -4.36 -12.58 45.57
N PHE K 257 -3.50 -13.05 44.68
CA PHE K 257 -3.38 -14.48 44.40
C PHE K 257 -2.20 -15.10 45.11
N ALA L 7 -26.81 -2.29 -1.62
CA ALA L 7 -26.37 -1.01 -1.06
C ALA L 7 -27.56 -0.26 -0.48
N ASP L 8 -28.42 0.23 -1.36
CA ASP L 8 -29.72 0.79 -1.00
C ASP L 8 -30.83 -0.26 -0.97
N CYS L 9 -30.45 -1.54 -0.97
CA CYS L 9 -31.39 -2.62 -1.23
C CYS L 9 -32.41 -2.79 -0.11
N GLY L 10 -33.55 -3.39 -0.47
CA GLY L 10 -34.51 -3.84 0.52
C GLY L 10 -35.27 -2.77 1.26
N LEU L 11 -35.11 -1.49 0.90
CA LEU L 11 -35.87 -0.41 1.50
C LEU L 11 -36.78 0.17 0.43
N ARG L 12 -38.09 0.01 0.61
CA ARG L 12 -39.03 0.34 -0.44
C ARG L 12 -39.29 1.84 -0.47
N PRO L 13 -39.29 2.48 -1.65
CA PRO L 13 -39.54 3.93 -1.71
C PRO L 13 -40.87 4.34 -1.12
N LEU L 14 -41.93 3.55 -1.36
CA LEU L 14 -43.28 3.93 -0.93
C LEU L 14 -43.61 3.47 0.48
N PHE L 15 -42.69 2.83 1.19
CA PHE L 15 -43.00 2.37 2.55
C PHE L 15 -41.91 2.74 3.54
N GLU L 16 -40.80 1.98 3.56
CA GLU L 16 -39.75 2.26 4.52
C GLU L 16 -39.18 3.66 4.33
N LYS L 17 -38.93 4.06 3.08
CA LYS L 17 -38.39 5.39 2.84
C LYS L 17 -39.40 6.50 3.13
N LYS L 18 -40.67 6.14 3.35
CA LYS L 18 -41.69 7.10 3.75
C LYS L 18 -42.09 6.94 5.21
N SER L 19 -41.46 6.01 5.94
CA SER L 19 -41.86 5.65 7.30
C SER L 19 -43.31 5.15 7.33
N LEU L 20 -43.68 4.38 6.32
CA LEU L 20 -45.04 3.82 6.21
C LEU L 20 -44.96 2.29 6.21
N GLU L 21 -45.88 1.66 6.93
CA GLU L 21 -45.97 0.21 6.97
C GLU L 21 -47.03 -0.28 5.98
N ASP L 22 -46.78 -1.43 5.37
CA ASP L 22 -47.83 -2.01 4.56
C ASP L 22 -48.80 -2.75 5.50
N LYS L 23 -49.87 -3.31 4.93
CA LYS L 23 -50.99 -3.75 5.75
C LYS L 23 -50.78 -5.11 6.41
N THR L 24 -49.87 -5.94 5.91
CA THR L 24 -49.61 -7.24 6.53
C THR L 24 -48.19 -7.35 7.11
N GLU L 25 -47.46 -6.24 7.16
CA GLU L 25 -46.10 -6.24 7.67
C GLU L 25 -46.03 -6.76 9.11
N ARG L 26 -46.93 -6.29 9.96
CA ARG L 26 -46.86 -6.62 11.39
C ARG L 26 -46.96 -8.11 11.61
N GLU L 27 -47.65 -8.84 10.72
CA GLU L 27 -47.75 -10.29 10.85
C GLU L 27 -46.38 -10.95 10.78
N LEU L 28 -45.51 -10.47 9.87
CA LEU L 28 -44.16 -11.00 9.82
C LEU L 28 -43.38 -10.66 11.09
N LEU L 29 -43.39 -9.38 11.49
CA LEU L 29 -42.67 -8.96 12.69
C LEU L 29 -43.15 -9.73 13.92
N GLU L 30 -44.46 -9.99 14.00
CA GLU L 30 -45.00 -10.71 15.16
C GLU L 30 -44.59 -12.18 15.17
N SER L 31 -44.25 -12.76 14.01
CA SER L 31 -43.84 -14.15 14.00
C SER L 31 -42.42 -14.35 14.54
N TYR L 32 -41.67 -13.27 14.75
CA TYR L 32 -40.35 -13.39 15.38
C TYR L 32 -40.44 -13.60 16.88
N ILE L 33 -41.57 -13.27 17.50
CA ILE L 33 -41.78 -13.50 18.92
C ILE L 33 -42.02 -14.97 19.18
N ILE M 1 -50.84 -17.64 -6.40
CA ILE M 1 -50.88 -17.46 -4.95
C ILE M 1 -52.27 -17.81 -4.44
N VAL M 2 -52.34 -18.82 -3.55
CA VAL M 2 -53.60 -19.24 -2.92
C VAL M 2 -53.73 -18.52 -1.58
N GLU M 3 -54.93 -18.03 -1.28
CA GLU M 3 -55.22 -17.39 0.00
C GLU M 3 -54.43 -16.10 0.19
N GLY M 4 -54.07 -15.44 -0.91
CA GLY M 4 -53.38 -14.16 -0.84
C GLY M 4 -54.35 -13.01 -0.96
N SER M 5 -53.77 -11.83 -1.14
CA SER M 5 -54.55 -10.63 -1.40
C SER M 5 -53.83 -9.80 -2.44
N ASP M 6 -54.54 -8.82 -2.99
CA ASP M 6 -53.94 -7.90 -3.95
C ASP M 6 -52.77 -7.18 -3.29
N ALA M 7 -51.64 -7.12 -4.00
CA ALA M 7 -50.53 -6.33 -3.51
C ALA M 7 -50.91 -4.85 -3.43
N GLU M 8 -50.37 -4.17 -2.42
CA GLU M 8 -50.41 -2.72 -2.44
C GLU M 8 -49.45 -2.19 -3.50
N ILE M 9 -49.70 -0.96 -3.95
CA ILE M 9 -48.84 -0.33 -4.95
C ILE M 9 -47.45 -0.14 -4.35
N GLY M 10 -46.43 -0.58 -5.08
CA GLY M 10 -45.07 -0.45 -4.61
C GLY M 10 -44.72 -1.33 -3.43
N MET M 11 -45.57 -2.31 -3.11
CA MET M 11 -45.34 -3.18 -1.97
C MET M 11 -44.23 -4.19 -2.25
N SER M 12 -44.02 -4.55 -3.52
CA SER M 12 -43.03 -5.56 -3.90
C SER M 12 -42.26 -5.03 -5.11
N PRO M 13 -41.49 -3.95 -4.93
CA PRO M 13 -40.87 -3.30 -6.10
C PRO M 13 -39.77 -4.11 -6.74
N TRP M 14 -39.31 -5.20 -6.09
CA TRP M 14 -38.35 -6.11 -6.67
C TRP M 14 -39.00 -7.19 -7.53
N GLN M 15 -40.32 -7.27 -7.54
CA GLN M 15 -41.01 -8.31 -8.30
C GLN M 15 -40.77 -8.12 -9.79
N VAL M 16 -40.42 -9.21 -10.47
CA VAL M 16 -40.14 -9.19 -11.89
C VAL M 16 -41.02 -10.24 -12.56
N MET M 17 -41.55 -9.92 -13.74
CA MET M 17 -42.23 -10.89 -14.57
C MET M 17 -41.29 -11.32 -15.69
N LEU M 18 -40.94 -12.60 -15.70
CA LEU M 18 -40.21 -13.18 -16.83
C LEU M 18 -41.22 -13.51 -17.92
N PHE M 19 -40.97 -13.01 -19.12
CA PHE M 19 -41.97 -12.90 -20.16
C PHE M 19 -41.44 -13.49 -21.46
N ARG M 20 -42.27 -14.28 -22.12
CA ARG M 20 -41.93 -14.83 -23.43
C ARG M 20 -42.30 -13.83 -24.51
N LYS M 21 -41.38 -13.58 -25.44
CA LYS M 21 -41.62 -12.58 -26.49
C LYS M 21 -42.70 -13.05 -27.46
N SER M 22 -42.58 -14.28 -27.96
CA SER M 22 -43.48 -14.75 -29.00
C SER M 22 -43.76 -16.24 -28.85
N PRO M 23 -45.02 -16.65 -28.59
CA PRO M 23 -46.13 -15.74 -28.33
C PRO M 23 -45.98 -15.03 -26.98
N GLN M 24 -46.66 -13.90 -26.80
CA GLN M 24 -46.50 -13.13 -25.58
C GLN M 24 -47.19 -13.85 -24.43
N GLU M 25 -46.41 -14.32 -23.46
CA GLU M 25 -46.95 -15.09 -22.35
C GLU M 25 -46.16 -14.78 -21.10
N LEU M 26 -46.84 -14.76 -19.95
CA LEU M 26 -46.12 -14.85 -18.69
C LEU M 26 -45.42 -16.20 -18.63
N LEU M 27 -44.13 -16.18 -18.30
CA LEU M 27 -43.40 -17.42 -18.09
C LEU M 27 -43.21 -17.73 -16.61
N CYS M 28 -42.70 -16.78 -15.85
CA CYS M 28 -42.34 -17.03 -14.46
C CYS M 28 -42.29 -15.71 -13.70
N GLY M 29 -42.25 -15.85 -12.38
CA GLY M 29 -41.83 -14.75 -11.54
C GLY M 29 -40.31 -14.65 -11.49
N ALA M 30 -39.83 -13.58 -10.87
CA ALA M 30 -38.41 -13.34 -10.74
C ALA M 30 -38.24 -12.16 -9.78
N SER M 31 -36.99 -11.83 -9.45
CA SER M 31 -36.73 -10.73 -8.53
C SER M 31 -35.54 -9.92 -9.02
N LEU M 32 -35.57 -8.63 -8.69
CA LEU M 32 -34.52 -7.69 -9.05
C LEU M 32 -33.55 -7.57 -7.89
N ILE M 33 -32.29 -7.90 -8.11
CA ILE M 33 -31.27 -7.81 -7.07
C ILE M 33 -30.26 -6.71 -7.33
N SER M 34 -30.24 -6.14 -8.53
CA SER M 34 -29.42 -4.98 -8.89
C SER M 34 -30.04 -4.40 -10.15
N ASP M 35 -29.45 -3.31 -10.65
CA ASP M 35 -30.07 -2.66 -11.81
C ASP M 35 -29.95 -3.48 -13.08
N ARG M 36 -29.09 -4.50 -13.13
CA ARG M 36 -29.01 -5.33 -14.33
C ARG M 36 -28.92 -6.83 -14.03
N TRP M 37 -29.31 -7.28 -12.83
CA TRP M 37 -29.29 -8.71 -12.51
C TRP M 37 -30.62 -9.13 -11.93
N VAL M 38 -31.18 -10.21 -12.48
CA VAL M 38 -32.47 -10.73 -12.06
C VAL M 38 -32.32 -12.21 -11.68
N LEU M 39 -32.96 -12.58 -10.58
CA LEU M 39 -32.87 -13.92 -10.03
C LEU M 39 -34.19 -14.66 -10.28
N THR M 40 -34.10 -15.94 -10.64
CA THR M 40 -35.28 -16.73 -10.98
C THR M 40 -34.95 -18.21 -10.77
N ALA M 41 -35.92 -19.07 -11.07
CA ALA M 41 -35.74 -20.51 -10.97
C ALA M 41 -35.20 -21.07 -12.27
N ALA M 42 -34.37 -22.11 -12.16
CA ALA M 42 -33.75 -22.69 -13.35
C ALA M 42 -34.78 -23.34 -14.26
N HIS M 43 -35.81 -23.97 -13.70
CA HIS M 43 -36.80 -24.66 -14.51
C HIS M 43 -37.60 -23.70 -15.38
N CYS M 44 -37.59 -22.41 -15.05
CA CYS M 44 -38.22 -21.43 -15.93
C CYS M 44 -37.52 -21.36 -17.27
N LEU M 45 -36.21 -21.58 -17.30
CA LEU M 45 -35.43 -21.54 -18.53
C LEU M 45 -35.17 -22.91 -19.13
N LEU M 46 -35.01 -23.94 -18.30
CA LEU M 46 -34.64 -25.27 -18.79
C LEU M 46 -35.41 -26.31 -18.00
N TYR M 47 -36.30 -27.04 -18.67
CA TYR M 47 -37.04 -28.14 -18.04
C TYR M 47 -37.30 -29.22 -19.09
N PRO M 48 -36.35 -30.14 -19.27
CA PRO M 48 -36.46 -31.16 -20.34
C PRO M 48 -37.71 -32.03 -20.26
N PRO M 49 -38.23 -32.40 -19.07
CA PRO M 49 -39.40 -33.29 -19.08
C PRO M 49 -40.61 -32.70 -19.82
N TRP M 50 -40.72 -31.38 -19.90
CA TRP M 50 -41.77 -30.74 -20.68
C TRP M 50 -41.20 -30.09 -21.94
N ASP M 51 -39.98 -30.44 -22.34
CA ASP M 51 -39.33 -29.91 -23.54
C ASP M 51 -39.22 -28.39 -23.50
N LYS M 52 -38.88 -27.85 -22.33
CA LYS M 52 -38.68 -26.42 -22.16
C LYS M 52 -37.19 -26.11 -22.18
N ASN M 53 -36.80 -25.16 -23.04
CA ASN M 53 -35.40 -24.76 -23.18
C ASN M 53 -35.38 -23.40 -23.90
N PHE M 54 -35.40 -22.33 -23.10
CA PHE M 54 -35.38 -20.96 -23.61
C PHE M 54 -33.97 -20.41 -23.60
N THR M 55 -33.62 -19.65 -24.63
CA THR M 55 -32.36 -18.94 -24.73
C THR M 55 -32.58 -17.44 -24.49
N GLU M 56 -31.48 -16.70 -24.47
CA GLU M 56 -31.52 -15.27 -24.16
C GLU M 56 -32.51 -14.52 -25.03
N ASN M 57 -32.51 -14.80 -26.33
CA ASN M 57 -33.28 -14.02 -27.29
C ASN M 57 -34.78 -14.33 -27.26
N ASP M 58 -35.20 -15.39 -26.56
CA ASP M 58 -36.61 -15.77 -26.53
C ASP M 58 -37.42 -14.96 -25.52
N LEU M 59 -36.76 -14.34 -24.55
CA LEU M 59 -37.45 -13.85 -23.37
C LEU M 59 -37.13 -12.39 -23.12
N LEU M 60 -37.95 -11.77 -22.28
CA LEU M 60 -37.66 -10.45 -21.75
C LEU M 60 -38.19 -10.38 -20.33
N VAL M 61 -37.86 -9.28 -19.67
CA VAL M 61 -38.16 -9.07 -18.26
C VAL M 61 -39.01 -7.80 -18.13
N ARG M 62 -40.09 -7.88 -17.36
CA ARG M 62 -40.98 -6.74 -17.13
C ARG M 62 -40.95 -6.40 -15.64
N ILE M 63 -40.54 -5.16 -15.33
CA ILE M 63 -40.24 -4.74 -13.97
C ILE M 63 -41.16 -3.58 -13.60
N GLY M 64 -41.58 -3.55 -12.34
CA GLY M 64 -42.49 -2.53 -11.87
C GLY M 64 -43.94 -2.81 -12.14
N LYS M 65 -44.29 -4.07 -12.42
CA LYS M 65 -45.65 -4.40 -12.82
C LYS M 65 -46.57 -4.59 -11.62
N HIS M 66 -47.86 -4.37 -11.85
CA HIS M 66 -48.89 -4.65 -10.87
C HIS M 66 -49.96 -5.51 -11.53
N SER M 67 -50.55 -4.98 -12.60
CA SER M 67 -51.48 -5.75 -13.41
C SER M 67 -50.81 -6.99 -13.99
N ARG M 68 -51.55 -8.10 -14.06
CA ARG M 68 -51.00 -9.31 -14.67
C ARG M 68 -50.93 -9.17 -16.19
N THR M 69 -51.93 -8.53 -16.79
CA THR M 69 -52.15 -8.61 -18.23
C THR M 69 -51.93 -7.29 -18.97
N ARG M 70 -52.17 -6.16 -18.33
CA ARG M 70 -52.08 -4.87 -19.00
C ARG M 70 -50.63 -4.45 -19.19
N TYR M 71 -50.36 -3.75 -20.30
CA TYR M 71 -49.09 -3.05 -20.42
C TYR M 71 -49.20 -1.75 -19.63
N GLU M 72 -48.39 -1.63 -18.57
CA GLU M 72 -48.53 -0.50 -17.65
C GLU M 72 -47.62 0.64 -18.11
N ARG M 73 -48.13 1.37 -19.11
CA ARG M 73 -47.43 2.48 -19.75
C ARG M 73 -46.96 3.51 -18.73
N ASN M 74 -45.70 3.92 -18.84
CA ASN M 74 -45.04 4.93 -18.01
C ASN M 74 -44.82 4.46 -16.57
N ILE M 75 -44.94 3.16 -16.30
CA ILE M 75 -44.71 2.62 -14.97
C ILE M 75 -43.76 1.43 -15.08
N GLU M 76 -44.15 0.41 -15.84
CA GLU M 76 -43.30 -0.76 -16.00
C GLU M 76 -42.19 -0.47 -16.99
N LYS M 77 -41.04 -1.10 -16.76
CA LYS M 77 -39.88 -1.01 -17.63
C LYS M 77 -39.51 -2.42 -18.06
N ILE M 78 -39.12 -2.58 -19.33
CA ILE M 78 -38.74 -3.89 -19.81
C ILE M 78 -37.27 -3.88 -20.21
N SER M 79 -36.71 -5.07 -20.31
CA SER M 79 -35.33 -5.22 -20.74
C SER M 79 -35.15 -6.56 -21.43
N MET M 80 -34.41 -6.56 -22.53
CA MET M 80 -34.00 -7.82 -23.11
C MET M 80 -32.89 -8.43 -22.25
N LEU M 81 -32.60 -9.70 -22.52
CA LEU M 81 -31.63 -10.45 -21.74
C LEU M 81 -30.28 -10.46 -22.43
N GLU M 82 -29.23 -10.10 -21.68
CA GLU M 82 -27.87 -10.24 -22.19
C GLU M 82 -27.40 -11.69 -22.10
N LYS M 83 -27.58 -12.32 -20.94
CA LYS M 83 -27.03 -13.65 -20.72
C LYS M 83 -27.80 -14.37 -19.62
N ILE M 84 -27.89 -15.69 -19.76
CA ILE M 84 -28.57 -16.56 -18.80
C ILE M 84 -27.52 -17.44 -18.13
N TYR M 85 -27.59 -17.53 -16.80
CA TYR M 85 -26.65 -18.35 -16.01
C TYR M 85 -27.45 -19.30 -15.14
N ILE M 86 -27.45 -20.59 -15.51
CA ILE M 86 -28.09 -21.63 -14.72
C ILE M 86 -27.04 -22.30 -13.84
N HIS M 87 -27.39 -22.60 -12.60
CA HIS M 87 -26.48 -23.31 -11.72
C HIS M 87 -26.04 -24.61 -12.38
N PRO M 88 -24.73 -24.88 -12.47
CA PRO M 88 -24.28 -26.08 -13.19
C PRO M 88 -24.72 -27.39 -12.54
N ARG M 89 -25.14 -27.35 -11.28
CA ARG M 89 -25.56 -28.56 -10.58
C ARG M 89 -27.07 -28.61 -10.38
N TYR M 90 -27.80 -27.78 -11.12
CA TYR M 90 -29.26 -27.87 -11.16
C TYR M 90 -29.68 -29.22 -11.69
N ASN M 91 -30.57 -29.89 -10.96
CA ASN M 91 -31.01 -31.25 -11.29
C ASN M 91 -32.52 -31.31 -11.31
N TRP M 92 -33.09 -31.32 -12.51
CA TRP M 92 -34.53 -31.46 -12.72
C TRP M 92 -35.00 -32.90 -12.64
N ARG M 93 -34.09 -33.88 -12.60
CA ARG M 93 -34.48 -35.26 -12.78
C ARG M 93 -35.24 -35.83 -11.59
N GLU M 94 -34.98 -35.33 -10.38
CA GLU M 94 -35.55 -35.95 -9.19
C GLU M 94 -36.24 -34.95 -8.27
N ASN M 95 -35.48 -33.96 -7.79
CA ASN M 95 -35.96 -33.12 -6.69
C ASN M 95 -35.79 -31.63 -6.94
N LEU M 96 -35.39 -31.23 -8.14
CA LEU M 96 -35.18 -29.81 -8.48
C LEU M 96 -34.17 -29.15 -7.55
N ASP M 97 -33.15 -29.92 -7.16
CA ASP M 97 -32.06 -29.36 -6.37
C ASP M 97 -31.33 -28.28 -7.18
N ARG M 98 -30.94 -27.21 -6.49
CA ARG M 98 -30.24 -26.07 -7.10
C ARG M 98 -31.09 -25.43 -8.20
N ASP M 99 -32.36 -25.20 -7.89
CA ASP M 99 -33.32 -24.61 -8.84
C ASP M 99 -33.16 -23.09 -8.82
N ILE M 100 -32.09 -22.61 -9.44
CA ILE M 100 -31.76 -21.19 -9.41
C ILE M 100 -31.09 -20.80 -10.72
N ALA M 101 -31.36 -19.58 -11.17
CA ALA M 101 -30.75 -19.06 -12.38
C ALA M 101 -30.64 -17.54 -12.27
N LEU M 102 -29.59 -17.00 -12.87
CA LEU M 102 -29.36 -15.56 -12.93
C LEU M 102 -29.50 -15.09 -14.37
N MET M 103 -30.03 -13.88 -14.54
CA MET M 103 -30.17 -13.26 -15.86
C MET M 103 -29.57 -11.86 -15.81
N LYS M 104 -28.64 -11.59 -16.71
CA LYS M 104 -28.06 -10.27 -16.84
C LYS M 104 -28.84 -9.48 -17.89
N LEU M 105 -29.30 -8.29 -17.50
CA LEU M 105 -30.13 -7.48 -18.38
C LEU M 105 -29.29 -6.77 -19.42
N LYS M 106 -29.78 -6.79 -20.66
CA LYS M 106 -29.08 -6.12 -21.75
C LYS M 106 -28.98 -4.63 -21.52
N LYS M 107 -29.96 -4.04 -20.82
CA LYS M 107 -29.94 -2.61 -20.50
C LYS M 107 -30.31 -2.46 -19.04
N PRO M 108 -29.50 -1.79 -18.22
CA PRO M 108 -29.84 -1.62 -16.80
C PRO M 108 -31.12 -0.82 -16.63
N VAL M 109 -31.91 -1.20 -15.65
CA VAL M 109 -33.19 -0.53 -15.40
C VAL M 109 -32.96 0.61 -14.41
N ALA M 110 -33.74 1.67 -14.57
CA ALA M 110 -33.72 2.78 -13.62
C ALA M 110 -34.68 2.48 -12.48
N PHE M 111 -34.26 2.81 -11.26
CA PHE M 111 -35.12 2.59 -10.11
C PHE M 111 -36.18 3.69 -10.06
N SER M 112 -37.28 3.39 -9.38
CA SER M 112 -38.38 4.34 -9.24
C SER M 112 -39.15 3.99 -7.97
N ASP M 113 -40.33 4.60 -7.80
CA ASP M 113 -41.18 4.24 -6.68
C ASP M 113 -41.69 2.80 -6.79
N TYR M 114 -41.63 2.21 -7.99
CA TYR M 114 -42.19 0.89 -8.25
C TYR M 114 -41.14 -0.13 -8.66
N ILE M 115 -39.87 0.23 -8.69
CA ILE M 115 -38.77 -0.62 -9.15
C ILE M 115 -37.61 -0.41 -8.20
N HIS M 116 -37.32 -1.42 -7.37
CA HIS M 116 -36.25 -1.27 -6.39
C HIS M 116 -35.72 -2.65 -6.03
N PRO M 117 -34.41 -2.80 -5.86
CA PRO M 117 -33.85 -4.14 -5.60
C PRO M 117 -34.07 -4.60 -4.17
N VAL M 118 -34.21 -5.92 -4.03
CA VAL M 118 -34.28 -6.60 -2.74
C VAL M 118 -32.85 -6.97 -2.33
N CYS M 119 -32.61 -7.11 -1.03
CA CYS M 119 -31.31 -7.53 -0.54
C CYS M 119 -31.16 -9.04 -0.59
N LEU M 120 -29.92 -9.50 -0.74
CA LEU M 120 -29.62 -10.91 -0.52
C LEU M 120 -28.99 -11.10 0.85
N PRO M 121 -29.26 -12.20 1.54
CA PRO M 121 -28.81 -12.34 2.93
C PRO M 121 -27.33 -12.70 3.05
N ASP M 122 -26.73 -12.27 4.16
CA ASP M 122 -25.42 -12.76 4.55
C ASP M 122 -25.58 -13.87 5.60
N ARG M 123 -24.45 -14.31 6.14
CA ARG M 123 -24.40 -15.39 7.11
C ARG M 123 -25.30 -15.12 8.32
N GLU M 124 -25.05 -14.01 9.02
CA GLU M 124 -25.83 -13.71 10.23
C GLU M 124 -27.30 -13.51 9.90
N THR M 125 -27.59 -12.81 8.80
CA THR M 125 -28.97 -12.54 8.44
C THR M 125 -29.74 -13.83 8.21
N ALA M 126 -29.16 -14.76 7.44
CA ALA M 126 -29.83 -16.04 7.19
C ALA M 126 -29.96 -16.86 8.46
N ALA M 127 -28.92 -16.86 9.30
CA ALA M 127 -29.00 -17.59 10.56
C ALA M 127 -30.09 -17.03 11.47
N SER M 128 -30.23 -15.70 11.49
CA SER M 128 -31.19 -15.11 12.43
C SER M 128 -32.64 -15.19 11.92
N LEU M 129 -32.85 -15.13 10.60
CA LEU M 129 -34.21 -15.07 10.05
C LEU M 129 -34.75 -16.41 9.60
N LEU M 130 -33.93 -17.30 9.06
CA LEU M 130 -34.43 -18.54 8.47
C LEU M 130 -34.61 -19.56 9.60
N GLN M 131 -35.70 -19.39 10.35
CA GLN M 131 -36.00 -20.26 11.48
C GLN M 131 -37.46 -20.68 11.42
N ALA M 132 -37.73 -21.87 11.93
CA ALA M 132 -39.08 -22.44 11.85
C ALA M 132 -40.07 -21.57 12.63
N GLY M 133 -41.23 -21.34 12.03
CA GLY M 133 -42.24 -20.48 12.60
C GLY M 133 -42.14 -19.02 12.18
N TYR M 134 -40.97 -18.55 11.76
CA TYR M 134 -40.87 -17.19 11.26
C TYR M 134 -41.53 -17.12 9.88
N LYS M 135 -42.24 -16.03 9.65
CA LYS M 135 -43.02 -15.87 8.42
C LYS M 135 -42.26 -15.06 7.40
N GLY M 136 -42.34 -15.50 6.13
CA GLY M 136 -41.86 -14.74 5.01
C GLY M 136 -43.01 -14.40 4.07
N ARG M 137 -42.71 -13.84 2.91
CA ARG M 137 -43.75 -13.33 2.01
C ARG M 137 -43.47 -13.81 0.60
N VAL M 138 -44.52 -14.33 -0.05
CA VAL M 138 -44.44 -14.83 -1.42
C VAL M 138 -45.37 -14.00 -2.29
N THR M 139 -44.92 -13.66 -3.49
CA THR M 139 -45.69 -12.84 -4.42
C THR M 139 -45.66 -13.48 -5.80
N GLY M 140 -46.75 -13.31 -6.54
CA GLY M 140 -46.78 -13.79 -7.90
C GLY M 140 -48.13 -13.58 -8.55
N TRP M 141 -48.16 -13.83 -9.86
CA TRP M 141 -49.35 -13.73 -10.68
C TRP M 141 -49.93 -15.10 -11.03
N GLY M 142 -49.56 -16.14 -10.31
CA GLY M 142 -49.96 -17.49 -10.63
C GLY M 142 -51.37 -17.82 -10.16
N ASN M 143 -51.68 -19.11 -10.23
CA ASN M 143 -53.05 -19.58 -10.00
C ASN M 143 -53.53 -19.27 -8.59
N LEU M 144 -54.81 -18.94 -8.48
CA LEU M 144 -55.45 -18.67 -7.19
C LEU M 144 -55.94 -19.94 -6.48
N LYS M 145 -56.04 -21.06 -7.21
CA LYS M 145 -56.40 -22.35 -6.62
C LYS M 145 -55.73 -23.45 -7.44
N GLU M 146 -55.58 -24.62 -6.81
CA GLU M 146 -55.13 -25.79 -7.55
C GLU M 146 -56.19 -26.23 -8.55
N THR M 147 -57.42 -26.42 -8.08
CA THR M 147 -58.55 -26.88 -8.89
C THR M 147 -59.66 -25.83 -8.87
N TRP M 148 -60.65 -26.03 -9.74
CA TRP M 148 -61.75 -25.07 -9.83
C TRP M 148 -62.77 -25.23 -8.72
N THR M 149 -62.98 -26.47 -8.26
CA THR M 149 -63.93 -26.73 -7.18
C THR M 149 -63.44 -26.27 -5.81
N ALA M 150 -62.22 -25.71 -5.72
CA ALA M 150 -61.65 -25.35 -4.43
C ALA M 150 -62.18 -24.04 -3.88
N ASN M 151 -62.51 -23.08 -4.73
CA ASN M 151 -63.36 -21.96 -4.31
C ASN M 151 -64.18 -21.49 -5.51
N VAL M 152 -64.88 -20.36 -5.32
CA VAL M 152 -65.75 -19.79 -6.34
C VAL M 152 -65.10 -18.67 -7.13
N GLY M 153 -63.89 -18.24 -6.77
CA GLY M 153 -63.20 -17.19 -7.48
C GLY M 153 -62.66 -17.65 -8.83
N LYS M 154 -62.00 -16.73 -9.51
CA LYS M 154 -61.39 -17.01 -10.80
C LYS M 154 -60.12 -17.83 -10.62
N GLY M 155 -59.59 -18.33 -11.74
CA GLY M 155 -58.38 -19.11 -11.69
C GLY M 155 -57.11 -18.27 -11.64
N GLN M 156 -57.12 -17.12 -12.29
CA GLN M 156 -55.93 -16.28 -12.36
C GLN M 156 -56.26 -14.86 -11.91
N PRO M 157 -55.33 -14.20 -11.22
CA PRO M 157 -55.63 -12.86 -10.70
C PRO M 157 -55.46 -11.80 -11.78
N SER M 158 -56.09 -10.66 -11.55
CA SER M 158 -55.85 -9.51 -12.41
C SER M 158 -54.62 -8.70 -11.98
N VAL M 159 -54.24 -8.76 -10.70
CA VAL M 159 -53.06 -8.03 -10.21
C VAL M 159 -52.22 -8.94 -9.33
N LEU M 160 -51.03 -8.45 -8.99
CA LEU M 160 -50.06 -9.20 -8.18
C LEU M 160 -50.66 -9.59 -6.83
N GLN M 161 -50.44 -10.83 -6.44
CA GLN M 161 -50.93 -11.39 -5.18
C GLN M 161 -49.78 -11.57 -4.20
N VAL M 162 -50.09 -11.48 -2.92
CA VAL M 162 -49.10 -11.60 -1.85
C VAL M 162 -49.71 -12.45 -0.74
N VAL M 163 -48.88 -13.32 -0.14
CA VAL M 163 -49.29 -14.12 1.00
C VAL M 163 -48.10 -14.28 1.93
N ASN M 164 -48.36 -14.27 3.24
CA ASN M 164 -47.35 -14.53 4.24
C ASN M 164 -47.49 -15.95 4.76
N LEU M 165 -46.36 -16.65 4.89
CA LEU M 165 -46.35 -18.07 5.24
C LEU M 165 -45.22 -18.39 6.19
N PRO M 166 -45.45 -19.26 7.17
CA PRO M 166 -44.37 -19.62 8.11
C PRO M 166 -43.42 -20.64 7.52
N ILE M 167 -42.13 -20.48 7.84
CA ILE M 167 -41.11 -21.47 7.54
C ILE M 167 -41.35 -22.71 8.40
N VAL M 168 -41.12 -23.89 7.83
CA VAL M 168 -41.45 -25.16 8.46
C VAL M 168 -40.17 -25.90 8.83
N GLU M 169 -40.21 -26.60 9.98
CA GLU M 169 -39.09 -27.43 10.42
C GLU M 169 -38.70 -28.44 9.34
N ARG M 170 -37.39 -28.64 9.20
CA ARG M 170 -36.89 -29.58 8.19
C ARG M 170 -37.43 -31.00 8.36
N PRO M 171 -37.50 -31.59 9.57
CA PRO M 171 -38.10 -32.93 9.67
C PRO M 171 -39.56 -32.97 9.22
N VAL M 172 -40.31 -31.89 9.43
CA VAL M 172 -41.69 -31.86 8.95
C VAL M 172 -41.72 -31.76 7.44
N CYS M 173 -40.92 -30.85 6.87
CA CYS M 173 -40.78 -30.79 5.41
C CYS M 173 -40.46 -32.16 4.83
N LYS M 174 -39.51 -32.86 5.46
CA LYS M 174 -39.05 -34.14 4.93
C LYS M 174 -40.13 -35.20 4.99
N ASP M 175 -40.91 -35.24 6.06
CA ASP M 175 -41.93 -36.28 6.24
C ASP M 175 -43.22 -35.98 5.49
N SER M 176 -43.33 -34.80 4.89
CA SER M 176 -44.52 -34.41 4.13
C SER M 176 -44.51 -34.94 2.71
N THR M 177 -43.40 -35.52 2.28
CA THR M 177 -43.20 -35.88 0.88
C THR M 177 -42.23 -37.04 0.83
N ARG M 178 -42.33 -37.85 -0.22
CA ARG M 178 -41.31 -38.86 -0.47
C ARG M 178 -40.36 -38.46 -1.57
N ILE M 179 -40.38 -37.18 -1.98
CA ILE M 179 -39.27 -36.61 -2.74
C ILE M 179 -38.07 -36.44 -1.83
N ARG M 180 -36.88 -36.73 -2.36
CA ARG M 180 -35.64 -36.50 -1.63
C ARG M 180 -35.41 -35.01 -1.48
N ILE M 181 -35.44 -34.50 -0.24
CA ILE M 181 -35.26 -33.08 0.03
C ILE M 181 -33.78 -32.82 0.32
N THR M 182 -33.25 -31.71 -0.18
CA THR M 182 -31.85 -31.37 0.06
C THR M 182 -31.74 -30.13 0.95
N ASP M 183 -30.51 -29.89 1.43
CA ASP M 183 -30.20 -28.71 2.20
C ASP M 183 -30.28 -27.42 1.39
N ASN M 184 -30.37 -27.52 0.05
CA ASN M 184 -30.48 -26.35 -0.81
C ASN M 184 -31.93 -25.94 -1.03
N MET M 185 -32.86 -26.42 -0.21
CA MET M 185 -34.25 -26.02 -0.31
C MET M 185 -34.86 -26.06 1.07
N PHE M 186 -35.86 -25.21 1.28
CA PHE M 186 -36.69 -25.23 2.49
C PHE M 186 -38.15 -25.20 2.07
N CYS M 187 -39.03 -25.51 3.00
CA CYS M 187 -40.46 -25.49 2.71
C CYS M 187 -41.18 -24.56 3.68
N ALA M 188 -42.30 -24.01 3.22
CA ALA M 188 -43.07 -23.05 3.99
C ALA M 188 -44.56 -23.33 3.79
N GLY M 189 -45.35 -22.84 4.74
CA GLY M 189 -46.79 -23.04 4.71
C GLY M 189 -47.33 -23.45 6.05
N TYR M 190 -48.64 -23.36 6.23
CA TYR M 190 -49.26 -23.70 7.51
C TYR M 190 -49.52 -25.20 7.59
N LYS M 191 -49.45 -25.73 8.81
CA LYS M 191 -49.95 -27.05 9.12
C LYS M 191 -51.47 -27.00 9.25
N PRO M 192 -52.15 -28.13 9.06
CA PRO M 192 -53.62 -28.15 9.27
C PRO M 192 -54.03 -27.64 10.65
N ASP M 193 -53.31 -28.02 11.70
CA ASP M 193 -53.63 -27.59 13.06
C ASP M 193 -53.61 -26.08 13.22
N GLU M 194 -52.89 -25.36 12.37
CA GLU M 194 -52.80 -23.92 12.48
C GLU M 194 -53.96 -23.19 11.82
N GLY M 195 -54.83 -23.91 11.10
CA GLY M 195 -56.04 -23.30 10.56
C GLY M 195 -55.91 -22.41 9.34
N LYS M 196 -54.91 -21.54 9.33
CA LYS M 196 -54.71 -20.64 8.21
C LYS M 196 -54.22 -21.43 7.00
N ARG M 197 -54.35 -20.82 5.82
CA ARG M 197 -54.03 -21.47 4.55
C ARG M 197 -53.14 -20.54 3.72
N GLY M 198 -52.74 -21.03 2.55
CA GLY M 198 -51.95 -20.22 1.63
C GLY M 198 -50.79 -21.01 1.07
N ASP M 199 -50.43 -20.69 -0.17
CA ASP M 199 -49.37 -21.40 -0.88
C ASP M 199 -49.05 -20.64 -2.16
N ALA M 200 -47.89 -20.95 -2.73
CA ALA M 200 -47.66 -20.63 -4.13
C ALA M 200 -48.28 -21.71 -5.01
N CYS M 201 -48.57 -21.35 -6.25
CA CYS M 201 -49.18 -22.29 -7.19
C CYS M 201 -48.56 -22.06 -8.56
N GLU M 202 -48.99 -22.85 -9.55
CA GLU M 202 -48.37 -22.79 -10.86
C GLU M 202 -48.51 -21.39 -11.46
N GLY M 203 -47.42 -20.90 -12.04
CA GLY M 203 -47.30 -19.54 -12.46
C GLY M 203 -46.55 -18.64 -11.49
N ASP M 204 -46.39 -19.09 -10.24
CA ASP M 204 -45.66 -18.31 -9.25
C ASP M 204 -44.18 -18.68 -9.17
N SER M 205 -43.76 -19.76 -9.80
CA SER M 205 -42.39 -20.22 -9.64
C SER M 205 -41.42 -19.18 -10.19
N GLY M 206 -40.22 -19.16 -9.62
CA GLY M 206 -39.26 -18.12 -9.89
C GLY M 206 -39.41 -16.87 -9.06
N GLY M 207 -40.60 -16.60 -8.53
CA GLY M 207 -40.82 -15.46 -7.67
C GLY M 207 -40.11 -15.58 -6.34
N PRO M 208 -40.04 -14.47 -5.60
CA PRO M 208 -39.24 -14.44 -4.37
C PRO M 208 -40.04 -14.75 -3.11
N PHE M 209 -39.35 -15.38 -2.17
CA PHE M 209 -39.77 -15.52 -0.77
C PHE M 209 -38.91 -14.55 0.04
N VAL M 210 -39.54 -13.53 0.62
CA VAL M 210 -38.79 -12.44 1.24
C VAL M 210 -39.16 -12.34 2.72
N MET M 211 -38.22 -11.84 3.51
CA MET M 211 -38.45 -11.54 4.92
C MET M 211 -37.88 -10.18 5.25
N LYS M 212 -38.52 -9.49 6.19
CA LYS M 212 -38.11 -8.16 6.63
C LYS M 212 -37.35 -8.26 7.94
N SER M 213 -36.11 -7.79 7.95
CA SER M 213 -35.26 -7.89 9.14
C SER M 213 -35.78 -6.96 10.22
N PRO M 214 -36.00 -7.44 11.44
CA PRO M 214 -36.41 -6.55 12.53
C PRO M 214 -35.29 -5.71 13.10
N PHE M 215 -34.08 -5.81 12.55
CA PHE M 215 -32.92 -5.10 13.06
C PHE M 215 -32.48 -3.93 12.20
N ASN M 216 -32.62 -4.02 10.88
CA ASN M 216 -32.33 -2.88 10.00
C ASN M 216 -33.49 -2.53 9.07
N ASN M 217 -34.65 -3.16 9.24
CA ASN M 217 -35.87 -2.85 8.50
C ASN M 217 -35.74 -3.05 7.00
N ARG M 218 -34.81 -3.90 6.56
CA ARG M 218 -34.63 -4.18 5.14
C ARG M 218 -35.26 -5.52 4.78
N TRP M 219 -35.68 -5.64 3.52
CA TRP M 219 -36.24 -6.90 3.02
C TRP M 219 -35.14 -7.72 2.36
N TYR M 220 -35.05 -8.99 2.74
CA TYR M 220 -34.07 -9.93 2.21
C TYR M 220 -34.80 -11.07 1.49
N GLN M 221 -34.30 -11.44 0.31
CA GLN M 221 -34.86 -12.58 -0.40
C GLN M 221 -34.22 -13.86 0.12
N MET M 222 -35.03 -14.74 0.71
CA MET M 222 -34.49 -15.95 1.30
C MET M 222 -34.75 -17.19 0.44
N GLY M 223 -35.72 -17.12 -0.46
CA GLY M 223 -36.07 -18.29 -1.26
C GLY M 223 -36.58 -17.90 -2.63
N ILE M 224 -36.67 -18.92 -3.48
CA ILE M 224 -37.25 -18.83 -4.81
C ILE M 224 -38.33 -19.89 -4.93
N VAL M 225 -39.54 -19.49 -5.32
CA VAL M 225 -40.63 -20.44 -5.51
C VAL M 225 -40.17 -21.51 -6.49
N SER M 226 -40.21 -22.77 -6.05
CA SER M 226 -39.67 -23.86 -6.87
C SER M 226 -40.74 -24.90 -7.18
N TRP M 227 -41.18 -25.70 -6.22
CA TRP M 227 -42.01 -26.85 -6.56
C TRP M 227 -42.95 -27.18 -5.41
N GLY M 228 -43.88 -28.08 -5.69
CA GLY M 228 -44.80 -28.57 -4.68
C GLY M 228 -45.66 -29.69 -5.24
N GLU M 229 -46.45 -30.28 -4.36
CA GLU M 229 -47.42 -31.32 -4.73
C GLU M 229 -48.81 -30.70 -4.63
N GLY M 230 -49.36 -30.30 -5.77
CA GLY M 230 -50.57 -29.51 -5.75
C GLY M 230 -50.31 -28.14 -5.13
N CYS M 231 -51.40 -27.49 -4.70
CA CYS M 231 -51.31 -26.16 -4.11
C CYS M 231 -52.26 -26.08 -2.92
N ASP M 232 -51.72 -25.69 -1.77
CA ASP M 232 -52.53 -25.47 -0.56
C ASP M 232 -53.24 -26.74 -0.12
N ARG M 233 -52.55 -27.89 -0.21
CA ARG M 233 -53.11 -29.15 0.27
C ARG M 233 -52.74 -29.36 1.74
N ASP M 234 -53.69 -29.89 2.51
CA ASP M 234 -53.45 -30.20 3.91
C ASP M 234 -52.31 -31.22 4.04
N GLY M 235 -51.32 -30.90 4.87
CA GLY M 235 -50.19 -31.79 5.09
C GLY M 235 -49.09 -31.69 4.06
N LYS M 236 -49.24 -30.84 3.05
CA LYS M 236 -48.23 -30.58 2.04
C LYS M 236 -47.74 -29.15 2.17
N TYR M 237 -46.61 -28.85 1.54
CA TYR M 237 -45.99 -27.55 1.66
C TYR M 237 -45.40 -27.14 0.32
N GLY M 238 -45.20 -25.83 0.16
CA GLY M 238 -44.45 -25.33 -0.96
C GLY M 238 -42.95 -25.36 -0.65
N PHE M 239 -42.16 -25.69 -1.66
CA PHE M 239 -40.72 -25.77 -1.50
C PHE M 239 -40.05 -24.62 -2.25
N TYR M 240 -39.00 -24.08 -1.64
CA TYR M 240 -38.33 -22.89 -2.13
C TYR M 240 -36.83 -23.13 -2.19
N THR M 241 -36.20 -22.68 -3.26
CA THR M 241 -34.74 -22.75 -3.36
C THR M 241 -34.10 -21.89 -2.28
N HIS M 242 -33.07 -22.44 -1.64
CA HIS M 242 -32.45 -21.83 -0.46
C HIS M 242 -31.40 -20.84 -0.94
N VAL M 243 -31.77 -19.55 -0.97
CA VAL M 243 -30.93 -18.53 -1.62
C VAL M 243 -29.59 -18.40 -0.92
N PHE M 244 -29.59 -18.22 0.40
CA PHE M 244 -28.33 -17.96 1.09
C PHE M 244 -27.36 -19.11 0.92
N ARG M 245 -27.86 -20.34 0.89
CA ARG M 245 -26.96 -21.47 0.74
C ARG M 245 -26.39 -21.57 -0.66
N LEU M 246 -26.91 -20.79 -1.61
CA LEU M 246 -26.36 -20.71 -2.95
C LEU M 246 -25.73 -19.35 -3.24
N LYS M 247 -25.50 -18.54 -2.20
CA LYS M 247 -25.08 -17.15 -2.41
C LYS M 247 -23.66 -17.05 -2.93
N LYS M 248 -22.81 -18.03 -2.63
CA LYS M 248 -21.44 -17.98 -3.12
C LYS M 248 -21.40 -18.14 -4.64
N TRP M 249 -22.31 -18.94 -5.20
CA TRP M 249 -22.40 -19.05 -6.65
C TRP M 249 -22.99 -17.77 -7.25
N ILE M 250 -23.97 -17.17 -6.58
CA ILE M 250 -24.53 -15.91 -7.06
C ILE M 250 -23.44 -14.83 -7.11
N GLN M 251 -22.68 -14.70 -6.01
CA GLN M 251 -21.62 -13.71 -5.99
C GLN M 251 -20.51 -14.04 -6.99
N LYS M 252 -20.27 -15.33 -7.24
CA LYS M 252 -19.31 -15.71 -8.27
C LYS M 252 -19.74 -15.19 -9.64
N VAL M 253 -21.00 -15.43 -10.01
CA VAL M 253 -21.48 -15.05 -11.33
C VAL M 253 -21.48 -13.53 -11.49
N ILE M 254 -21.95 -12.82 -10.48
CA ILE M 254 -22.06 -11.37 -10.58
C ILE M 254 -20.69 -10.71 -10.61
N ASP M 255 -19.80 -11.11 -9.70
CA ASP M 255 -18.46 -10.53 -9.63
C ASP M 255 -17.64 -10.81 -10.88
N GLN M 256 -17.96 -11.87 -11.62
CA GLN M 256 -17.22 -12.22 -12.82
C GLN M 256 -17.70 -11.45 -14.05
N PHE M 257 -19.01 -11.29 -14.22
CA PHE M 257 -19.59 -10.78 -15.46
C PHE M 257 -20.26 -9.42 -15.26
N GLY M 258 -19.60 -8.51 -14.55
CA GLY M 258 -20.12 -7.17 -14.35
C GLY M 258 -21.14 -7.04 -13.24
N GLU N 6 -33.32 14.90 -17.88
CA GLU N 6 -32.33 15.91 -18.22
C GLU N 6 -31.60 15.50 -19.51
N VAL N 7 -31.03 16.47 -20.22
CA VAL N 7 -30.44 16.26 -21.53
C VAL N 7 -28.94 16.46 -21.45
N ALA N 8 -28.18 15.45 -21.90
CA ALA N 8 -26.73 15.57 -21.88
C ALA N 8 -26.27 16.66 -22.83
N GLN N 9 -25.33 17.49 -22.36
CA GLN N 9 -24.83 18.62 -23.15
C GLN N 9 -23.48 18.27 -23.73
N PRO N 10 -23.29 18.34 -25.04
CA PRO N 10 -21.99 18.00 -25.62
C PRO N 10 -20.94 19.04 -25.28
N LYS N 11 -19.67 18.60 -25.24
CA LYS N 11 -18.54 19.48 -24.97
C LYS N 11 -18.13 20.23 -26.25
N LEU N 12 -19.11 20.91 -26.82
CA LEU N 12 -19.02 21.57 -28.11
C LEU N 12 -19.28 23.06 -27.92
N TYR N 13 -18.49 23.90 -28.58
CA TYR N 13 -18.69 25.33 -28.47
C TYR N 13 -20.05 25.73 -29.01
N GLN N 14 -20.69 26.68 -28.34
CA GLN N 14 -21.96 27.25 -28.77
C GLN N 14 -21.90 28.73 -29.13
N ARG N 15 -20.82 29.44 -28.83
CA ARG N 15 -20.83 30.90 -28.93
C ARG N 15 -19.75 31.42 -29.88
N GLY N 16 -19.34 30.61 -30.86
CA GLY N 16 -18.40 31.06 -31.86
C GLY N 16 -16.94 30.99 -31.46
N GLU N 17 -16.61 30.35 -30.32
CA GLU N 17 -15.25 30.39 -29.80
C GLU N 17 -14.25 29.67 -30.69
N GLY N 18 -14.69 28.72 -31.52
CA GLY N 18 -13.79 28.04 -32.44
C GLY N 18 -13.12 28.95 -33.44
N GLY N 19 -13.63 30.16 -33.62
CA GLY N 19 -12.98 31.12 -34.49
C GLY N 19 -11.97 32.04 -33.84
N ASN N 20 -11.80 31.96 -32.52
CA ASN N 20 -11.03 32.99 -31.81
C ASN N 20 -9.55 32.90 -32.17
N GLY N 21 -9.03 33.97 -32.76
CA GLY N 21 -7.64 34.04 -33.15
C GLY N 21 -7.23 33.13 -34.28
N MET N 22 -8.19 32.50 -34.96
CA MET N 22 -7.90 31.50 -35.97
C MET N 22 -7.25 32.16 -37.20
N GLU N 23 -6.03 31.72 -37.54
CA GLU N 23 -5.39 32.21 -38.75
C GLU N 23 -6.02 31.57 -39.98
N PRO N 24 -6.11 32.30 -41.09
CA PRO N 24 -6.66 31.69 -42.31
C PRO N 24 -5.71 30.65 -42.88
N ILE N 25 -6.29 29.58 -43.42
CA ILE N 25 -5.51 28.62 -44.20
C ILE N 25 -5.21 29.24 -45.56
N PRO N 26 -3.95 29.28 -45.99
CA PRO N 26 -3.63 29.92 -47.28
C PRO N 26 -4.41 29.31 -48.44
N GLU N 27 -4.64 30.14 -49.45
CA GLU N 27 -5.49 29.71 -50.57
C GLU N 27 -4.82 28.63 -51.41
N ASP N 28 -3.51 28.75 -51.63
CA ASP N 28 -2.80 27.70 -52.37
C ASP N 28 -2.94 26.35 -51.68
N VAL N 29 -3.01 26.34 -50.35
CA VAL N 29 -3.15 25.08 -49.61
C VAL N 29 -4.56 24.54 -49.76
N LEU N 30 -5.57 25.39 -49.58
CA LEU N 30 -6.95 24.97 -49.81
C LEU N 30 -7.15 24.46 -51.22
N ASN N 31 -6.55 25.13 -52.21
CA ASN N 31 -6.80 24.77 -53.59
C ASN N 31 -6.21 23.41 -53.94
N GLU N 32 -5.04 23.07 -53.39
CA GLU N 32 -4.50 21.74 -53.63
C GLU N 32 -5.43 20.67 -53.06
N ALA N 33 -5.91 20.88 -51.83
CA ALA N 33 -6.81 19.90 -51.21
C ALA N 33 -8.09 19.73 -52.02
N LEU N 34 -8.55 20.79 -52.69
CA LEU N 34 -9.77 20.72 -53.48
C LEU N 34 -9.56 20.01 -54.82
N ASN N 35 -8.33 19.93 -55.30
CA ASN N 35 -8.06 19.31 -56.60
C ASN N 35 -7.56 17.88 -56.43
N GLU O 6 17.01 8.90 3.76
CA GLU O 6 17.97 7.91 4.22
C GLU O 6 19.33 8.55 4.50
N VAL O 7 20.10 7.94 5.40
CA VAL O 7 21.35 8.48 5.89
C VAL O 7 22.48 7.56 5.47
N ALA O 8 23.48 8.12 4.78
CA ALA O 8 24.66 7.36 4.39
C ALA O 8 25.35 6.77 5.61
N GLN O 9 25.70 5.48 5.53
CA GLN O 9 26.32 4.77 6.62
C GLN O 9 27.80 4.59 6.34
N PRO O 10 28.70 5.09 7.19
CA PRO O 10 30.13 4.97 6.91
C PRO O 10 30.60 3.53 7.01
N LYS O 11 31.64 3.20 6.25
CA LYS O 11 32.22 1.87 6.27
C LYS O 11 33.11 1.71 7.50
N LEU O 12 32.53 1.96 8.67
CA LEU O 12 33.21 2.01 9.96
C LEU O 12 32.62 0.94 10.87
N TYR O 13 33.49 0.23 11.60
CA TYR O 13 33.00 -0.77 12.54
C TYR O 13 32.16 -0.12 13.63
N GLN O 14 31.09 -0.80 14.03
CA GLN O 14 30.20 -0.31 15.08
C GLN O 14 30.15 -1.22 16.30
N ARG O 15 30.69 -2.43 16.24
CA ARG O 15 30.48 -3.42 17.29
C ARG O 15 31.78 -3.96 17.89
N GLY O 16 32.84 -3.14 17.87
CA GLY O 16 34.09 -3.50 18.52
C GLY O 16 35.01 -4.38 17.72
N GLU O 17 34.75 -4.60 16.43
CA GLU O 17 35.52 -5.55 15.65
C GLU O 17 36.97 -5.09 15.45
N GLY O 18 37.25 -3.79 15.59
CA GLY O 18 38.61 -3.30 15.47
C GLY O 18 39.57 -3.91 16.47
N GLY O 19 39.07 -4.42 17.59
CA GLY O 19 39.91 -5.05 18.57
C GLY O 19 40.09 -6.55 18.42
N ASN O 20 39.47 -7.18 17.40
CA ASN O 20 39.48 -8.63 17.31
C ASN O 20 40.89 -9.16 17.03
N GLY O 21 41.42 -9.94 17.96
CA GLY O 21 42.75 -10.51 17.82
C GLY O 21 43.90 -9.52 17.82
N MET O 22 43.65 -8.27 18.19
CA MET O 22 44.67 -7.23 18.14
C MET O 22 45.75 -7.47 19.20
N GLU O 23 47.00 -7.55 18.75
CA GLU O 23 48.03 -7.72 19.76
C GLU O 23 48.51 -6.36 20.27
N PRO O 24 48.97 -6.29 21.52
CA PRO O 24 49.36 -4.99 22.09
C PRO O 24 50.65 -4.48 21.49
N ILE O 25 50.70 -3.18 21.26
CA ILE O 25 51.97 -2.53 20.94
C ILE O 25 52.87 -2.56 22.17
N PRO O 26 54.12 -3.02 22.07
CA PRO O 26 54.97 -3.10 23.25
C PRO O 26 55.12 -1.75 23.94
N GLU O 27 55.26 -1.82 25.27
CA GLU O 27 55.29 -0.61 26.09
C GLU O 27 56.47 0.28 25.74
N ASP O 28 57.63 -0.32 25.44
CA ASP O 28 58.80 0.48 25.10
C ASP O 28 58.60 1.24 23.78
N VAL O 29 57.87 0.65 22.83
CA VAL O 29 57.62 1.34 21.57
C VAL O 29 56.66 2.51 21.77
N LEU O 30 55.62 2.31 22.58
CA LEU O 30 54.68 3.38 22.84
C LEU O 30 55.35 4.54 23.57
N ASN O 31 56.17 4.23 24.58
CA ASN O 31 56.79 5.31 25.36
C ASN O 31 57.78 6.10 24.53
N GLU O 32 58.46 5.46 23.57
CA GLU O 32 59.36 6.19 22.70
C GLU O 32 58.59 7.15 21.80
N ALA O 33 57.41 6.75 21.34
CA ALA O 33 56.60 7.65 20.53
C ALA O 33 56.00 8.77 21.37
N LEU O 34 55.76 8.51 22.66
CA LEU O 34 55.17 9.53 23.52
C LEU O 34 56.15 10.66 23.80
N ASN O 35 57.45 10.37 23.81
CA ASN O 35 58.46 11.38 24.02
C ASN O 35 58.65 12.23 22.75
N GLU P 6 -36.23 23.21 -6.05
CA GLU P 6 -34.80 23.38 -6.26
C GLU P 6 -34.01 23.02 -5.00
N VAL P 7 -32.69 22.88 -5.16
CA VAL P 7 -31.79 22.53 -4.07
C VAL P 7 -30.89 23.71 -3.79
N ALA P 8 -30.78 24.09 -2.51
CA ALA P 8 -29.91 25.19 -2.12
C ALA P 8 -28.45 24.83 -2.40
N GLN P 9 -27.73 25.77 -3.01
CA GLN P 9 -26.34 25.57 -3.38
C GLN P 9 -25.42 26.24 -2.38
N PRO P 10 -24.51 25.50 -1.74
CA PRO P 10 -23.60 26.15 -0.78
C PRO P 10 -22.62 27.07 -1.48
N LYS P 11 -22.27 28.15 -0.79
CA LYS P 11 -21.27 29.08 -1.31
C LYS P 11 -19.87 28.48 -1.16
N LEU P 12 -19.69 27.32 -1.76
CA LEU P 12 -18.50 26.50 -1.64
C LEU P 12 -17.90 26.32 -3.03
N TYR P 13 -16.58 26.42 -3.12
CA TYR P 13 -15.92 26.21 -4.41
C TYR P 13 -16.15 24.78 -4.90
N GLN P 14 -16.36 24.63 -6.20
CA GLN P 14 -16.57 23.33 -6.81
C GLN P 14 -15.52 22.96 -7.83
N ARG P 15 -14.61 23.87 -8.19
CA ARG P 15 -13.75 23.66 -9.34
C ARG P 15 -12.28 23.85 -8.98
N GLY P 16 -11.93 23.64 -7.72
CA GLY P 16 -10.53 23.69 -7.29
C GLY P 16 -9.97 25.09 -7.07
N GLU P 17 -10.82 26.11 -6.97
CA GLU P 17 -10.35 27.49 -6.83
C GLU P 17 -9.61 27.74 -5.52
N GLY P 18 -9.84 26.91 -4.50
CA GLY P 18 -9.17 27.09 -3.22
C GLY P 18 -7.67 26.87 -3.26
N GLY P 19 -7.17 26.22 -4.30
CA GLY P 19 -5.74 26.09 -4.48
C GLY P 19 -5.07 27.20 -5.26
N ASN P 20 -5.84 28.15 -5.80
CA ASN P 20 -5.27 29.12 -6.74
C ASN P 20 -4.27 30.04 -6.03
N GLY P 21 -3.02 29.98 -6.47
CA GLY P 21 -1.96 30.80 -5.92
C GLY P 21 -1.56 30.47 -4.50
N MET P 22 -2.07 29.37 -3.95
CA MET P 22 -1.86 29.06 -2.56
C MET P 22 -0.40 28.67 -2.30
N GLU P 23 0.25 29.34 -1.32
CA GLU P 23 1.62 28.96 -1.05
C GLU P 23 1.67 27.84 -0.01
N PRO P 24 2.66 26.95 -0.11
CA PRO P 24 2.72 25.83 0.85
C PRO P 24 3.10 26.30 2.24
N ILE P 25 2.50 25.65 3.23
CA ILE P 25 2.89 25.86 4.64
C ILE P 25 4.21 25.16 4.88
N PRO P 26 5.22 25.83 5.47
CA PRO P 26 6.53 25.21 5.62
C PRO P 26 6.46 23.92 6.43
N GLU P 27 7.33 22.97 6.06
CA GLU P 27 7.34 21.66 6.73
C GLU P 27 7.64 21.81 8.21
N ASP P 28 8.51 22.74 8.57
CA ASP P 28 8.80 22.99 9.98
C ASP P 28 7.53 23.34 10.75
N VAL P 29 6.66 24.16 10.15
CA VAL P 29 5.45 24.60 10.84
C VAL P 29 4.42 23.48 10.89
N LEU P 30 4.26 22.73 9.80
CA LEU P 30 3.34 21.60 9.79
C LEU P 30 3.77 20.55 10.81
N ASN P 31 5.07 20.26 10.87
CA ASN P 31 5.56 19.21 11.76
C ASN P 31 5.47 19.63 13.22
N GLU P 32 5.62 20.91 13.51
CA GLU P 32 5.49 21.37 14.90
C GLU P 32 4.04 21.26 15.37
N ALA P 33 3.08 21.46 14.48
CA ALA P 33 1.67 21.30 14.83
C ALA P 33 1.28 19.84 15.04
N LEU P 34 2.02 18.91 14.44
CA LEU P 34 1.72 17.49 14.58
C LEU P 34 2.26 16.93 15.91
N GLU Q 6 9.08 4.47 14.81
CA GLU Q 6 9.91 3.29 15.02
C GLU Q 6 9.42 2.49 16.22
N VAL Q 7 9.54 1.16 16.13
CA VAL Q 7 8.98 0.25 17.11
C VAL Q 7 10.13 -0.45 17.84
N ALA Q 8 10.09 -0.41 19.16
CA ALA Q 8 11.10 -1.10 19.96
C ALA Q 8 11.03 -2.60 19.70
N GLN Q 9 12.20 -3.21 19.48
CA GLN Q 9 12.28 -4.62 19.14
C GLN Q 9 12.76 -5.41 20.36
N PRO Q 10 11.97 -6.36 20.86
CA PRO Q 10 12.37 -7.11 22.06
C PRO Q 10 13.57 -8.02 21.78
N LYS Q 11 14.35 -8.28 22.82
CA LYS Q 11 15.53 -9.13 22.71
C LYS Q 11 15.13 -10.60 22.79
N LEU Q 12 14.23 -10.95 21.88
CA LEU Q 12 13.56 -12.25 21.83
C LEU Q 12 13.88 -12.90 20.49
N TYR Q 13 14.22 -14.18 20.53
CA TYR Q 13 14.49 -14.91 19.28
C TYR Q 13 13.26 -14.93 18.39
N GLN Q 14 13.48 -14.82 17.09
CA GLN Q 14 12.41 -14.86 16.11
C GLN Q 14 12.53 -16.03 15.13
N ARG Q 15 13.69 -16.73 15.10
CA ARG Q 15 13.96 -17.71 14.05
C ARG Q 15 14.21 -19.11 14.63
N GLY Q 16 13.62 -19.41 15.78
CA GLY Q 16 13.68 -20.76 16.33
C GLY Q 16 14.95 -21.10 17.07
N GLU Q 17 15.81 -20.11 17.35
CA GLU Q 17 17.10 -20.40 17.97
C GLU Q 17 16.97 -21.00 19.36
N GLY Q 18 15.83 -20.82 20.03
CA GLY Q 18 15.65 -21.41 21.35
C GLY Q 18 15.72 -22.93 21.37
N GLY Q 19 15.53 -23.57 20.23
CA GLY Q 19 15.62 -25.02 20.16
C GLY Q 19 16.99 -25.58 19.87
N ASN Q 20 17.96 -24.73 19.52
CA ASN Q 20 19.26 -25.19 19.04
C ASN Q 20 19.97 -26.04 20.09
N GLY Q 21 20.17 -27.32 19.79
CA GLY Q 21 20.89 -28.22 20.68
C GLY Q 21 20.17 -28.58 21.95
N MET Q 22 18.90 -28.21 22.09
CA MET Q 22 18.17 -28.38 23.35
C MET Q 22 17.88 -29.87 23.59
N GLU Q 23 18.34 -30.39 24.74
CA GLU Q 23 18.06 -31.78 25.10
C GLU Q 23 16.65 -31.89 25.68
N PRO Q 24 15.94 -32.98 25.38
CA PRO Q 24 14.61 -33.16 25.98
C PRO Q 24 14.68 -33.38 27.48
N ILE Q 25 13.74 -32.78 28.19
CA ILE Q 25 13.55 -33.07 29.63
C ILE Q 25 13.00 -34.50 29.75
N PRO Q 26 13.56 -35.33 30.63
CA PRO Q 26 13.12 -36.72 30.72
C PRO Q 26 11.64 -36.84 31.07
N GLU Q 27 11.03 -37.92 30.59
CA GLU Q 27 9.60 -38.12 30.76
C GLU Q 27 9.23 -38.25 32.24
N ASP Q 28 10.04 -38.96 33.03
CA ASP Q 28 9.74 -39.10 34.45
C ASP Q 28 9.75 -37.75 35.15
N VAL Q 29 10.64 -36.84 34.73
CA VAL Q 29 10.72 -35.53 35.38
C VAL Q 29 9.51 -34.69 35.03
N LEU Q 30 9.10 -34.69 33.76
CA LEU Q 30 7.90 -33.95 33.35
C LEU Q 30 6.67 -34.47 34.10
N ASN Q 31 6.54 -35.79 34.24
CA ASN Q 31 5.35 -36.35 34.86
C ASN Q 31 5.29 -36.03 36.35
N GLU Q 32 6.44 -36.00 37.02
CA GLU Q 32 6.46 -35.60 38.43
C GLU Q 32 5.96 -34.18 38.61
N ALA Q 33 6.30 -33.29 37.67
CA ALA Q 33 5.87 -31.91 37.77
C ALA Q 33 4.40 -31.73 37.43
N LEU Q 34 3.81 -32.67 36.71
CA LEU Q 34 2.39 -32.58 36.38
C LEU Q 34 1.51 -33.14 37.48
N ASN Q 35 2.01 -34.10 38.25
CA ASN Q 35 1.18 -34.82 39.21
C ASN Q 35 1.16 -34.13 40.56
N GLU R 6 -40.83 -40.81 -7.49
CA GLU R 6 -41.61 -39.64 -7.88
C GLU R 6 -40.70 -38.45 -8.17
N VAL R 7 -41.17 -37.52 -8.99
CA VAL R 7 -40.36 -36.40 -9.46
C VAL R 7 -41.04 -35.10 -9.04
N ALA R 8 -40.26 -34.23 -8.40
CA ALA R 8 -40.77 -32.92 -7.99
C ALA R 8 -41.28 -32.14 -9.20
N GLN R 9 -42.47 -31.55 -9.05
CA GLN R 9 -43.15 -30.85 -10.13
C GLN R 9 -42.97 -29.35 -9.93
N PRO R 10 -42.38 -28.62 -10.88
CA PRO R 10 -42.22 -27.18 -10.70
C PRO R 10 -43.56 -26.46 -10.74
N LYS R 11 -43.65 -25.35 -10.02
CA LYS R 11 -44.88 -24.54 -10.01
C LYS R 11 -44.94 -23.68 -11.26
N LEU R 12 -44.88 -24.37 -12.41
CA LEU R 12 -44.78 -23.80 -13.73
C LEU R 12 -45.97 -24.22 -14.56
N TYR R 13 -46.56 -23.28 -15.30
CA TYR R 13 -47.67 -23.63 -16.19
C TYR R 13 -47.22 -24.62 -17.24
N GLN R 14 -48.13 -25.52 -17.62
CA GLN R 14 -47.85 -26.52 -18.63
C GLN R 14 -48.84 -26.50 -19.78
N ARG R 15 -49.94 -25.74 -19.68
CA ARG R 15 -51.03 -25.81 -20.64
C ARG R 15 -51.33 -24.45 -21.28
N GLY R 16 -50.33 -23.58 -21.36
CA GLY R 16 -50.48 -22.31 -22.07
C GLY R 16 -51.18 -21.21 -21.30
N GLU R 17 -51.36 -21.37 -19.98
CA GLU R 17 -52.10 -20.40 -19.19
C GLU R 17 -51.39 -19.05 -19.11
N GLY R 18 -50.08 -19.01 -19.36
CA GLY R 18 -49.35 -17.76 -19.32
C GLY R 18 -49.84 -16.72 -20.31
N GLY R 19 -50.49 -17.15 -21.39
CA GLY R 19 -51.02 -16.23 -22.38
C GLY R 19 -52.43 -15.75 -22.14
N ASN R 20 -53.11 -16.27 -21.12
CA ASN R 20 -54.52 -15.96 -20.90
C ASN R 20 -54.76 -14.46 -20.68
N GLY R 21 -55.46 -13.83 -21.63
CA GLY R 21 -55.79 -12.42 -21.52
C GLY R 21 -54.62 -11.47 -21.60
N MET R 22 -53.44 -11.95 -21.98
CA MET R 22 -52.25 -11.11 -21.97
C MET R 22 -52.32 -10.06 -23.09
N GLU R 23 -52.14 -8.80 -22.73
CA GLU R 23 -52.15 -7.79 -23.77
C GLU R 23 -50.76 -7.61 -24.36
N PRO R 24 -50.66 -7.31 -25.65
CA PRO R 24 -49.34 -7.19 -26.28
C PRO R 24 -48.61 -5.96 -25.77
N ILE R 25 -47.29 -6.10 -25.66
CA ILE R 25 -46.44 -4.92 -25.44
C ILE R 25 -46.36 -4.12 -26.73
N PRO R 26 -46.56 -2.81 -26.70
CA PRO R 26 -46.53 -2.03 -27.96
C PRO R 26 -45.19 -2.16 -28.65
N GLU R 27 -45.24 -2.13 -29.98
CA GLU R 27 -44.04 -2.39 -30.78
C GLU R 27 -42.98 -1.33 -30.55
N ASP R 28 -43.38 -0.07 -30.37
CA ASP R 28 -42.39 0.97 -30.09
C ASP R 28 -41.66 0.71 -28.78
N VAL R 29 -42.33 0.10 -27.81
CA VAL R 29 -41.68 -0.25 -26.55
C VAL R 29 -40.70 -1.41 -26.76
N LEU R 30 -41.11 -2.42 -27.51
CA LEU R 30 -40.23 -3.53 -27.83
C LEU R 30 -39.01 -3.08 -28.64
N ASN R 31 -39.24 -2.24 -29.66
CA ASN R 31 -38.13 -1.83 -30.51
C ASN R 31 -37.12 -0.98 -29.76
N GLU R 32 -37.59 -0.12 -28.86
CA GLU R 32 -36.68 0.64 -28.02
C GLU R 32 -35.86 -0.28 -27.12
N ALA R 33 -36.49 -1.32 -26.56
CA ALA R 33 -35.74 -2.29 -25.77
C ALA R 33 -34.72 -3.04 -26.62
N LEU R 34 -35.04 -3.29 -27.89
CA LEU R 34 -34.16 -4.12 -28.72
C LEU R 34 -32.87 -3.40 -29.07
N ASN R 35 -32.90 -2.08 -29.23
CA ASN R 35 -31.66 -1.36 -29.50
C ASN R 35 -31.00 -0.96 -28.18
C1 NAG S . 18.32 -5.95 -21.08
C2 NAG S . 17.70 -4.66 -21.64
C3 NAG S . 17.53 -4.75 -23.15
C4 NAG S . 18.85 -5.12 -23.81
C5 NAG S . 19.38 -6.42 -23.21
C6 NAG S . 20.74 -6.81 -23.75
C7 NAG S . 16.20 -3.34 -20.20
C8 NAG S . 14.83 -3.23 -19.62
N2 NAG S . 16.42 -4.39 -21.00
O3 NAG S . 17.06 -3.50 -23.65
O4 NAG S . 18.67 -5.29 -25.22
O5 NAG S . 19.53 -6.25 -21.78
O6 NAG S . 21.63 -7.15 -22.69
O7 NAG S . 17.08 -2.52 -19.95
NA NA T . 7.51 -17.88 9.68
C1 NAG U . -29.07 17.74 -42.64
C2 NAG U . -30.48 17.14 -42.45
C3 NAG U . -30.87 16.28 -43.66
C4 NAG U . -30.74 17.08 -44.94
C5 NAG U . -29.31 17.61 -45.06
C6 NAG U . -29.11 18.48 -46.28
C7 NAG U . -31.34 16.69 -40.19
C8 NAG U . -31.32 15.76 -39.02
N2 NAG U . -30.57 16.36 -41.23
O3 NAG U . -32.20 15.81 -43.51
O4 NAG U . -31.05 16.27 -46.06
O5 NAG U . -29.00 18.42 -43.92
O6 NAG U . -28.12 19.47 -46.06
O7 NAG U . -32.03 17.71 -40.20
NA NA V . -14.82 16.28 -11.55
C1 NAG W . 34.52 16.35 20.97
C2 NAG W . 33.49 17.50 20.97
C3 NAG W . 34.13 18.80 21.46
C4 NAG W . 34.80 18.59 22.81
C5 NAG W . 35.80 17.47 22.72
C6 NAG W . 36.46 17.13 24.04
C7 NAG W . 31.63 17.42 19.37
C8 NAG W . 31.20 17.68 17.97
N2 NAG W . 32.91 17.68 19.66
O3 NAG W . 33.13 19.81 21.55
O4 NAG W . 35.45 19.79 23.23
O5 NAG W . 35.15 16.27 22.27
O6 NAG W . 37.16 15.90 23.98
O7 NAG W . 30.86 16.98 20.22
NA NA X . 27.96 -3.75 -6.13
C1 NAG Y . -17.86 9.55 4.46
C2 NAG Y . -16.79 9.13 5.46
C3 NAG Y . -17.16 7.77 6.06
C4 NAG Y . -18.58 7.80 6.61
C5 NAG Y . -19.57 8.39 5.59
C6 NAG Y . -20.95 8.62 6.15
C7 NAG Y . -14.33 8.97 5.51
C8 NAG Y . -13.08 8.96 4.69
N2 NAG Y . -15.47 9.09 4.83
O3 NAG Y . -16.24 7.43 7.09
O4 NAG Y . -19.00 6.48 6.94
O5 NAG Y . -19.10 9.67 5.12
O6 NAG Y . -21.48 9.86 5.68
O7 NAG Y . -14.31 8.84 6.73
NA NA Z . -29.04 40.78 -3.90
C1 NAG AA . -4.14 -15.71 23.50
C2 NAG AA . -5.23 -14.68 23.19
C3 NAG AA . -6.52 -14.99 23.95
C4 NAG AA . -6.94 -16.44 23.70
C5 NAG AA . -5.80 -17.37 24.08
C6 NAG AA . -6.10 -18.83 23.81
C7 NAG AA . -4.51 -12.41 22.56
C8 NAG AA . -4.07 -11.07 23.08
N2 NAG AA . -4.78 -13.33 23.49
O3 NAG AA . -7.55 -14.10 23.53
O4 NAG AA . -8.09 -16.74 24.48
O5 NAG AA . -4.65 -17.04 23.29
O6 NAG AA . -7.46 -19.13 24.09
O7 NAG AA . -4.62 -12.64 21.36
NA NA BA . 26.44 0.18 22.91
C1 NAG CA . -30.95 -25.99 -25.02
C2 NAG CA . -30.15 -27.29 -25.15
C3 NAG CA . -28.68 -27.00 -25.42
C4 NAG CA . -28.52 -26.06 -26.61
C5 NAG CA . -29.35 -24.80 -26.38
C6 NAG CA . -29.32 -23.85 -27.56
C7 NAG CA . -30.98 -29.25 -23.92
C8 NAG CA . -31.03 -29.96 -22.60
N2 NAG CA . -30.29 -28.11 -23.95
O3 NAG CA . -27.99 -28.22 -25.67
O4 NAG CA . -27.15 -25.71 -26.79
O5 NAG CA . -30.72 -25.16 -26.18
O6 NAG CA . -30.61 -23.62 -28.09
O7 NAG CA . -31.56 -29.69 -24.91
NA NA DA . -50.53 -27.11 2.78
#